data_6CH7
#
_entry.id   6CH7
#
_cell.length_a   238.944
_cell.length_b   238.944
_cell.length_c   354.014
_cell.angle_alpha   90.00
_cell.angle_beta   90.00
_cell.angle_gamma   120.00
#
_symmetry.space_group_name_H-M   'H 3 2'
#
loop_
_entity.id
_entity.type
_entity.pdbx_description
1 polymer 'Envelope glycoprotein gp41'
2 polymer '35O22 Heavy Chain'
3 polymer '35O22 Light Chain'
4 polymer 'Envelope glycoprotein gp120'
5 polymer 'BG18 Heavy Chain'
6 polymer 'BG18 Light Chain'
7 branched alpha-D-mannopyranose-(1-6)-beta-D-mannopyranose-(1-4)-2-acetamido-2-deoxy-beta-D-glucopyranose-(1-4)-[alpha-L-fucopyranose-(1-6)]2-acetamido-2-deoxy-beta-D-glucopyranose
8 branched beta-D-galactopyranose-(1-4)-2-acetamido-2-deoxy-beta-D-glucopyranose-(1-2)-alpha-D-mannopyranose-(1-6)-[alpha-D-mannopyranose-(1-3)]beta-D-mannopyranose-(1-4)-2-acetamido-2-deoxy-beta-D-glucopyranose-(1-4)-[alpha-L-fucopyranose-(1-6)]2-acetamido-2-deoxy-beta-D-glucopyranose
9 branched 2-acetamido-2-deoxy-beta-D-glucopyranose-(1-2)-alpha-D-mannopyranose-(1-3)-[alpha-D-mannopyranose-(1-6)-alpha-D-mannopyranose-(1-6)]beta-D-mannopyranose-(1-4)-2-acetamido-2-deoxy-beta-D-glucopyranose-(1-4)-[alpha-L-fucopyranose-(1-6)]2-acetamido-2-deoxy-beta-D-glucopyranose
10 branched beta-D-mannopyranose-(1-4)-2-acetamido-2-deoxy-beta-D-glucopyranose-(1-4)-2-acetamido-2-deoxy-beta-D-glucopyranose
11 branched alpha-D-mannopyranose-(1-6)-beta-D-mannopyranose-(1-4)-2-acetamido-2-deoxy-beta-D-glucopyranose-(1-4)-2-acetamido-2-deoxy-beta-D-glucopyranose
12 branched alpha-D-mannopyranose-(1-3)-alpha-D-mannopyranose-(1-3)-[alpha-D-mannopyranose-(1-6)-alpha-D-mannopyranose-(1-6)]beta-D-mannopyranose-(1-4)-2-acetamido-2-deoxy-beta-D-glucopyranose-(1-4)-2-acetamido-2-deoxy-beta-D-glucopyranose
13 branched alpha-D-mannopyranose-(1-6)-alpha-D-mannopyranose-(1-6)-[alpha-D-mannopyranose-(1-3)]beta-D-mannopyranose-(1-4)-2-acetamido-2-deoxy-beta-D-glucopyranose-(1-4)-2-acetamido-2-deoxy-beta-D-glucopyranose
14 branched 2-acetamido-2-deoxy-beta-D-glucopyranose-(1-4)-2-acetamido-2-deoxy-beta-D-glucopyranose
15 branched alpha-D-mannopyranose-(1-3)-[alpha-D-mannopyranose-(1-6)]alpha-D-mannopyranose-(1-6)-[alpha-D-mannopyranose-(1-3)]beta-D-mannopyranose-(1-4)-2-acetamido-2-deoxy-beta-D-glucopyranose-(1-4)-2-acetamido-2-deoxy-beta-D-glucopyranose
16 branched alpha-D-mannopyranose-(1-6)-alpha-D-mannopyranose-(1-3)-alpha-D-mannopyranose-(1-6)-[alpha-D-mannopyranose-(1-3)]beta-D-mannopyranose-(1-4)-2-acetamido-2-deoxy-beta-D-glucopyranose-(1-4)-2-acetamido-2-deoxy-beta-D-glucopyranose
17 branched alpha-D-mannopyranose-(1-2)-alpha-D-mannopyranose-(1-6)-[alpha-D-mannopyranose-(1-3)]beta-D-mannopyranose-(1-4)-2-acetamido-2-deoxy-beta-D-glucopyranose-(1-4)-2-acetamido-2-deoxy-beta-D-glucopyranose
18 branched alpha-D-mannopyranose-(1-3)-alpha-D-mannopyranose-(1-3)-[alpha-D-mannopyranose-(1-6)]alpha-D-mannopyranose-(1-6)-[alpha-D-mannopyranose-(1-2)-alpha-D-mannopyranose-(1-3)]beta-D-mannopyranose-(1-4)-2-acetamido-2-deoxy-beta-D-glucopyranose-(1-4)-2-acetamido-2-deoxy-beta-D-glucopyranose
19 non-polymer 2-acetamido-2-deoxy-beta-D-glucopyranose
#
loop_
_entity_poly.entity_id
_entity_poly.type
_entity_poly.pdbx_seq_one_letter_code
_entity_poly.pdbx_strand_id
1 'polypeptide(L)'
;AVGIGAVFLGFLGAAGSTMGAASMTLTVQARNLLSGIVQQQSNLLRAIEAQQHLLKLTVWGIKQLQARVLAVERYLRDQQ
LLGIWGCSGKLICCTNVPWNSSWSNRNLSEIWDNMTWLQWDKEISNYTQIIYGLLEESQNQQEKNEQDLLALD
;
B
2 'polypeptide(L)'
;EGQLVQSGAELKKPGASVKISCKTSGYRFNFYHINWIRQTAGRGPEWMGWISPYSGDKNLAPAFQDRVIMTTDTEVPVTS
FTSTGAAYMEIRNLKFDDTGTYFCAKGLLRDGSSTWLPYLWGQGTLLTVSSASTKGPSVFPLAPSSKSTSGGTAALGCLV
KDYFPEPVTVSWNSGALTSGVHTFPAVLQSSGLYSLSSVVTVPSSSLGTQTYICNVNHKPSNTKVDKRVEPKSCDKGLEV
LFQ
;
D
3 'polypeptide(L)'
;QSVLTQSASVSGSLGQSVTISCTGPNSVCCSHKSISWYQWPPGRAPTLIIYEDNERAPGISPRFSGYKSYWSAYLTISDL
RPEDETTYYCCSYTHNSGCVFGTGTKVSVLGQSKANPSVTLFPPSSEELQANKATLVCLISDFYPGAVTVAWKADSSPVK
AGVETTTPSKQSNNKYAASSYLSLTPEQWKSHRSYSCQVTHEGSTVEKTVAPTECS
;
E
4 'polypeptide(L)'
;AENLWVTVYYGVPVWKDAETTLFCASDAKAYETEKHNVWATHACVPTDPNPQEIHLENVTEEFNMWKNNMVEQMHTDIIS
LWDQSLKPCVKLTPLCVTLQCTNVTNNITDDMRTELKNCSFNMTTELRDKKQKVYSLFYRLDVVQINENQGNRSNNSNKE
YRLINCNTSAITQACPKVSFEPIPIHYCAPAGFAILKCKDKKFNGTGPCPSVSTVQCTHGIKPVVSTQLLLNGSLAEEEV
MIRSENITNNAKNILVQFNTPVQINCTRPNNNTRKSIRIGPGQAFYATGDIIGDIRQAHCNVSKATWNETLGKVVKQLRK
HFGNNTIIRFANSSGGDLEVTTHSFNCGGEFFYCNTSGLFNSTWISNTSVQGSNSTGSNDSITLPCRIKQIINMWQRIGQ
AMYAPPIQGVIRCVSNITGLILTRDGGSTNSTTETFRPGGGDMRDNWRSELYKYKVVKIEPLGVAPTRCKRRVVGREKR
;
G
5 'polypeptide(L)'
;QVQLRESGPGLVKPSETLSLSCTVSQDSRPSDHSWTWVRQSPGKALEWIGDIHYNGATTYNPSLRSRVRIELDQSIPRFS
LKMTSMTAADTGMYYCARNAIRIYGVVALGEWFHYGMDVWGQGTAVTVSSASTKGPSVFPLAPSSKSTSGGTAALGCLVK
DYFPEPVTVSWNSGALTSGVHTFPAVLQSSGLYSLSSVVTVPSSSLGTQTYICNVNHKPSNTKVDKRVEPKSCDKHHHHH
H
;
Q
6 'polypeptide(L)'
;WASSELTQPPSVSVSPGQTARITCSGAPLTSRFTYWYRQKPGQAPVLIISRSSQRSSGWSGRFSASWSGTTVTLTIRGVQ
ADDEADYYCQSSDTSDSYKMFGGGTKLTVLGQPAAAPSVTLFPPSSEELQANKATLVCLISDFYPGAVTVAWKADSSPVK
AGVETTTPSKQSNNKYAASSYLSLTPEQWKSHKSYSCQVTHEGSTVEKTVAPTEC
;
R
#
# COMPACT_ATOMS: atom_id res chain seq x y z
N LEU A 9 -3.94 -37.34 -9.35
CA LEU A 9 -3.85 -38.72 -8.89
C LEU A 9 -2.41 -39.12 -8.61
N GLY A 10 -1.48 -38.16 -8.79
CA GLY A 10 -0.09 -38.43 -8.50
C GLY A 10 0.18 -38.63 -7.03
N PHE A 11 -0.62 -38.01 -6.16
CA PHE A 11 -0.58 -38.19 -4.72
C PHE A 11 -1.76 -37.46 -4.10
N LEU A 12 -2.58 -38.17 -3.32
CA LEU A 12 -3.79 -37.61 -2.71
C LEU A 12 -4.78 -37.10 -3.75
N GLY A 13 -4.67 -37.59 -5.00
CA GLY A 13 -5.51 -37.09 -6.06
C GLY A 13 -6.99 -37.18 -5.74
N ALA A 14 -7.38 -38.16 -4.94
CA ALA A 14 -8.76 -38.37 -4.54
C ALA A 14 -8.99 -38.04 -3.06
N ALA A 15 -8.24 -37.07 -2.54
CA ALA A 15 -8.47 -36.64 -1.16
C ALA A 15 -9.88 -36.07 -1.01
N GLY A 16 -10.34 -35.32 -2.00
CA GLY A 16 -11.68 -34.77 -1.99
C GLY A 16 -12.72 -35.59 -2.70
N SER A 17 -12.32 -36.67 -3.35
CA SER A 17 -13.25 -37.50 -4.10
C SER A 17 -13.93 -38.51 -3.16
N THR A 18 -14.87 -39.25 -3.73
CA THR A 18 -15.66 -40.21 -2.96
C THR A 18 -14.77 -41.31 -2.39
N MET A 19 -15.24 -41.91 -1.29
CA MET A 19 -14.52 -43.02 -0.69
C MET A 19 -14.37 -44.18 -1.66
N GLY A 20 -15.32 -44.35 -2.58
CA GLY A 20 -15.20 -45.40 -3.57
C GLY A 20 -14.10 -45.12 -4.58
N ALA A 21 -14.09 -43.89 -5.13
CA ALA A 21 -13.03 -43.53 -6.08
C ALA A 21 -11.67 -43.50 -5.39
N ALA A 22 -11.62 -43.03 -4.15
CA ALA A 22 -10.37 -43.06 -3.40
C ALA A 22 -9.92 -44.49 -3.13
N SER A 23 -10.88 -45.40 -2.97
CA SER A 23 -10.54 -46.81 -2.79
C SER A 23 -10.04 -47.45 -4.09
N MET A 24 -10.28 -46.81 -5.24
CA MET A 24 -9.77 -47.36 -6.50
C MET A 24 -8.28 -47.17 -6.65
N THR A 25 -7.72 -46.07 -6.13
CA THR A 25 -6.28 -45.83 -6.14
C THR A 25 -5.88 -45.41 -4.73
N LEU A 26 -5.59 -46.40 -3.89
CA LEU A 26 -5.01 -46.16 -2.57
C LEU A 26 -3.60 -46.71 -2.45
N THR A 27 -3.15 -47.32 -3.53
CA THR A 27 -1.80 -47.83 -3.60
C THR A 27 -0.86 -46.65 -3.61
N VAL A 28 -1.20 -45.66 -4.41
CA VAL A 28 -0.34 -44.50 -4.63
C VAL A 28 -0.01 -43.78 -3.37
N GLN A 29 -1.05 -43.60 -2.57
CA GLN A 29 -0.90 -42.92 -1.33
C GLN A 29 0.07 -43.72 -0.50
N ALA A 30 -0.09 -45.02 -0.40
CA ALA A 30 0.82 -45.82 0.37
C ALA A 30 2.25 -45.81 -0.13
N ARG A 31 2.46 -45.86 -1.44
CA ARG A 31 3.84 -45.88 -1.90
C ARG A 31 4.74 -44.74 -1.52
N ASN A 32 4.28 -43.51 -1.76
CA ASN A 32 5.05 -42.31 -1.48
C ASN A 32 5.40 -42.00 -0.03
N LEU A 33 4.50 -42.27 0.91
CA LEU A 33 4.76 -41.86 2.30
C LEU A 33 6.00 -42.43 3.00
N LEU A 34 6.27 -43.73 2.92
CA LEU A 34 7.46 -44.23 3.60
C LEU A 34 8.75 -43.75 2.92
N SER A 35 8.77 -43.84 1.60
CA SER A 35 9.89 -43.45 0.76
C SER A 35 10.17 -41.94 0.69
N GLY A 36 9.09 -41.17 0.66
CA GLY A 36 9.16 -39.73 0.49
C GLY A 36 9.86 -38.80 1.44
N ILE A 37 10.50 -37.80 0.83
CA ILE A 37 11.22 -36.73 1.48
C ILE A 37 12.64 -36.62 1.02
N VAL A 38 13.09 -37.56 0.18
CA VAL A 38 14.45 -37.57 -0.29
C VAL A 38 15.41 -37.47 0.89
N GLN A 39 15.21 -38.33 1.88
CA GLN A 39 16.03 -38.34 3.06
C GLN A 39 17.37 -38.85 2.69
N GLN A 40 17.39 -39.81 1.78
CA GLN A 40 18.69 -40.42 1.49
C GLN A 40 19.85 -39.43 1.42
N GLN A 41 19.63 -38.28 0.80
CA GLN A 41 20.69 -37.30 0.66
C GLN A 41 20.58 -36.17 1.67
N HIS A 53 34.19 -25.99 6.51
CA HIS A 53 34.25 -26.65 7.82
C HIS A 53 33.92 -28.13 7.69
N LEU A 54 34.48 -28.93 8.59
CA LEU A 54 34.45 -30.39 8.48
C LEU A 54 33.37 -31.06 9.30
N LEU A 55 32.76 -30.35 10.26
CA LEU A 55 31.82 -30.98 11.17
C LEU A 55 30.50 -31.31 10.46
N LYS A 56 29.72 -32.19 11.10
CA LYS A 56 28.39 -32.57 10.62
C LYS A 56 27.38 -32.52 11.76
N LEU A 57 27.63 -31.67 12.75
CA LEU A 57 26.81 -31.54 13.94
C LEU A 57 25.82 -30.38 13.84
N THR A 58 25.45 -30.01 12.62
CA THR A 58 24.68 -28.80 12.38
C THR A 58 23.22 -28.99 12.78
N VAL A 59 22.51 -27.86 12.88
CA VAL A 59 21.10 -27.87 13.27
C VAL A 59 20.23 -28.54 12.21
N TRP A 60 20.66 -28.56 10.95
CA TRP A 60 19.87 -29.20 9.92
C TRP A 60 19.99 -30.72 9.97
N GLY A 61 21.20 -31.23 10.24
CA GLY A 61 21.40 -32.67 10.28
C GLY A 61 20.62 -33.32 11.41
N ILE A 62 20.52 -32.64 12.56
CA ILE A 62 19.79 -33.21 13.69
C ILE A 62 18.29 -33.15 13.43
N LYS A 63 17.82 -32.13 12.71
CA LYS A 63 16.42 -32.10 12.30
C LYS A 63 16.15 -33.09 11.18
N GLN A 64 17.18 -33.47 10.42
CA GLN A 64 17.02 -34.48 9.39
C GLN A 64 16.91 -35.88 9.99
N LEU A 65 17.74 -36.18 10.99
CA LEU A 65 17.79 -37.52 11.55
C LEU A 65 16.49 -37.86 12.29
N GLN A 66 16.04 -36.96 13.17
CA GLN A 66 14.81 -37.22 13.91
C GLN A 66 13.59 -37.21 12.99
N ALA A 67 13.62 -36.39 11.94
CA ALA A 67 12.55 -36.44 10.95
C ALA A 67 12.55 -37.77 10.21
N ARG A 68 13.71 -38.40 10.06
CA ARG A 68 13.80 -39.73 9.47
C ARG A 68 13.45 -40.85 10.46
N VAL A 69 13.53 -40.57 11.76
CA VAL A 69 13.21 -41.60 12.76
C VAL A 69 11.69 -41.78 12.87
N LEU A 70 10.95 -40.69 13.02
CA LEU A 70 9.50 -40.78 12.98
C LEU A 70 8.98 -41.24 11.64
N ALA A 71 9.74 -41.03 10.56
CA ALA A 71 9.37 -41.58 9.26
C ALA A 71 9.14 -43.07 9.35
N VAL A 72 10.10 -43.80 9.94
CA VAL A 72 9.97 -45.23 10.00
C VAL A 72 9.18 -45.64 11.25
N GLU A 73 9.21 -44.81 12.29
CA GLU A 73 8.53 -45.20 13.51
C GLU A 73 7.04 -44.85 13.50
N ARG A 74 6.59 -44.09 12.51
CA ARG A 74 5.16 -43.98 12.25
C ARG A 74 4.68 -44.96 11.18
N TYR A 75 5.54 -45.26 10.20
CA TYR A 75 5.26 -46.36 9.28
C TYR A 75 5.15 -47.68 10.03
N LEU A 76 6.19 -48.03 10.80
CA LEU A 76 6.19 -49.28 11.53
C LEU A 76 5.16 -49.32 12.64
N ARG A 77 4.69 -48.16 13.11
CA ARG A 77 3.57 -48.16 14.05
C ARG A 77 2.28 -48.65 13.38
N ASP A 78 2.10 -48.35 12.09
CA ASP A 78 0.92 -48.81 11.36
C ASP A 78 1.11 -50.22 10.82
N GLN A 79 2.29 -50.52 10.25
CA GLN A 79 2.53 -51.86 9.71
C GLN A 79 2.51 -52.95 10.77
N GLN A 80 2.71 -52.61 12.04
CA GLN A 80 2.59 -53.60 13.10
C GLN A 80 1.13 -54.00 13.31
N LEU A 81 0.19 -53.11 12.99
CA LEU A 81 -1.23 -53.43 13.15
C LEU A 81 -1.74 -54.37 12.07
N LEU A 82 -1.35 -54.16 10.82
CA LEU A 82 -1.81 -55.01 9.73
C LEU A 82 -1.25 -56.42 9.84
N GLY A 83 -0.07 -56.57 10.46
CA GLY A 83 0.51 -57.89 10.61
C GLY A 83 -0.29 -58.79 11.52
N ILE A 84 -0.91 -58.22 12.56
CA ILE A 84 -1.71 -59.00 13.49
C ILE A 84 -3.18 -58.97 13.06
N TRP A 85 -3.42 -58.65 11.79
CA TRP A 85 -4.74 -58.70 11.20
C TRP A 85 -4.79 -59.55 9.94
N GLY A 86 -3.72 -60.32 9.69
CA GLY A 86 -3.66 -61.14 8.50
C GLY A 86 -3.36 -60.38 7.23
N CYS A 87 -2.98 -59.10 7.34
CA CYS A 87 -2.81 -58.24 6.18
C CYS A 87 -1.37 -57.81 6.05
N SER A 88 -0.45 -58.77 6.13
CA SER A 88 0.96 -58.46 6.05
C SER A 88 1.32 -57.79 4.72
N GLY A 89 0.78 -58.29 3.62
CA GLY A 89 1.10 -57.75 2.32
C GLY A 89 -0.11 -57.54 1.43
N LYS A 90 -1.20 -57.02 2.02
CA LYS A 90 -2.40 -56.69 1.28
C LYS A 90 -2.84 -55.30 1.66
N LEU A 91 -3.19 -54.49 0.66
CA LEU A 91 -3.70 -53.15 0.93
C LEU A 91 -5.15 -53.16 1.37
N ILE A 92 -5.89 -54.24 1.12
CA ILE A 92 -7.31 -54.31 1.44
C ILE A 92 -7.61 -55.74 1.89
N CYS A 93 -7.78 -55.93 3.19
CA CYS A 93 -8.31 -57.16 3.77
C CYS A 93 -9.78 -57.00 4.07
N CYS A 94 -10.56 -58.02 3.75
CA CYS A 94 -11.92 -58.12 4.28
C CYS A 94 -11.85 -58.98 5.53
N THR A 95 -12.20 -58.38 6.66
CA THR A 95 -12.03 -59.02 7.96
C THR A 95 -13.35 -59.62 8.45
N ASN A 96 -13.24 -60.77 9.13
CA ASN A 96 -14.38 -61.54 9.63
C ASN A 96 -14.98 -60.97 10.92
N VAL A 97 -14.91 -59.66 11.14
CA VAL A 97 -15.48 -59.03 12.32
C VAL A 97 -16.82 -58.40 11.92
N PRO A 98 -17.92 -58.73 12.60
CA PRO A 98 -19.21 -58.15 12.24
C PRO A 98 -19.27 -56.68 12.61
N TRP A 99 -19.99 -55.91 11.80
CA TRP A 99 -20.13 -54.49 12.03
C TRP A 99 -21.28 -54.23 12.99
N ASN A 100 -21.02 -53.41 14.02
CA ASN A 100 -22.02 -53.04 15.00
C ASN A 100 -22.81 -51.83 14.52
N SER A 101 -24.13 -51.89 14.67
CA SER A 101 -24.99 -50.84 14.14
C SER A 101 -24.77 -49.51 14.86
N SER A 102 -24.31 -49.56 16.11
CA SER A 102 -24.12 -48.33 16.87
C SER A 102 -23.03 -47.44 16.27
N TRP A 103 -22.10 -48.01 15.49
CA TRP A 103 -21.00 -47.24 14.96
C TRP A 103 -21.46 -46.33 13.82
N SER A 104 -22.41 -46.80 13.02
CA SER A 104 -22.99 -45.98 11.95
C SER A 104 -24.31 -46.62 11.52
N ASN A 105 -25.31 -45.78 11.24
CA ASN A 105 -26.64 -46.23 10.87
C ASN A 105 -26.90 -46.14 9.38
N ARG A 106 -25.92 -45.71 8.59
CA ARG A 106 -26.12 -45.45 7.17
C ARG A 106 -25.96 -46.72 6.35
N ASN A 107 -26.73 -46.79 5.25
CA ASN A 107 -26.85 -48.02 4.46
C ASN A 107 -25.62 -48.21 3.58
N LEU A 108 -25.68 -49.22 2.70
CA LEU A 108 -24.55 -49.59 1.86
C LEU A 108 -24.12 -48.43 0.97
N SER A 109 -25.03 -47.97 0.11
CA SER A 109 -24.70 -46.92 -0.84
C SER A 109 -24.82 -45.53 -0.23
N GLU A 110 -25.14 -45.42 1.06
CA GLU A 110 -25.36 -44.11 1.67
C GLU A 110 -24.04 -43.41 2.00
N ILE A 111 -23.03 -44.17 2.40
CA ILE A 111 -21.74 -43.60 2.78
C ILE A 111 -20.74 -43.64 1.64
N TRP A 112 -20.69 -44.75 0.89
CA TRP A 112 -19.67 -44.92 -0.13
C TRP A 112 -19.87 -44.01 -1.34
N ASP A 113 -21.09 -43.52 -1.56
CA ASP A 113 -21.41 -42.66 -2.69
C ASP A 113 -21.62 -41.21 -2.27
N ASN A 114 -21.22 -40.85 -1.05
CA ASN A 114 -21.58 -39.55 -0.49
C ASN A 114 -20.49 -38.90 0.34
N MET A 115 -19.66 -39.66 1.06
CA MET A 115 -18.71 -39.09 1.99
C MET A 115 -17.28 -39.25 1.49
N THR A 116 -16.48 -38.22 1.73
CA THR A 116 -15.04 -38.35 1.57
C THR A 116 -14.47 -39.15 2.75
N TRP A 117 -13.24 -39.62 2.57
CA TRP A 117 -12.60 -40.31 3.68
C TRP A 117 -12.34 -39.37 4.85
N LEU A 118 -12.21 -38.07 4.55
CA LEU A 118 -12.04 -37.08 5.61
C LEU A 118 -13.25 -37.09 6.55
N GLN A 119 -14.46 -37.03 5.98
CA GLN A 119 -15.66 -37.01 6.81
C GLN A 119 -15.79 -38.29 7.62
N TRP A 120 -15.44 -39.42 7.02
CA TRP A 120 -15.57 -40.70 7.71
C TRP A 120 -14.56 -40.84 8.83
N ASP A 121 -13.40 -40.20 8.72
CA ASP A 121 -12.38 -40.33 9.76
C ASP A 121 -12.82 -39.67 11.05
N LYS A 122 -13.60 -38.58 10.96
CA LYS A 122 -14.13 -37.94 12.16
C LYS A 122 -15.38 -38.63 12.68
N GLU A 123 -16.07 -39.41 11.85
CA GLU A 123 -17.29 -40.09 12.28
C GLU A 123 -17.03 -41.39 13.01
N ILE A 124 -15.84 -41.97 12.90
CA ILE A 124 -15.46 -43.13 13.70
C ILE A 124 -14.36 -42.83 14.69
N SER A 125 -13.74 -41.64 14.63
CA SER A 125 -12.65 -41.29 15.53
C SER A 125 -13.04 -41.45 17.00
N ASN A 126 -14.33 -41.41 17.31
CA ASN A 126 -14.77 -41.61 18.69
C ASN A 126 -14.59 -43.07 19.11
N TYR A 127 -15.13 -44.00 18.32
CA TYR A 127 -15.07 -45.43 18.62
C TYR A 127 -14.12 -46.16 17.67
N THR A 128 -13.06 -45.49 17.23
CA THR A 128 -12.10 -46.15 16.35
C THR A 128 -11.24 -47.15 17.11
N GLN A 129 -10.93 -46.88 18.37
CA GLN A 129 -10.12 -47.80 19.15
C GLN A 129 -10.90 -49.07 19.49
N ILE A 130 -12.22 -48.95 19.65
CA ILE A 130 -13.03 -50.12 19.98
C ILE A 130 -12.98 -51.13 18.84
N ILE A 131 -12.89 -50.63 17.61
CA ILE A 131 -12.81 -51.52 16.45
C ILE A 131 -11.48 -52.27 16.45
N TYR A 132 -10.38 -51.54 16.70
CA TYR A 132 -9.05 -52.13 16.62
C TYR A 132 -8.90 -53.30 17.58
N GLY A 133 -9.35 -53.12 18.83
CA GLY A 133 -9.22 -54.19 19.81
C GLY A 133 -9.98 -55.44 19.40
N LEU A 134 -11.11 -55.26 18.73
CA LEU A 134 -11.90 -56.41 18.33
C LEU A 134 -11.34 -57.06 17.08
N LEU A 135 -10.60 -56.31 16.27
CA LEU A 135 -10.06 -56.87 15.03
C LEU A 135 -8.99 -57.91 15.32
N GLU A 136 -8.19 -57.69 16.36
CA GLU A 136 -7.14 -58.64 16.70
C GLU A 136 -7.69 -59.94 17.24
N GLU A 137 -8.90 -59.93 17.81
CA GLU A 137 -9.43 -61.10 18.49
C GLU A 137 -10.01 -62.13 17.52
N SER A 138 -10.91 -61.70 16.65
CA SER A 138 -11.62 -62.63 15.77
C SER A 138 -10.83 -62.97 14.52
N GLN A 139 -10.11 -62.02 13.93
CA GLN A 139 -9.38 -62.27 12.69
C GLN A 139 -8.04 -62.96 12.92
N ASN A 140 -7.46 -62.84 14.11
CA ASN A 140 -6.16 -63.46 14.35
C ASN A 140 -6.09 -64.25 15.65
N GLN A 141 -6.58 -63.68 16.76
CA GLN A 141 -6.48 -64.37 18.04
C GLN A 141 -7.27 -65.68 18.04
N GLN A 142 -8.35 -65.75 17.28
CA GLN A 142 -9.14 -66.97 17.15
C GLN A 142 -8.84 -67.73 15.87
N GLU A 143 -8.61 -67.01 14.76
CA GLU A 143 -8.43 -67.68 13.47
C GLU A 143 -7.17 -68.54 13.44
N LYS A 144 -6.04 -67.96 13.87
CA LYS A 144 -4.81 -68.74 13.92
C LYS A 144 -4.88 -69.86 14.95
N ASN A 145 -5.86 -69.81 15.86
CA ASN A 145 -6.08 -70.89 16.82
C ASN A 145 -6.99 -71.97 16.25
N GLU A 146 -7.91 -71.61 15.37
CA GLU A 146 -8.86 -72.57 14.82
C GLU A 146 -8.18 -73.67 14.02
N GLN A 147 -6.89 -73.56 13.74
CA GLN A 147 -6.18 -74.59 13.01
C GLN A 147 -5.67 -75.71 13.91
N ASP A 148 -5.87 -75.60 15.23
CA ASP A 148 -5.44 -76.66 16.14
C ASP A 148 -6.07 -78.00 15.75
N LEU A 149 -7.35 -77.98 15.43
CA LEU A 149 -8.07 -79.20 15.06
C LEU A 149 -8.07 -79.45 13.55
N LEU A 150 -7.53 -78.54 12.75
CA LEU A 150 -7.58 -78.67 11.30
C LEU A 150 -6.21 -78.77 10.64
N ALA A 151 -5.14 -78.37 11.31
CA ALA A 151 -3.81 -78.43 10.71
C ALA A 151 -3.45 -79.85 10.32
N LEU A 152 -3.25 -80.71 11.32
CA LEU A 152 -3.05 -82.13 11.09
C LEU A 152 -4.14 -82.90 11.85
N ASP A 153 -4.87 -83.73 11.12
CA ASP A 153 -5.94 -84.54 11.70
C ASP A 153 -6.30 -85.68 10.75
N GLU B 1 -29.15 -33.67 4.48
CA GLU B 1 -29.02 -32.99 5.76
C GLU B 1 -28.89 -31.48 5.54
N GLY B 2 -28.85 -31.08 4.27
CA GLY B 2 -28.73 -29.68 3.91
C GLY B 2 -30.01 -28.98 3.49
N GLN B 3 -30.45 -27.99 4.26
CA GLN B 3 -31.71 -27.33 3.98
C GLN B 3 -31.60 -26.46 2.73
N LEU B 4 -32.59 -26.57 1.87
CA LEU B 4 -32.71 -25.76 0.66
C LEU B 4 -33.99 -24.97 0.76
N VAL B 5 -33.92 -23.66 0.46
CA VAL B 5 -35.06 -22.77 0.57
C VAL B 5 -35.16 -21.95 -0.70
N GLN B 6 -36.37 -21.84 -1.24
CA GLN B 6 -36.64 -21.08 -2.44
C GLN B 6 -37.04 -19.65 -2.11
N SER B 7 -36.89 -18.77 -3.10
CA SER B 7 -37.30 -17.37 -3.00
C SER B 7 -38.80 -17.29 -2.74
N GLY B 8 -39.59 -17.53 -3.77
CA GLY B 8 -41.02 -17.63 -3.61
C GLY B 8 -41.74 -16.33 -3.93
N ALA B 9 -43.01 -16.48 -4.27
CA ALA B 9 -43.95 -15.37 -4.43
C ALA B 9 -43.43 -14.33 -5.44
N GLU B 10 -43.26 -14.78 -6.68
CA GLU B 10 -43.09 -13.86 -7.80
C GLU B 10 -44.12 -14.23 -8.85
N LEU B 11 -44.71 -13.22 -9.47
CA LEU B 11 -45.76 -13.43 -10.46
C LEU B 11 -45.74 -12.27 -11.43
N LYS B 12 -46.00 -12.56 -12.71
CA LYS B 12 -46.03 -11.52 -13.73
C LYS B 12 -47.05 -11.90 -14.79
N LYS B 13 -47.08 -11.13 -15.87
CA LYS B 13 -48.03 -11.32 -16.95
C LYS B 13 -47.68 -12.56 -17.76
N PRO B 14 -48.60 -13.06 -18.59
CA PRO B 14 -48.29 -14.26 -19.39
C PRO B 14 -47.08 -14.12 -20.30
N GLY B 15 -46.98 -13.02 -21.04
CA GLY B 15 -45.89 -12.85 -21.97
C GLY B 15 -44.61 -12.29 -21.37
N ALA B 16 -44.41 -12.49 -20.07
CA ALA B 16 -43.28 -11.92 -19.34
C ALA B 16 -42.15 -12.93 -19.28
N SER B 17 -41.20 -12.73 -18.37
CA SER B 17 -40.06 -13.63 -18.22
C SER B 17 -39.44 -13.34 -16.86
N VAL B 18 -39.65 -14.23 -15.90
CA VAL B 18 -39.18 -14.03 -14.53
C VAL B 18 -38.20 -15.13 -14.16
N LYS B 19 -37.31 -14.81 -13.23
CA LYS B 19 -36.34 -15.75 -12.71
C LYS B 19 -36.64 -16.06 -11.24
N ILE B 20 -36.43 -17.31 -10.86
CA ILE B 20 -36.59 -17.73 -9.47
C ILE B 20 -35.22 -18.14 -8.94
N SER B 21 -35.08 -18.08 -7.61
CA SER B 21 -33.80 -18.33 -6.96
C SER B 21 -34.00 -19.30 -5.80
N CYS B 22 -32.89 -19.85 -5.32
CA CYS B 22 -32.93 -20.87 -4.27
C CYS B 22 -31.70 -20.73 -3.38
N LYS B 23 -31.92 -20.43 -2.11
CA LYS B 23 -30.82 -20.33 -1.15
C LYS B 23 -30.45 -21.71 -0.62
N THR B 24 -29.18 -22.05 -0.70
CA THR B 24 -28.68 -23.32 -0.19
C THR B 24 -27.91 -23.09 1.11
N SER B 25 -27.88 -24.13 1.95
CA SER B 25 -27.18 -24.06 3.23
C SER B 25 -27.09 -25.46 3.82
N GLY B 26 -25.93 -25.78 4.38
CA GLY B 26 -25.75 -27.02 5.09
C GLY B 26 -25.23 -28.19 4.28
N TYR B 27 -24.78 -27.97 3.05
CA TYR B 27 -24.27 -29.05 2.22
C TYR B 27 -23.30 -28.46 1.19
N ARG B 28 -22.34 -29.27 0.78
CA ARG B 28 -21.36 -28.81 -0.21
C ARG B 28 -22.05 -28.63 -1.56
N PHE B 29 -22.05 -27.40 -2.05
CA PHE B 29 -22.78 -26.98 -3.24
C PHE B 29 -22.09 -27.38 -4.54
N ASN B 30 -20.87 -27.93 -4.47
CA ASN B 30 -20.07 -28.11 -5.69
C ASN B 30 -20.60 -29.26 -6.53
N PHE B 31 -20.88 -30.41 -5.91
CA PHE B 31 -21.16 -31.63 -6.65
C PHE B 31 -22.61 -32.09 -6.60
N TYR B 32 -23.37 -31.75 -5.55
CA TYR B 32 -24.79 -32.08 -5.53
C TYR B 32 -25.51 -31.29 -6.61
N HIS B 33 -26.21 -31.99 -7.49
CA HIS B 33 -26.87 -31.34 -8.62
C HIS B 33 -28.15 -30.65 -8.17
N ILE B 34 -28.61 -29.70 -8.98
CA ILE B 34 -29.85 -28.99 -8.78
C ILE B 34 -30.77 -29.29 -9.95
N ASN B 35 -32.05 -29.52 -9.65
CA ASN B 35 -33.06 -29.73 -10.67
C ASN B 35 -34.35 -29.06 -10.24
N TRP B 36 -35.31 -29.04 -11.14
CA TRP B 36 -36.55 -28.31 -10.94
C TRP B 36 -37.71 -29.14 -11.47
N ILE B 37 -38.88 -28.92 -10.87
CA ILE B 37 -40.11 -29.61 -11.25
C ILE B 37 -41.26 -28.61 -11.13
N ARG B 38 -42.42 -29.00 -11.65
CA ARG B 38 -43.59 -28.13 -11.63
C ARG B 38 -44.86 -28.96 -11.62
N GLN B 39 -45.81 -28.60 -10.75
CA GLN B 39 -47.13 -29.19 -10.75
C GLN B 39 -48.12 -28.18 -11.29
N THR B 40 -48.89 -28.60 -12.30
CA THR B 40 -49.83 -27.74 -13.00
C THR B 40 -51.21 -27.88 -12.35
N ALA B 41 -52.19 -27.17 -12.89
CA ALA B 41 -53.59 -27.51 -12.61
C ALA B 41 -53.88 -28.95 -12.97
N GLY B 42 -53.16 -29.51 -13.95
CA GLY B 42 -53.22 -30.93 -14.21
C GLY B 42 -52.71 -31.74 -13.02
N ARG B 43 -53.07 -33.02 -13.03
CA ARG B 43 -52.79 -33.87 -11.87
C ARG B 43 -51.30 -34.17 -11.70
N GLY B 44 -50.54 -34.23 -12.81
CA GLY B 44 -49.19 -34.72 -12.76
C GLY B 44 -48.12 -33.64 -12.81
N PRO B 45 -47.30 -33.57 -11.75
CA PRO B 45 -46.10 -32.73 -11.81
C PRO B 45 -45.04 -33.37 -12.70
N GLU B 46 -44.34 -32.54 -13.46
CA GLU B 46 -43.34 -33.00 -14.40
C GLU B 46 -41.97 -32.41 -14.07
N TRP B 47 -40.93 -33.09 -14.54
CA TRP B 47 -39.55 -32.71 -14.26
C TRP B 47 -39.01 -31.77 -15.34
N MET B 48 -38.11 -30.87 -14.92
CA MET B 48 -37.54 -29.89 -15.82
C MET B 48 -36.13 -30.28 -16.25
N GLY B 49 -35.12 -29.59 -15.74
CA GLY B 49 -33.74 -29.85 -16.11
C GLY B 49 -32.82 -29.82 -14.91
N TRP B 50 -31.78 -30.64 -14.96
CA TRP B 50 -30.82 -30.76 -13.88
C TRP B 50 -29.53 -30.04 -14.26
N ILE B 51 -28.99 -29.25 -13.33
CA ILE B 51 -27.76 -28.50 -13.55
C ILE B 51 -26.71 -28.99 -12.56
N SER B 52 -25.47 -29.00 -13.02
CA SER B 52 -24.33 -29.34 -12.17
C SER B 52 -23.54 -28.08 -11.84
N PRO B 53 -23.40 -27.73 -10.56
CA PRO B 53 -22.64 -26.50 -10.23
C PRO B 53 -21.18 -26.56 -10.62
N TYR B 54 -20.64 -27.74 -10.88
CA TYR B 54 -19.29 -27.89 -11.43
C TYR B 54 -19.39 -28.34 -12.88
N SER B 55 -18.47 -27.84 -13.71
CA SER B 55 -18.39 -28.14 -15.14
C SER B 55 -19.53 -27.52 -15.94
N GLY B 56 -20.72 -27.43 -15.35
CA GLY B 56 -21.86 -26.84 -16.02
C GLY B 56 -22.54 -27.71 -17.05
N ASP B 57 -22.02 -28.91 -17.31
CA ASP B 57 -22.66 -29.83 -18.24
C ASP B 57 -24.06 -30.17 -17.73
N LYS B 58 -25.07 -29.84 -18.53
CA LYS B 58 -26.46 -30.00 -18.15
C LYS B 58 -27.23 -30.66 -19.28
N ASN B 59 -28.30 -31.36 -18.91
CA ASN B 59 -29.21 -31.99 -19.86
C ASN B 59 -30.64 -31.61 -19.44
N LEU B 60 -31.14 -30.52 -19.99
CA LEU B 60 -32.49 -30.07 -19.69
C LEU B 60 -33.50 -30.88 -20.50
N ALA B 61 -34.78 -30.69 -20.18
CA ALA B 61 -35.84 -31.39 -20.89
C ALA B 61 -35.87 -30.96 -22.35
N PRO B 62 -36.24 -31.86 -23.27
CA PRO B 62 -36.26 -31.48 -24.69
C PRO B 62 -37.35 -30.49 -25.02
N ALA B 63 -38.49 -30.54 -24.32
CA ALA B 63 -39.59 -29.62 -24.58
C ALA B 63 -39.35 -28.23 -24.01
N PHE B 64 -38.35 -28.05 -23.14
CA PHE B 64 -38.06 -26.76 -22.55
C PHE B 64 -36.64 -26.29 -22.83
N GLN B 65 -35.81 -27.10 -23.49
CA GLN B 65 -34.46 -26.69 -23.88
C GLN B 65 -34.47 -25.50 -24.84
N ASP B 66 -35.55 -25.33 -25.61
CA ASP B 66 -35.61 -24.22 -26.57
C ASP B 66 -35.94 -22.90 -25.88
N ARG B 67 -36.82 -22.91 -24.88
CA ARG B 67 -37.28 -21.68 -24.23
C ARG B 67 -36.62 -21.45 -22.88
N VAL B 68 -36.60 -22.44 -22.01
CA VAL B 68 -36.08 -22.28 -20.65
C VAL B 68 -34.61 -22.65 -20.63
N ILE B 69 -33.80 -21.80 -20.00
CA ILE B 69 -32.38 -22.07 -19.78
C ILE B 69 -32.03 -21.53 -18.39
N MET B 70 -31.16 -22.26 -17.70
CA MET B 70 -30.83 -21.94 -16.33
C MET B 70 -29.32 -22.05 -16.11
N THR B 71 -28.79 -21.16 -15.30
CA THR B 71 -27.37 -21.14 -14.94
C THR B 71 -27.24 -21.09 -13.42
N THR B 72 -26.00 -21.12 -12.94
CA THR B 72 -25.74 -21.16 -11.50
C THR B 72 -24.31 -20.71 -11.24
N ASP B 73 -24.15 -19.76 -10.32
CA ASP B 73 -22.84 -19.22 -9.99
C ASP B 73 -22.10 -20.15 -9.03
N THR B 74 -20.90 -19.73 -8.62
CA THR B 74 -20.07 -20.52 -7.72
C THR B 74 -20.59 -20.40 -6.29
N GLU B 75 -19.80 -20.87 -5.33
CA GLU B 75 -20.21 -20.96 -3.93
C GLU B 75 -19.19 -20.27 -3.04
N VAL B 76 -19.58 -20.07 -1.78
CA VAL B 76 -18.71 -19.52 -0.74
C VAL B 76 -18.59 -20.56 0.36
N PRO B 77 -17.40 -21.10 0.61
CA PRO B 77 -17.29 -22.20 1.58
C PRO B 77 -17.39 -21.69 3.00
N VAL B 78 -18.29 -22.29 3.77
CA VAL B 78 -18.37 -22.00 5.20
C VAL B 78 -17.26 -22.71 5.95
N THR B 79 -17.24 -24.04 5.84
CA THR B 79 -16.18 -24.85 6.44
C THR B 79 -15.60 -25.76 5.35
N SER B 80 -15.03 -26.89 5.77
CA SER B 80 -14.51 -27.86 4.82
C SER B 80 -15.62 -28.73 4.21
N PHE B 81 -16.78 -28.79 4.85
CA PHE B 81 -17.84 -29.68 4.43
C PHE B 81 -19.21 -29.02 4.34
N THR B 82 -19.38 -27.81 4.87
CA THR B 82 -20.62 -27.06 4.73
C THR B 82 -20.36 -25.82 3.89
N SER B 83 -21.35 -25.46 3.06
CA SER B 83 -21.21 -24.28 2.22
C SER B 83 -22.59 -23.80 1.81
N THR B 84 -22.65 -22.55 1.35
CA THR B 84 -23.90 -21.91 0.95
C THR B 84 -23.76 -21.38 -0.47
N GLY B 85 -24.69 -21.76 -1.34
CA GLY B 85 -24.68 -21.28 -2.70
C GLY B 85 -26.07 -20.89 -3.18
N ALA B 86 -26.20 -20.58 -4.46
CA ALA B 86 -27.48 -20.17 -5.02
C ALA B 86 -27.61 -20.68 -6.44
N ALA B 87 -28.84 -20.96 -6.84
CA ALA B 87 -29.16 -21.45 -8.18
C ALA B 87 -30.33 -20.65 -8.72
N TYR B 88 -30.22 -20.21 -9.97
CA TYR B 88 -31.25 -19.43 -10.64
C TYR B 88 -31.72 -20.16 -11.89
N MET B 89 -32.81 -19.65 -12.47
CA MET B 89 -33.34 -20.19 -13.70
C MET B 89 -34.20 -19.12 -14.38
N GLU B 90 -34.09 -19.03 -15.70
CA GLU B 90 -34.85 -18.06 -16.47
C GLU B 90 -35.72 -18.79 -17.50
N ILE B 91 -36.98 -18.37 -17.59
CA ILE B 91 -37.93 -18.94 -18.53
C ILE B 91 -38.44 -17.80 -19.41
N ARG B 92 -38.43 -18.01 -20.73
CA ARG B 92 -38.75 -16.96 -21.68
C ARG B 92 -40.26 -16.84 -21.92
N ASN B 93 -40.91 -17.93 -22.30
CA ASN B 93 -42.34 -17.91 -22.63
C ASN B 93 -43.12 -18.78 -21.67
N LEU B 94 -44.36 -18.37 -21.41
CA LEU B 94 -45.23 -19.08 -20.48
C LEU B 94 -46.66 -18.61 -20.74
N LYS B 95 -47.60 -19.45 -20.32
CA LYS B 95 -49.03 -19.17 -20.51
C LYS B 95 -49.77 -19.60 -19.25
N PHE B 96 -51.11 -19.59 -19.32
CA PHE B 96 -51.91 -20.13 -18.24
C PHE B 96 -51.64 -21.61 -18.00
N ASP B 97 -51.13 -22.33 -19.01
CA ASP B 97 -50.73 -23.71 -18.83
C ASP B 97 -49.44 -23.84 -18.02
N ASP B 98 -48.66 -22.76 -17.92
CA ASP B 98 -47.43 -22.75 -17.15
C ASP B 98 -47.60 -22.21 -15.74
N THR B 99 -48.84 -21.97 -15.32
CA THR B 99 -49.08 -21.50 -13.97
C THR B 99 -49.10 -22.68 -13.00
N GLY B 100 -48.73 -22.41 -11.76
CA GLY B 100 -48.69 -23.42 -10.72
C GLY B 100 -47.51 -23.20 -9.80
N THR B 101 -47.23 -24.23 -8.99
CA THR B 101 -46.18 -24.18 -7.98
C THR B 101 -44.91 -24.83 -8.50
N TYR B 102 -43.77 -24.20 -8.22
CA TYR B 102 -42.47 -24.64 -8.67
C TYR B 102 -41.58 -24.98 -7.49
N PHE B 103 -40.86 -26.09 -7.59
CA PHE B 103 -39.93 -26.52 -6.57
C PHE B 103 -38.52 -26.67 -7.15
N CYS B 104 -37.54 -26.55 -6.28
CA CYS B 104 -36.17 -26.96 -6.54
C CYS B 104 -35.80 -28.01 -5.49
N ALA B 105 -34.79 -28.82 -5.79
CA ALA B 105 -34.41 -29.88 -4.86
C ALA B 105 -32.96 -30.25 -5.07
N LYS B 106 -32.34 -30.70 -3.97
CA LYS B 106 -30.94 -31.10 -3.98
C LYS B 106 -30.77 -32.43 -4.69
N GLY B 107 -29.67 -32.55 -5.44
CA GLY B 107 -29.38 -33.81 -6.11
C GLY B 107 -29.23 -34.95 -5.13
N LEU B 108 -29.60 -36.14 -5.59
CA LEU B 108 -29.66 -37.31 -4.71
C LEU B 108 -28.31 -37.59 -4.07
N LEU B 109 -27.36 -38.08 -4.86
CA LEU B 109 -26.06 -38.45 -4.35
C LEU B 109 -25.01 -38.04 -5.38
N ARG B 110 -23.75 -38.08 -4.96
CA ARG B 110 -22.63 -37.69 -5.80
C ARG B 110 -21.88 -38.95 -6.24
N ASP B 111 -22.49 -39.70 -7.16
CA ASP B 111 -21.82 -40.88 -7.69
C ASP B 111 -22.33 -41.21 -9.07
N GLY B 112 -22.56 -42.49 -9.33
CA GLY B 112 -22.78 -42.95 -10.69
C GLY B 112 -24.13 -43.54 -11.00
N SER B 113 -24.49 -44.65 -10.35
CA SER B 113 -25.78 -45.30 -10.57
C SER B 113 -26.94 -44.31 -10.73
N SER B 114 -27.06 -43.33 -9.84
CA SER B 114 -28.17 -42.36 -9.91
C SER B 114 -27.81 -41.08 -9.16
N THR B 115 -27.93 -39.92 -9.81
CA THR B 115 -27.58 -38.67 -9.15
C THR B 115 -28.63 -37.64 -9.49
N TRP B 116 -29.16 -37.78 -10.70
CA TRP B 116 -29.95 -36.70 -11.28
C TRP B 116 -31.26 -36.47 -10.51
N LEU B 117 -31.75 -37.49 -9.82
CA LEU B 117 -33.03 -37.36 -9.14
C LEU B 117 -32.89 -36.52 -7.86
N PRO B 118 -33.93 -35.79 -7.48
CA PRO B 118 -33.86 -34.93 -6.29
C PRO B 118 -33.59 -35.71 -5.01
N TYR B 119 -33.39 -34.94 -3.94
CA TYR B 119 -33.28 -35.47 -2.58
C TYR B 119 -34.05 -34.58 -1.62
N LEU B 120 -33.40 -33.53 -1.12
CA LEU B 120 -34.02 -32.63 -0.16
C LEU B 120 -34.69 -31.48 -0.91
N TRP B 121 -35.93 -31.21 -0.54
CA TRP B 121 -36.77 -30.23 -1.23
C TRP B 121 -36.88 -28.96 -0.41
N GLY B 122 -37.14 -27.85 -1.10
CA GLY B 122 -37.37 -26.59 -0.45
C GLY B 122 -38.84 -26.37 -0.13
N GLN B 123 -39.13 -25.20 0.43
CA GLN B 123 -40.51 -24.87 0.77
C GLN B 123 -41.34 -24.55 -0.47
N GLY B 124 -40.71 -24.15 -1.56
CA GLY B 124 -41.37 -24.04 -2.85
C GLY B 124 -41.84 -22.63 -3.16
N THR B 125 -42.02 -22.38 -4.46
CA THR B 125 -42.56 -21.13 -4.98
C THR B 125 -43.78 -21.42 -5.83
N LEU B 126 -44.83 -20.62 -5.66
CA LEU B 126 -46.03 -20.72 -6.47
C LEU B 126 -46.14 -19.51 -7.38
N LEU B 127 -46.39 -19.75 -8.68
CA LEU B 127 -46.41 -18.72 -9.71
C LEU B 127 -47.78 -18.70 -10.37
N THR B 128 -48.40 -17.53 -10.41
CA THR B 128 -49.71 -17.34 -11.05
C THR B 128 -49.51 -16.62 -12.37
N VAL B 129 -49.80 -17.31 -13.47
CA VAL B 129 -49.73 -16.71 -14.79
C VAL B 129 -51.15 -16.35 -15.22
N SER B 130 -51.87 -15.63 -14.36
CA SER B 130 -53.19 -15.12 -14.67
C SER B 130 -53.06 -13.65 -15.05
N SER B 131 -53.69 -13.27 -16.16
CA SER B 131 -53.48 -11.94 -16.73
C SER B 131 -54.16 -10.84 -15.92
N ALA B 132 -55.09 -11.18 -15.04
CA ALA B 132 -55.79 -10.16 -14.26
C ALA B 132 -54.82 -9.42 -13.35
N SER B 133 -55.14 -8.17 -13.04
CA SER B 133 -54.23 -7.30 -12.32
C SER B 133 -54.22 -7.64 -10.82
N THR B 134 -53.12 -7.26 -10.18
CA THR B 134 -52.98 -7.48 -8.74
C THR B 134 -53.90 -6.55 -7.96
N LYS B 135 -54.32 -7.00 -6.79
CA LYS B 135 -55.24 -6.24 -5.95
C LYS B 135 -54.82 -6.36 -4.49
N GLY B 136 -55.22 -5.37 -3.71
CA GLY B 136 -54.98 -5.35 -2.29
C GLY B 136 -56.07 -6.05 -1.52
N PRO B 137 -55.69 -7.01 -0.68
CA PRO B 137 -56.69 -7.71 0.14
C PRO B 137 -57.40 -6.76 1.10
N SER B 138 -58.55 -7.21 1.58
CA SER B 138 -59.36 -6.46 2.54
C SER B 138 -59.46 -7.25 3.85
N VAL B 139 -59.43 -6.54 4.97
CA VAL B 139 -59.34 -7.13 6.30
C VAL B 139 -60.67 -6.97 7.02
N PHE B 140 -61.13 -8.05 7.66
CA PHE B 140 -62.35 -8.08 8.44
C PHE B 140 -62.09 -8.89 9.71
N PRO B 141 -62.83 -8.61 10.79
CA PRO B 141 -62.46 -9.18 12.10
C PRO B 141 -62.86 -10.63 12.34
N LEU B 142 -64.05 -11.03 11.90
CA LEU B 142 -64.57 -12.39 12.14
C LEU B 142 -64.70 -12.65 13.64
N ALA B 143 -65.82 -12.23 14.24
CA ALA B 143 -66.03 -12.35 15.68
C ALA B 143 -66.83 -13.60 16.01
N PRO B 144 -66.54 -14.25 17.14
CA PRO B 144 -67.32 -15.42 17.55
C PRO B 144 -68.76 -15.05 17.86
N SER B 145 -69.66 -16.00 17.59
CA SER B 145 -71.08 -15.73 17.73
C SER B 145 -71.54 -15.90 19.18
N SER B 146 -71.16 -17.00 19.82
CA SER B 146 -71.71 -17.40 21.11
C SER B 146 -70.83 -16.99 22.30
N LYS B 147 -70.11 -15.88 22.17
CA LYS B 147 -69.31 -15.39 23.29
C LYS B 147 -70.10 -14.49 24.23
N SER B 148 -71.18 -13.87 23.75
CA SER B 148 -72.05 -13.02 24.57
C SER B 148 -71.27 -11.93 25.31
N ALA B 155 -61.64 -21.51 19.74
CA ALA B 155 -61.63 -21.20 18.31
C ALA B 155 -61.79 -19.70 18.09
N LEU B 156 -60.75 -19.09 17.51
CA LEU B 156 -60.75 -17.66 17.22
C LEU B 156 -60.02 -17.45 15.89
N GLY B 157 -59.89 -16.20 15.48
CA GLY B 157 -59.14 -15.88 14.28
C GLY B 157 -59.57 -14.54 13.70
N CYS B 158 -59.19 -14.35 12.43
CA CYS B 158 -59.53 -13.13 11.69
C CYS B 158 -59.92 -13.51 10.26
N LEU B 159 -60.51 -12.56 9.55
CA LEU B 159 -61.11 -12.80 8.25
C LEU B 159 -60.36 -12.04 7.16
N VAL B 160 -60.32 -12.64 5.97
CA VAL B 160 -59.80 -12.01 4.76
C VAL B 160 -60.83 -12.17 3.66
N LYS B 161 -61.14 -11.08 2.96
CA LYS B 161 -62.13 -11.10 1.89
C LYS B 161 -61.58 -10.40 0.66
N ASP B 162 -61.75 -11.04 -0.49
CA ASP B 162 -61.41 -10.45 -1.79
C ASP B 162 -59.93 -10.08 -1.89
N TYR B 163 -59.09 -11.06 -2.24
CA TYR B 163 -57.70 -10.82 -2.61
C TYR B 163 -57.40 -11.61 -3.87
N PHE B 164 -56.75 -10.94 -4.82
CA PHE B 164 -56.50 -11.52 -6.14
C PHE B 164 -55.61 -12.74 -6.33
N PRO B 165 -54.36 -12.68 -5.86
CA PRO B 165 -53.54 -13.84 -6.17
C PRO B 165 -52.63 -14.37 -5.06
N GLU B 166 -52.22 -15.62 -5.21
CA GLU B 166 -51.27 -16.27 -4.31
C GLU B 166 -51.74 -16.48 -2.88
N PRO B 167 -50.77 -16.63 -1.95
CA PRO B 167 -50.95 -16.88 -0.52
C PRO B 167 -50.56 -15.71 0.37
N VAL B 168 -51.42 -15.38 1.32
CA VAL B 168 -51.18 -14.28 2.26
C VAL B 168 -50.34 -14.73 3.46
N THR B 169 -50.22 -16.04 3.69
CA THR B 169 -49.28 -16.66 4.63
C THR B 169 -49.61 -16.29 6.09
N VAL B 170 -48.62 -15.77 6.82
CA VAL B 170 -48.69 -15.70 8.27
C VAL B 170 -49.72 -14.69 8.72
N SER B 171 -50.58 -15.09 9.66
CA SER B 171 -51.63 -14.23 10.19
C SER B 171 -51.60 -14.39 11.70
N TRP B 172 -50.82 -13.51 12.36
CA TRP B 172 -50.78 -13.40 13.82
C TRP B 172 -49.91 -12.20 14.18
N ASN B 173 -50.19 -11.56 15.31
CA ASN B 173 -49.48 -10.36 15.71
C ASN B 173 -48.39 -10.67 16.72
N SER B 174 -47.21 -10.10 16.51
CA SER B 174 -46.02 -10.21 17.35
C SER B 174 -45.44 -11.62 17.40
N GLY B 175 -46.00 -12.56 16.64
CA GLY B 175 -45.55 -13.94 16.74
C GLY B 175 -45.67 -14.50 18.14
N ALA B 176 -46.69 -14.08 18.89
CA ALA B 176 -46.80 -14.43 20.29
C ALA B 176 -47.15 -15.89 20.50
N LEU B 177 -47.85 -16.51 19.56
CA LEU B 177 -48.31 -17.89 19.72
C LEU B 177 -48.05 -18.65 18.43
N THR B 178 -47.10 -19.59 18.48
CA THR B 178 -46.83 -20.50 17.38
C THR B 178 -47.21 -21.94 17.68
N SER B 179 -47.32 -22.32 18.95
CA SER B 179 -47.75 -23.65 19.34
C SER B 179 -49.25 -23.65 19.56
N GLY B 180 -49.96 -24.54 18.87
CA GLY B 180 -51.40 -24.62 18.97
C GLY B 180 -52.12 -23.51 18.23
N VAL B 181 -51.80 -23.36 16.95
CA VAL B 181 -52.46 -22.35 16.11
C VAL B 181 -52.85 -22.98 14.78
N HIS B 182 -53.89 -23.82 14.81
CA HIS B 182 -54.51 -24.35 13.60
C HIS B 182 -54.76 -23.22 12.60
N THR B 183 -54.63 -23.53 11.31
CA THR B 183 -54.85 -22.54 10.25
C THR B 183 -55.74 -23.17 9.17
N PHE B 184 -56.01 -22.39 8.13
CA PHE B 184 -56.99 -22.79 7.13
C PHE B 184 -56.58 -22.34 5.74
N PRO B 185 -57.00 -23.07 4.69
CA PRO B 185 -56.57 -22.74 3.32
C PRO B 185 -57.46 -21.71 2.64
N ALA B 186 -57.17 -21.43 1.38
CA ALA B 186 -57.86 -20.41 0.60
C ALA B 186 -59.10 -20.99 -0.07
N VAL B 187 -59.90 -20.09 -0.66
CA VAL B 187 -61.14 -20.47 -1.32
C VAL B 187 -61.27 -19.70 -2.63
N LEU B 188 -61.79 -20.38 -3.65
CA LEU B 188 -62.11 -19.74 -4.93
C LEU B 188 -63.53 -19.20 -4.88
N GLN B 189 -63.69 -17.95 -5.30
CA GLN B 189 -65.00 -17.32 -5.36
C GLN B 189 -65.60 -17.43 -6.75
N SER B 190 -66.92 -17.27 -6.82
CA SER B 190 -67.59 -17.23 -8.11
C SER B 190 -67.06 -16.08 -8.97
N SER B 191 -66.72 -14.96 -8.33
CA SER B 191 -66.12 -13.84 -9.04
C SER B 191 -64.70 -14.14 -9.48
N GLY B 192 -64.02 -15.04 -8.78
CA GLY B 192 -62.61 -15.30 -9.02
C GLY B 192 -61.67 -14.58 -8.08
N LEU B 193 -62.20 -13.87 -7.09
CA LEU B 193 -61.40 -13.14 -6.11
C LEU B 193 -61.31 -13.99 -4.83
N TYR B 194 -60.11 -14.45 -4.53
CA TYR B 194 -59.92 -15.40 -3.44
C TYR B 194 -60.13 -14.76 -2.07
N SER B 195 -60.32 -15.62 -1.08
CA SER B 195 -60.42 -15.23 0.32
C SER B 195 -59.90 -16.38 1.16
N LEU B 196 -59.77 -16.16 2.47
CA LEU B 196 -59.35 -17.22 3.38
C LEU B 196 -59.62 -16.79 4.80
N SER B 197 -59.44 -17.74 5.72
CA SER B 197 -59.62 -17.53 7.16
C SER B 197 -58.52 -18.27 7.90
N SER B 198 -58.54 -18.18 9.23
CA SER B 198 -57.49 -18.79 10.04
C SER B 198 -58.04 -19.15 11.41
N VAL B 199 -57.72 -20.36 11.87
CA VAL B 199 -58.06 -20.77 13.23
C VAL B 199 -57.02 -20.22 14.20
N VAL B 200 -57.34 -20.26 15.49
CA VAL B 200 -56.34 -20.25 16.54
C VAL B 200 -56.97 -20.91 17.76
N THR B 201 -56.30 -21.93 18.27
CA THR B 201 -56.85 -22.74 19.37
C THR B 201 -56.16 -22.30 20.66
N VAL B 202 -56.84 -21.43 21.41
CA VAL B 202 -56.36 -21.01 22.73
C VAL B 202 -57.51 -21.05 23.72
N PRO B 203 -57.22 -21.38 24.98
CA PRO B 203 -58.29 -21.56 25.96
C PRO B 203 -59.15 -20.32 26.14
N SER B 204 -60.43 -20.55 26.41
CA SER B 204 -61.38 -19.46 26.57
C SER B 204 -61.08 -18.68 27.84
N SER B 205 -60.95 -17.36 27.69
CA SER B 205 -60.65 -16.48 28.82
C SER B 205 -61.35 -15.14 28.60
N SER B 206 -61.01 -14.17 29.44
CA SER B 206 -61.65 -12.87 29.39
C SER B 206 -61.02 -11.98 28.31
N LEU B 207 -61.78 -10.97 27.89
CA LEU B 207 -61.33 -10.10 26.80
C LEU B 207 -60.40 -8.99 27.28
N GLY B 208 -60.62 -8.46 28.48
CA GLY B 208 -59.77 -7.39 28.97
C GLY B 208 -58.39 -7.83 29.38
N THR B 209 -58.20 -9.12 29.69
CA THR B 209 -56.91 -9.59 30.17
C THR B 209 -55.91 -9.78 29.05
N GLN B 210 -56.34 -10.33 27.92
CA GLN B 210 -55.43 -10.68 26.82
C GLN B 210 -55.72 -9.84 25.59
N THR B 211 -54.84 -10.00 24.59
CA THR B 211 -54.90 -9.25 23.35
C THR B 211 -55.59 -10.04 22.26
N TYR B 212 -56.23 -9.32 21.33
CA TYR B 212 -56.95 -9.93 20.22
C TYR B 212 -56.60 -9.19 18.92
N ILE B 213 -55.32 -9.20 18.56
CA ILE B 213 -54.81 -8.48 17.41
C ILE B 213 -54.07 -9.47 16.51
N CYS B 214 -54.27 -9.35 15.20
CA CYS B 214 -53.62 -10.20 14.23
C CYS B 214 -53.27 -9.40 12.98
N ASN B 215 -52.08 -9.64 12.44
CA ASN B 215 -51.62 -9.00 11.22
C ASN B 215 -51.39 -10.06 10.16
N VAL B 216 -51.61 -9.67 8.91
CA VAL B 216 -51.28 -10.49 7.75
C VAL B 216 -50.30 -9.71 6.88
N ASN B 217 -49.34 -10.41 6.30
CA ASN B 217 -48.38 -9.84 5.38
C ASN B 217 -48.85 -10.06 3.94
N HIS B 218 -48.46 -9.15 3.05
CA HIS B 218 -48.89 -9.21 1.67
C HIS B 218 -47.72 -8.68 0.87
N LYS B 219 -47.82 -9.00 -0.42
CA LYS B 219 -46.95 -8.59 -1.51
C LYS B 219 -47.67 -7.95 -2.71
N PRO B 220 -48.98 -8.28 -2.92
CA PRO B 220 -49.71 -7.69 -4.06
C PRO B 220 -49.69 -6.21 -3.84
N SER B 221 -50.00 -5.86 -2.60
CA SER B 221 -49.79 -4.54 -2.05
C SER B 221 -49.23 -4.73 -0.64
N ASN B 222 -48.48 -3.74 -0.18
CA ASN B 222 -47.87 -3.87 1.14
C ASN B 222 -48.93 -3.80 2.23
N THR B 223 -48.60 -4.38 3.38
CA THR B 223 -49.46 -4.37 4.55
C THR B 223 -49.01 -3.30 5.55
N LYS B 224 -49.90 -2.96 6.47
CA LYS B 224 -49.60 -1.93 7.46
C LYS B 224 -50.46 -2.11 8.71
N VAL B 225 -51.77 -2.24 8.52
CA VAL B 225 -52.70 -2.30 9.64
C VAL B 225 -52.87 -3.74 10.08
N ASP B 226 -52.86 -3.95 11.40
CA ASP B 226 -53.15 -5.25 12.00
C ASP B 226 -54.46 -5.11 12.78
N LYS B 227 -55.58 -5.21 12.06
CA LYS B 227 -56.89 -5.00 12.67
C LYS B 227 -57.12 -6.00 13.80
N ARG B 228 -57.95 -5.58 14.76
CA ARG B 228 -58.37 -6.42 15.88
C ARG B 228 -59.88 -6.63 15.81
N VAL B 229 -60.41 -7.31 16.82
CA VAL B 229 -61.80 -7.78 16.80
C VAL B 229 -62.69 -6.79 17.53
N GLU B 230 -63.96 -6.76 17.12
CA GLU B 230 -64.97 -5.98 17.79
C GLU B 230 -65.33 -6.63 19.14
N PRO B 231 -65.61 -5.81 20.16
CA PRO B 231 -66.09 -6.40 21.43
C PRO B 231 -67.34 -7.23 21.26
N LYS B 232 -68.35 -6.71 20.56
CA LYS B 232 -69.55 -7.49 20.25
C LYS B 232 -70.33 -6.86 19.10
N SER C 2 -49.31 -37.63 -20.16
CA SER C 2 -48.37 -38.40 -19.35
C SER C 2 -48.19 -39.80 -19.93
N VAL C 3 -46.93 -40.25 -20.00
CA VAL C 3 -46.61 -41.57 -20.53
C VAL C 3 -46.39 -42.62 -19.46
N LEU C 4 -46.37 -42.24 -18.19
CA LEU C 4 -46.25 -43.18 -17.09
C LEU C 4 -47.62 -43.45 -16.48
N THR C 5 -47.76 -44.63 -15.88
CA THR C 5 -49.03 -45.07 -15.33
C THR C 5 -49.03 -45.02 -13.82
N GLN C 6 -50.21 -45.26 -13.25
CA GLN C 6 -50.44 -45.21 -11.81
C GLN C 6 -51.56 -46.17 -11.46
N SER C 7 -51.56 -46.62 -10.22
CA SER C 7 -52.64 -47.47 -9.74
C SER C 7 -53.90 -46.69 -9.37
N ALA C 8 -53.93 -45.40 -9.61
CA ALA C 8 -55.10 -44.52 -9.41
C ALA C 8 -55.49 -44.59 -7.93
N SER C 9 -56.79 -44.59 -7.61
CA SER C 9 -57.25 -44.55 -6.22
C SER C 9 -57.18 -45.95 -5.62
N VAL C 10 -56.32 -46.12 -4.62
CA VAL C 10 -56.18 -47.38 -3.90
C VAL C 10 -56.50 -47.13 -2.43
N SER C 11 -57.18 -48.09 -1.81
CA SER C 11 -57.59 -48.00 -0.42
C SER C 11 -56.80 -48.97 0.44
N GLY C 12 -57.00 -48.87 1.75
CA GLY C 12 -56.31 -49.74 2.68
C GLY C 12 -56.86 -49.56 4.08
N SER C 13 -56.30 -50.36 5.00
CA SER C 13 -56.77 -50.38 6.38
C SER C 13 -55.58 -50.29 7.33
N LEU C 14 -55.90 -50.02 8.59
CA LEU C 14 -54.87 -49.85 9.61
C LEU C 14 -54.17 -51.16 9.91
N GLY C 15 -52.85 -51.10 10.01
CA GLY C 15 -52.06 -52.27 10.31
C GLY C 15 -51.97 -53.28 9.19
N GLN C 16 -52.32 -52.88 7.96
CA GLN C 16 -52.24 -53.78 6.82
C GLN C 16 -51.44 -53.13 5.70
N SER C 17 -51.45 -53.75 4.52
CA SER C 17 -50.57 -53.35 3.43
C SER C 17 -51.38 -52.89 2.22
N VAL C 18 -50.78 -52.01 1.43
CA VAL C 18 -51.37 -51.47 0.21
C VAL C 18 -50.30 -51.45 -0.87
N THR C 19 -50.65 -51.93 -2.06
CA THR C 19 -49.72 -51.98 -3.19
C THR C 19 -50.24 -51.07 -4.30
N ILE C 20 -49.31 -50.32 -4.91
CA ILE C 20 -49.62 -49.41 -6.00
C ILE C 20 -48.66 -49.74 -7.14
N SER C 21 -49.20 -50.22 -8.26
CA SER C 21 -48.37 -50.64 -9.39
C SER C 21 -48.39 -49.59 -10.50
N CYS C 22 -47.41 -49.71 -11.40
CA CYS C 22 -47.29 -48.81 -12.54
C CYS C 22 -46.41 -49.48 -13.60
N THR C 23 -46.84 -49.38 -14.85
CA THR C 23 -46.13 -49.97 -15.98
C THR C 23 -46.17 -49.00 -17.16
N GLY C 24 -45.18 -49.10 -18.04
CA GLY C 24 -45.06 -48.15 -19.12
C GLY C 24 -44.75 -48.77 -20.47
N PRO C 25 -44.69 -47.94 -21.51
CA PRO C 25 -44.30 -48.40 -22.85
C PRO C 25 -42.79 -48.34 -23.04
N ASN C 26 -42.31 -49.26 -23.89
CA ASN C 26 -40.87 -49.54 -24.03
C ASN C 26 -40.00 -48.29 -24.15
N SER C 27 -40.57 -47.16 -24.58
CA SER C 27 -39.79 -45.92 -24.64
C SER C 27 -39.30 -45.50 -23.26
N VAL C 28 -40.22 -45.36 -22.30
CA VAL C 28 -39.89 -44.97 -20.94
C VAL C 28 -40.48 -45.98 -19.96
N CYS C 29 -40.38 -47.27 -20.31
CA CYS C 29 -41.06 -48.33 -19.57
C CYS C 29 -40.38 -48.66 -18.26
N CYS C 30 -40.66 -49.87 -17.76
CA CYS C 30 -40.10 -50.38 -16.52
C CYS C 30 -38.99 -51.41 -16.76
N SER C 31 -38.83 -51.89 -17.99
CA SER C 31 -37.79 -52.88 -18.28
C SER C 31 -36.45 -52.19 -18.46
N HIS C 32 -35.48 -52.54 -17.60
CA HIS C 32 -34.08 -52.10 -17.65
C HIS C 32 -33.90 -50.59 -17.41
N LYS C 33 -34.96 -49.88 -17.06
CA LYS C 33 -34.87 -48.49 -16.62
C LYS C 33 -35.15 -48.42 -15.13
N SER C 34 -34.21 -47.88 -14.37
CA SER C 34 -34.40 -47.73 -12.93
C SER C 34 -35.59 -46.81 -12.65
N ILE C 35 -36.12 -46.94 -11.43
CA ILE C 35 -37.34 -46.25 -11.04
C ILE C 35 -37.12 -45.57 -9.68
N SER C 36 -38.15 -44.89 -9.20
CA SER C 36 -38.13 -44.26 -7.89
C SER C 36 -39.54 -43.84 -7.53
N TRP C 37 -39.78 -43.67 -6.23
CA TRP C 37 -41.10 -43.35 -5.70
C TRP C 37 -41.02 -42.16 -4.76
N TYR C 38 -42.00 -41.26 -4.86
CA TYR C 38 -42.03 -40.02 -4.10
C TYR C 38 -43.35 -39.88 -3.35
N GLN C 39 -43.28 -39.28 -2.17
CA GLN C 39 -44.47 -38.86 -1.45
C GLN C 39 -44.78 -37.41 -1.79
N TRP C 40 -46.07 -37.08 -1.86
CA TRP C 40 -46.49 -35.76 -2.33
C TRP C 40 -47.81 -35.37 -1.69
N PRO C 41 -47.76 -34.70 -0.54
CA PRO C 41 -48.96 -34.02 -0.04
C PRO C 41 -49.35 -32.89 -0.97
N PRO C 42 -50.55 -32.93 -1.53
CA PRO C 42 -50.95 -31.89 -2.50
C PRO C 42 -50.96 -30.51 -1.86
N GLY C 43 -50.18 -29.60 -2.45
CA GLY C 43 -50.00 -28.25 -1.95
C GLY C 43 -48.83 -28.09 -1.00
N ARG C 44 -48.43 -29.15 -0.30
CA ARG C 44 -47.36 -29.11 0.67
C ARG C 44 -46.04 -29.56 0.04
N ALA C 45 -45.00 -29.66 0.87
CA ALA C 45 -43.66 -30.02 0.41
C ALA C 45 -43.54 -31.54 0.27
N PRO C 46 -42.81 -32.01 -0.74
CA PRO C 46 -42.75 -33.46 -1.01
C PRO C 46 -41.57 -34.12 -0.30
N THR C 47 -41.59 -35.46 -0.36
CA THR C 47 -40.57 -36.30 0.25
C THR C 47 -40.22 -37.42 -0.71
N LEU C 48 -39.11 -38.10 -0.42
CA LEU C 48 -38.62 -39.20 -1.23
C LEU C 48 -38.63 -40.48 -0.40
N ILE C 49 -38.88 -41.61 -1.06
CA ILE C 49 -39.11 -42.87 -0.36
C ILE C 49 -38.17 -43.96 -0.84
N ILE C 50 -38.29 -44.37 -2.10
CA ILE C 50 -37.55 -45.50 -2.64
C ILE C 50 -36.56 -44.98 -3.68
N TYR C 51 -35.33 -45.47 -3.61
CA TYR C 51 -34.28 -45.13 -4.54
C TYR C 51 -33.99 -46.29 -5.48
N GLU C 52 -33.70 -45.96 -6.74
CA GLU C 52 -33.42 -46.90 -7.83
C GLU C 52 -34.43 -48.04 -7.93
N ASP C 53 -34.51 -48.90 -6.91
CA ASP C 53 -35.30 -50.11 -7.06
C ASP C 53 -35.96 -50.54 -5.75
N ASN C 54 -35.24 -51.28 -4.92
CA ASN C 54 -35.74 -51.71 -3.62
C ASN C 54 -35.04 -51.04 -2.46
N GLU C 55 -33.82 -50.55 -2.66
CA GLU C 55 -33.10 -49.82 -1.62
C GLU C 55 -33.90 -48.59 -1.22
N ARG C 56 -34.33 -48.56 0.04
CA ARG C 56 -35.18 -47.49 0.55
C ARG C 56 -34.32 -46.32 1.03
N ALA C 57 -35.01 -45.24 1.38
CA ALA C 57 -34.31 -44.02 1.78
C ALA C 57 -33.66 -44.19 3.15
N PRO C 58 -32.56 -43.48 3.40
CA PRO C 58 -32.09 -43.33 4.78
C PRO C 58 -33.10 -42.53 5.59
N GLY C 59 -33.56 -43.12 6.69
CA GLY C 59 -34.57 -42.46 7.50
C GLY C 59 -35.96 -43.03 7.32
N ILE C 60 -36.31 -43.37 6.07
CA ILE C 60 -37.60 -43.99 5.80
C ILE C 60 -37.64 -45.38 6.41
N SER C 61 -38.67 -45.65 7.21
CA SER C 61 -38.80 -46.91 7.90
C SER C 61 -38.77 -48.08 6.92
N PRO C 62 -38.24 -49.23 7.33
CA PRO C 62 -38.16 -50.37 6.40
C PRO C 62 -39.50 -51.02 6.10
N ARG C 63 -40.59 -50.32 6.45
CA ARG C 63 -41.92 -50.84 6.18
C ARG C 63 -42.27 -50.83 4.70
N PHE C 64 -41.52 -50.09 3.89
CA PHE C 64 -41.83 -49.90 2.48
C PHE C 64 -41.08 -50.93 1.64
N SER C 65 -41.82 -51.79 0.95
CA SER C 65 -41.25 -52.83 0.11
C SER C 65 -41.53 -52.51 -1.35
N GLY C 66 -40.91 -53.29 -2.22
CA GLY C 66 -41.09 -53.12 -3.65
C GLY C 66 -40.25 -54.12 -4.41
N TYR C 67 -40.34 -54.02 -5.73
CA TYR C 67 -39.59 -54.90 -6.63
C TYR C 67 -39.74 -54.33 -8.05
N LYS C 68 -39.24 -55.05 -9.04
CA LYS C 68 -39.34 -54.63 -10.44
C LYS C 68 -39.30 -55.87 -11.32
N SER C 69 -40.31 -56.04 -12.17
CA SER C 69 -40.36 -57.12 -13.14
C SER C 69 -40.06 -56.56 -14.53
N TYR C 70 -40.50 -57.26 -15.57
CA TYR C 70 -40.25 -56.82 -16.93
C TYR C 70 -41.19 -55.70 -17.37
N TRP C 71 -42.12 -55.29 -16.52
CA TRP C 71 -42.97 -54.13 -16.79
C TRP C 71 -43.65 -53.59 -15.54
N SER C 72 -43.95 -54.46 -14.58
CA SER C 72 -44.70 -54.04 -13.40
C SER C 72 -43.77 -53.45 -12.34
N ALA C 73 -44.07 -52.22 -11.91
CA ALA C 73 -43.33 -51.54 -10.86
C ALA C 73 -44.31 -51.05 -9.81
N TYR C 74 -43.93 -51.16 -8.54
CA TYR C 74 -44.92 -51.09 -7.47
C TYR C 74 -44.25 -50.74 -6.16
N LEU C 75 -45.09 -50.49 -5.15
CA LEU C 75 -44.64 -50.06 -3.82
C LEU C 75 -45.55 -50.70 -2.78
N THR C 76 -45.00 -51.61 -1.96
CA THR C 76 -45.75 -52.30 -0.91
C THR C 76 -45.48 -51.60 0.41
N ILE C 77 -46.45 -50.82 0.87
CA ILE C 77 -46.33 -50.05 2.11
C ILE C 77 -46.94 -50.87 3.23
N SER C 78 -46.08 -51.48 4.05
CA SER C 78 -46.53 -52.38 5.10
C SER C 78 -46.79 -51.64 6.41
N ASP C 79 -47.65 -52.23 7.23
CA ASP C 79 -48.04 -51.69 8.54
C ASP C 79 -48.39 -50.20 8.45
N LEU C 80 -49.50 -49.95 7.78
CA LEU C 80 -49.93 -48.58 7.55
C LEU C 80 -50.22 -47.88 8.87
N ARG C 81 -49.76 -46.63 8.97
CA ARG C 81 -50.01 -45.76 10.10
C ARG C 81 -50.76 -44.53 9.63
N PRO C 82 -51.58 -43.91 10.50
CA PRO C 82 -52.50 -42.84 10.03
C PRO C 82 -51.83 -41.57 9.55
N GLU C 83 -50.58 -41.67 9.09
CA GLU C 83 -49.88 -40.57 8.46
C GLU C 83 -49.70 -40.76 6.97
N ASP C 84 -49.89 -41.98 6.46
CA ASP C 84 -49.64 -42.31 5.07
C ASP C 84 -50.70 -41.79 4.13
N GLU C 85 -51.83 -41.29 4.65
CA GLU C 85 -52.92 -40.84 3.79
C GLU C 85 -52.52 -39.60 3.01
N THR C 86 -51.94 -39.79 1.83
CA THR C 86 -51.54 -38.70 0.95
C THR C 86 -51.18 -39.30 -0.41
N THR C 87 -51.27 -38.47 -1.43
CA THR C 87 -51.02 -38.92 -2.80
C THR C 87 -49.55 -39.24 -3.03
N TYR C 88 -49.29 -40.34 -3.72
CA TYR C 88 -47.94 -40.78 -4.05
C TYR C 88 -47.70 -40.69 -5.55
N TYR C 89 -46.43 -40.76 -5.93
CA TYR C 89 -46.03 -40.65 -7.33
C TYR C 89 -44.84 -41.55 -7.59
N CYS C 90 -44.34 -41.53 -8.83
CA CYS C 90 -43.18 -42.33 -9.21
C CYS C 90 -42.60 -41.74 -10.49
N CYS C 91 -41.33 -42.04 -10.74
CA CYS C 91 -40.67 -41.55 -11.94
C CYS C 91 -39.53 -42.49 -12.33
N SER C 92 -39.41 -42.75 -13.63
CA SER C 92 -38.37 -43.62 -14.16
C SER C 92 -37.24 -42.79 -14.75
N TYR C 93 -36.02 -43.31 -14.62
CA TYR C 93 -34.84 -42.59 -15.05
C TYR C 93 -33.71 -43.58 -15.32
N THR C 94 -32.87 -43.25 -16.28
CA THR C 94 -31.64 -43.99 -16.49
C THR C 94 -30.53 -43.35 -15.67
N HIS C 95 -29.27 -43.62 -16.01
CA HIS C 95 -28.14 -43.04 -15.28
C HIS C 95 -28.04 -41.53 -15.49
N ASN C 96 -27.92 -41.09 -16.74
CA ASN C 96 -27.63 -39.70 -17.08
C ASN C 96 -28.87 -38.90 -17.47
N SER C 97 -30.06 -39.40 -17.18
CA SER C 97 -31.30 -38.70 -17.52
C SER C 97 -32.04 -38.29 -16.25
N GLY C 98 -33.00 -37.41 -16.43
CA GLY C 98 -33.87 -37.00 -15.36
C GLY C 98 -35.00 -37.97 -15.14
N CYS C 99 -35.93 -37.57 -14.29
CA CYS C 99 -37.04 -38.41 -13.88
C CYS C 99 -38.27 -38.11 -14.71
N VAL C 100 -39.00 -39.17 -15.08
CA VAL C 100 -40.22 -39.09 -15.88
C VAL C 100 -41.37 -39.47 -14.97
N PHE C 101 -42.05 -38.48 -14.41
CA PHE C 101 -42.99 -38.72 -13.33
C PHE C 101 -44.27 -39.40 -13.84
N GLY C 102 -45.09 -39.83 -12.88
CA GLY C 102 -46.30 -40.59 -13.19
C GLY C 102 -47.53 -39.74 -13.40
N THR C 103 -48.61 -40.06 -12.68
CA THR C 103 -49.88 -39.39 -12.88
C THR C 103 -50.55 -39.04 -11.56
N GLY C 104 -50.45 -39.94 -10.58
CA GLY C 104 -51.02 -39.68 -9.26
C GLY C 104 -51.88 -40.80 -8.73
N THR C 105 -51.46 -41.41 -7.63
CA THR C 105 -52.25 -42.40 -6.90
C THR C 105 -52.65 -41.78 -5.56
N LYS C 106 -53.82 -41.15 -5.53
CA LYS C 106 -54.35 -40.58 -4.30
C LYS C 106 -54.70 -41.72 -3.36
N VAL C 107 -53.81 -42.01 -2.42
CA VAL C 107 -53.99 -43.12 -1.50
C VAL C 107 -54.78 -42.65 -0.29
N SER C 108 -55.81 -43.40 0.06
CA SER C 108 -56.60 -43.17 1.25
C SER C 108 -56.55 -44.41 2.13
N VAL C 109 -56.44 -44.21 3.44
CA VAL C 109 -56.32 -45.30 4.40
C VAL C 109 -57.60 -45.32 5.21
N LEU C 110 -58.51 -46.23 4.88
CA LEU C 110 -59.73 -46.43 5.66
C LEU C 110 -59.39 -47.23 6.91
N GLY C 111 -60.39 -47.83 7.55
CA GLY C 111 -60.21 -48.47 8.83
C GLY C 111 -60.01 -47.51 9.98
N GLN C 112 -60.07 -46.21 9.74
CA GLN C 112 -59.87 -45.22 10.78
C GLN C 112 -61.09 -45.16 11.69
N SER C 113 -61.00 -44.30 12.70
CA SER C 113 -62.11 -44.00 13.58
C SER C 113 -62.88 -42.81 13.04
N LYS C 114 -64.19 -42.96 12.93
CA LYS C 114 -65.05 -41.89 12.42
C LYS C 114 -65.13 -40.78 13.46
N ALA C 115 -64.40 -39.69 13.23
CA ALA C 115 -64.30 -38.62 14.20
C ALA C 115 -65.39 -37.59 13.99
N ASN C 116 -65.82 -36.97 15.09
CA ASN C 116 -66.85 -35.94 15.05
C ASN C 116 -66.19 -34.58 15.19
N PRO C 117 -66.37 -33.68 14.24
CA PRO C 117 -65.67 -32.39 14.27
C PRO C 117 -66.27 -31.42 15.27
N SER C 118 -65.41 -30.58 15.83
CA SER C 118 -65.84 -29.47 16.68
C SER C 118 -66.11 -28.27 15.77
N VAL C 119 -67.38 -28.09 15.43
CA VAL C 119 -67.79 -27.16 14.38
C VAL C 119 -68.53 -25.99 15.03
N THR C 120 -68.16 -24.78 14.64
CA THR C 120 -68.89 -23.59 15.06
C THR C 120 -68.87 -22.57 13.93
N LEU C 121 -69.96 -21.82 13.84
CA LEU C 121 -70.14 -20.83 12.78
C LEU C 121 -69.63 -19.46 13.22
N PHE C 122 -69.01 -18.75 12.30
CA PHE C 122 -68.51 -17.40 12.58
C PHE C 122 -69.32 -16.39 11.79
N PRO C 123 -70.08 -15.52 12.43
CA PRO C 123 -70.94 -14.57 11.71
C PRO C 123 -70.20 -13.28 11.41
N PRO C 124 -70.72 -12.44 10.54
CA PRO C 124 -70.08 -11.14 10.27
C PRO C 124 -70.13 -10.22 11.49
N SER C 125 -69.29 -9.19 11.43
CA SER C 125 -69.18 -8.24 12.53
C SER C 125 -69.57 -6.84 12.09
N SER C 126 -69.15 -5.83 12.84
CA SER C 126 -69.49 -4.44 12.54
C SER C 126 -68.68 -3.87 11.38
N GLU C 127 -67.62 -4.54 10.95
CA GLU C 127 -66.83 -4.06 9.82
C GLU C 127 -67.35 -4.56 8.48
N GLU C 128 -68.14 -5.64 8.46
CA GLU C 128 -68.64 -6.16 7.20
C GLU C 128 -69.82 -5.34 6.70
N LEU C 129 -70.53 -4.65 7.60
CA LEU C 129 -71.66 -3.84 7.19
C LEU C 129 -71.23 -2.51 6.58
N GLN C 130 -69.98 -2.10 6.76
CA GLN C 130 -69.48 -0.89 6.11
C GLN C 130 -69.34 -1.12 4.61
N ALA C 131 -68.70 -2.23 4.22
CA ALA C 131 -68.55 -2.56 2.81
C ALA C 131 -69.79 -3.21 2.21
N ASN C 132 -70.75 -3.62 3.05
CA ASN C 132 -72.02 -4.20 2.65
C ASN C 132 -71.88 -5.54 1.93
N LYS C 133 -70.67 -6.08 1.85
CA LYS C 133 -70.45 -7.37 1.21
C LYS C 133 -71.00 -8.49 2.10
N ALA C 134 -71.89 -9.30 1.57
CA ALA C 134 -72.55 -10.35 2.34
C ALA C 134 -71.73 -11.63 2.25
N THR C 135 -71.25 -12.12 3.40
CA THR C 135 -70.49 -13.35 3.48
C THR C 135 -70.60 -13.89 4.90
N LEU C 136 -70.64 -15.22 5.01
CA LEU C 136 -70.69 -15.88 6.31
C LEU C 136 -70.10 -17.28 6.15
N VAL C 137 -69.20 -17.66 7.06
CA VAL C 137 -68.42 -18.88 6.91
C VAL C 137 -68.56 -19.77 8.15
N CYS C 138 -67.79 -20.85 8.18
CA CYS C 138 -67.84 -21.80 9.28
C CYS C 138 -66.55 -22.62 9.29
N LEU C 139 -66.31 -23.31 10.40
CA LEU C 139 -65.08 -24.04 10.63
C LEU C 139 -65.39 -25.50 10.92
N ILE C 140 -64.69 -26.40 10.23
CA ILE C 140 -64.77 -27.83 10.49
C ILE C 140 -63.35 -28.38 10.55
N SER C 141 -63.12 -29.28 11.50
CA SER C 141 -61.80 -29.90 11.67
C SER C 141 -61.98 -31.26 12.32
N ASP C 142 -61.26 -32.26 11.80
CA ASP C 142 -61.34 -33.65 12.27
C ASP C 142 -62.71 -34.25 11.97
N PHE C 143 -63.17 -34.08 10.73
CA PHE C 143 -64.46 -34.58 10.30
C PHE C 143 -64.34 -35.75 9.32
N TYR C 144 -63.38 -36.64 9.58
CA TYR C 144 -63.23 -37.84 8.76
C TYR C 144 -64.57 -38.56 8.65
N PRO C 145 -64.95 -39.06 7.45
CA PRO C 145 -64.17 -39.11 6.20
C PRO C 145 -64.08 -37.79 5.44
N GLY C 146 -63.33 -37.79 4.34
CA GLY C 146 -63.16 -36.60 3.52
C GLY C 146 -64.33 -36.34 2.60
N ALA C 147 -65.55 -36.34 3.14
CA ALA C 147 -66.76 -36.06 2.38
C ALA C 147 -67.38 -34.76 2.85
N VAL C 148 -67.97 -34.02 1.91
CA VAL C 148 -68.52 -32.70 2.18
C VAL C 148 -69.96 -32.65 1.69
N THR C 149 -70.73 -31.75 2.32
CA THR C 149 -72.14 -31.56 1.99
C THR C 149 -72.46 -30.08 2.13
N VAL C 150 -72.64 -29.40 1.01
CA VAL C 150 -72.88 -27.96 0.99
C VAL C 150 -74.37 -27.71 1.13
N ALA C 151 -74.76 -26.97 2.17
CA ALA C 151 -76.17 -26.64 2.39
C ALA C 151 -76.26 -25.49 3.38
N TRP C 152 -77.27 -24.64 3.18
CA TRP C 152 -77.57 -23.53 4.07
C TRP C 152 -79.08 -23.38 4.15
N LYS C 153 -79.53 -22.44 4.99
CA LYS C 153 -80.96 -22.19 5.16
C LYS C 153 -81.18 -20.69 5.32
N ALA C 154 -81.72 -20.07 4.27
CA ALA C 154 -82.22 -18.70 4.31
C ALA C 154 -83.69 -18.72 3.91
N ASP C 155 -84.53 -18.10 4.74
CA ASP C 155 -85.98 -18.19 4.59
C ASP C 155 -86.45 -19.65 4.68
N SER C 156 -85.76 -20.43 5.51
CA SER C 156 -86.04 -21.86 5.73
C SER C 156 -85.98 -22.67 4.44
N SER C 157 -85.26 -22.18 3.44
CA SER C 157 -85.11 -22.85 2.16
C SER C 157 -83.68 -22.70 1.68
N PRO C 158 -83.13 -23.70 0.99
CA PRO C 158 -81.75 -23.60 0.51
C PRO C 158 -81.60 -22.50 -0.54
N VAL C 159 -80.47 -21.81 -0.48
CA VAL C 159 -80.17 -20.73 -1.42
C VAL C 159 -79.62 -21.33 -2.71
N LYS C 160 -80.01 -20.73 -3.84
CA LYS C 160 -79.51 -21.18 -5.14
C LYS C 160 -78.26 -20.42 -5.56
N ALA C 161 -78.20 -19.11 -5.29
CA ALA C 161 -77.08 -18.29 -5.70
C ALA C 161 -76.09 -18.01 -4.58
N GLY C 162 -76.40 -18.39 -3.35
CA GLY C 162 -75.56 -18.05 -2.21
C GLY C 162 -74.51 -19.09 -1.87
N VAL C 163 -74.74 -20.34 -2.26
CA VAL C 163 -73.80 -21.41 -1.91
C VAL C 163 -72.53 -21.27 -2.72
N GLU C 164 -71.39 -21.32 -2.04
CA GLU C 164 -70.06 -21.25 -2.66
C GLU C 164 -69.29 -22.49 -2.24
N THR C 165 -69.18 -23.46 -3.14
CA THR C 165 -68.48 -24.70 -2.85
C THR C 165 -66.97 -24.47 -2.92
N THR C 166 -66.27 -24.76 -1.84
CA THR C 166 -64.83 -24.54 -1.75
C THR C 166 -64.10 -25.87 -1.65
N THR C 167 -62.80 -25.81 -1.91
CA THR C 167 -61.98 -27.02 -1.95
C THR C 167 -61.70 -27.53 -0.54
N PRO C 168 -61.96 -28.80 -0.26
CA PRO C 168 -61.54 -29.38 1.02
C PRO C 168 -60.05 -29.64 1.06
N SER C 169 -59.50 -29.61 2.26
CA SER C 169 -58.06 -29.77 2.46
C SER C 169 -57.81 -30.82 3.54
N LYS C 170 -56.63 -31.42 3.47
CA LYS C 170 -56.18 -32.38 4.47
C LYS C 170 -55.43 -31.63 5.56
N GLN C 171 -55.95 -31.68 6.79
CA GLN C 171 -55.38 -30.93 7.89
C GLN C 171 -53.96 -31.39 8.20
N SER C 172 -53.16 -30.48 8.75
CA SER C 172 -51.79 -30.82 9.11
C SER C 172 -51.73 -31.87 10.20
N ASN C 173 -52.79 -32.03 10.99
CA ASN C 173 -52.91 -33.13 11.93
C ASN C 173 -53.33 -34.44 11.26
N ASN C 174 -53.15 -34.52 9.94
CA ASN C 174 -53.55 -35.68 9.14
C ASN C 174 -55.04 -35.98 9.31
N LYS C 175 -55.85 -34.94 9.16
CA LYS C 175 -57.30 -35.07 9.19
C LYS C 175 -57.91 -34.39 7.98
N TYR C 176 -58.87 -33.50 8.19
CA TYR C 176 -59.48 -32.77 7.08
C TYR C 176 -59.91 -31.40 7.57
N ALA C 177 -60.09 -30.48 6.61
CA ALA C 177 -60.49 -29.11 6.93
C ALA C 177 -61.12 -28.49 5.69
N ALA C 178 -62.13 -27.64 5.90
CA ALA C 178 -62.82 -26.94 4.83
C ALA C 178 -63.70 -25.85 5.41
N SER C 179 -64.06 -24.88 4.58
CA SER C 179 -64.93 -23.79 4.99
C SER C 179 -65.76 -23.34 3.78
N SER C 180 -66.99 -22.90 4.05
CA SER C 180 -67.92 -22.47 3.02
C SER C 180 -68.15 -20.97 3.12
N TYR C 181 -68.15 -20.31 1.97
CA TYR C 181 -68.26 -18.85 1.88
C TYR C 181 -69.61 -18.47 1.28
N LEU C 182 -69.82 -17.16 1.14
CA LEU C 182 -71.07 -16.62 0.65
C LEU C 182 -70.80 -15.35 -0.14
N SER C 183 -71.50 -15.19 -1.25
CA SER C 183 -71.40 -13.99 -2.09
C SER C 183 -72.83 -13.54 -2.41
N LEU C 184 -73.29 -12.51 -1.71
CA LEU C 184 -74.63 -11.98 -1.90
C LEU C 184 -74.61 -10.47 -1.73
N THR C 185 -75.72 -9.85 -2.06
CA THR C 185 -75.89 -8.41 -1.95
C THR C 185 -76.36 -8.03 -0.55
N PRO C 186 -76.06 -6.81 -0.09
CA PRO C 186 -76.51 -6.41 1.25
C PRO C 186 -78.02 -6.34 1.38
N GLU C 187 -78.74 -6.06 0.29
CA GLU C 187 -80.20 -6.00 0.36
C GLU C 187 -80.80 -7.36 0.71
N GLN C 188 -80.25 -8.43 0.12
CA GLN C 188 -80.71 -9.77 0.46
C GLN C 188 -80.36 -10.16 1.89
N TRP C 189 -79.32 -9.56 2.47
CA TRP C 189 -79.03 -9.80 3.88
C TRP C 189 -80.07 -9.13 4.77
N LYS C 190 -80.40 -7.87 4.47
CA LYS C 190 -81.39 -7.16 5.28
C LYS C 190 -82.80 -7.68 5.02
N SER C 191 -83.07 -8.20 3.82
CA SER C 191 -84.41 -8.70 3.51
C SER C 191 -84.72 -9.97 4.29
N HIS C 192 -83.74 -10.86 4.42
CA HIS C 192 -83.90 -12.12 5.14
C HIS C 192 -83.09 -12.04 6.43
N ARG C 193 -83.77 -11.89 7.55
CA ARG C 193 -83.09 -11.73 8.82
C ARG C 193 -82.49 -13.06 9.29
N SER C 194 -83.22 -13.81 10.11
CA SER C 194 -82.69 -15.01 10.76
C SER C 194 -82.06 -15.97 9.75
N TYR C 195 -81.11 -16.78 10.23
CA TYR C 195 -80.38 -17.71 9.39
C TYR C 195 -80.19 -19.03 10.12
N SER C 196 -79.85 -20.05 9.37
CA SER C 196 -79.61 -21.38 9.92
C SER C 196 -78.46 -22.04 9.18
N CYS C 197 -77.70 -22.85 9.91
CA CYS C 197 -76.57 -23.59 9.35
C CYS C 197 -76.97 -25.04 9.10
N GLN C 198 -76.60 -25.55 7.93
CA GLN C 198 -76.95 -26.90 7.51
C GLN C 198 -75.67 -27.66 7.18
N VAL C 199 -75.30 -28.60 8.04
CA VAL C 199 -74.12 -29.43 7.85
C VAL C 199 -74.59 -30.88 7.89
N THR C 200 -74.72 -31.50 6.72
CA THR C 200 -75.13 -32.90 6.65
C THR C 200 -74.02 -33.80 7.18
N HIS C 201 -74.04 -34.07 8.48
CA HIS C 201 -73.04 -34.90 9.14
C HIS C 201 -73.70 -36.17 9.64
N GLU C 202 -73.14 -37.32 9.27
CA GLU C 202 -73.71 -38.61 9.62
C GLU C 202 -73.76 -38.80 11.13
N GLY C 203 -74.93 -38.53 11.73
CA GLY C 203 -75.09 -38.70 13.16
C GLY C 203 -76.37 -38.11 13.72
N SER C 204 -76.27 -37.46 14.87
CA SER C 204 -77.43 -36.84 15.51
C SER C 204 -77.56 -35.38 15.06
N THR C 205 -78.80 -34.89 15.05
CA THR C 205 -79.09 -33.55 14.55
C THR C 205 -78.93 -32.53 15.68
N VAL C 206 -77.66 -32.27 16.01
CA VAL C 206 -77.32 -31.23 16.98
C VAL C 206 -76.31 -30.29 16.31
N GLU C 207 -76.81 -29.41 15.44
CA GLU C 207 -75.98 -28.45 14.73
C GLU C 207 -76.21 -27.04 15.26
N LYS C 208 -75.14 -26.27 15.35
CA LYS C 208 -75.25 -24.89 15.84
C LYS C 208 -75.89 -24.00 14.78
N THR C 209 -76.73 -23.07 15.23
CA THR C 209 -77.51 -22.21 14.36
C THR C 209 -77.64 -20.84 15.01
N VAL C 210 -77.15 -19.80 14.31
CA VAL C 210 -77.20 -18.43 14.82
C VAL C 210 -77.57 -17.49 13.69
N ALA C 211 -78.26 -16.33 14.06
CA ALA C 211 -78.88 -15.29 13.25
C ALA C 211 -77.90 -14.15 12.98
N PRO C 212 -78.05 -13.47 11.84
CA PRO C 212 -77.07 -12.42 11.48
C PRO C 212 -77.41 -11.04 11.98
N THR C 213 -78.71 -10.72 12.12
CA THR C 213 -79.05 -9.39 12.62
C THR C 213 -78.67 -9.22 14.09
N GLU C 214 -78.67 -10.31 14.85
CA GLU C 214 -78.38 -10.29 16.28
C GLU C 214 -78.35 -11.72 16.82
N GLU D 2 -28.90 -56.23 7.58
CA GLU D 2 -27.71 -56.63 8.31
C GLU D 2 -26.79 -57.50 7.46
N ASN D 3 -25.97 -58.31 8.14
CA ASN D 3 -24.97 -59.17 7.49
C ASN D 3 -23.94 -58.35 6.73
N LEU D 4 -23.38 -57.36 7.40
CA LEU D 4 -22.32 -56.51 6.86
C LEU D 4 -21.06 -56.67 7.70
N TRP D 5 -19.92 -56.77 7.02
CA TRP D 5 -18.63 -56.96 7.67
C TRP D 5 -17.80 -55.69 7.56
N VAL D 6 -16.73 -55.63 8.34
CA VAL D 6 -15.83 -54.50 8.35
C VAL D 6 -14.57 -54.86 7.56
N THR D 7 -13.97 -53.85 6.93
CA THR D 7 -12.87 -54.06 6.01
C THR D 7 -11.80 -52.99 6.24
N VAL D 8 -10.54 -53.39 6.15
CA VAL D 8 -9.42 -52.51 6.45
C VAL D 8 -8.84 -51.95 5.15
N TYR D 9 -8.34 -50.71 5.22
CA TYR D 9 -7.76 -50.03 4.06
C TYR D 9 -6.47 -49.34 4.48
N TYR D 10 -5.34 -49.82 3.95
CA TYR D 10 -4.06 -49.18 4.14
C TYR D 10 -3.76 -48.32 2.92
N GLY D 11 -3.68 -47.00 3.12
CA GLY D 11 -3.39 -46.08 2.03
C GLY D 11 -4.49 -45.06 1.88
N VAL D 12 -5.21 -44.83 2.97
CA VAL D 12 -6.38 -43.95 2.95
C VAL D 12 -5.91 -42.50 3.08
N PRO D 13 -6.54 -41.54 2.38
CA PRO D 13 -6.15 -40.13 2.55
C PRO D 13 -6.95 -39.37 3.61
N VAL D 14 -6.52 -39.47 4.87
CA VAL D 14 -7.06 -38.67 5.96
C VAL D 14 -5.90 -38.09 6.77
N TRP D 15 -6.14 -36.96 7.42
CA TRP D 15 -5.10 -36.29 8.19
C TRP D 15 -5.71 -35.45 9.29
N LYS D 16 -4.86 -35.09 10.26
CA LYS D 16 -5.24 -34.29 11.42
C LYS D 16 -4.20 -33.19 11.61
N ASP D 17 -4.68 -32.01 12.02
CA ASP D 17 -3.82 -30.84 12.14
C ASP D 17 -2.76 -31.05 13.21
N ALA D 18 -1.49 -31.00 12.82
CA ALA D 18 -0.38 -31.16 13.74
C ALA D 18 0.88 -30.60 13.08
N GLU D 19 1.95 -30.47 13.87
CA GLU D 19 3.21 -29.92 13.39
C GLU D 19 4.38 -30.68 13.99
N THR D 20 5.41 -30.91 13.17
CA THR D 20 6.62 -31.59 13.60
C THR D 20 7.83 -30.92 12.94
N THR D 21 8.99 -31.57 13.04
CA THR D 21 10.23 -30.97 12.57
C THR D 21 10.34 -31.04 11.05
N LEU D 22 10.96 -30.01 10.47
CA LEU D 22 11.19 -29.93 9.02
C LEU D 22 12.69 -29.87 8.76
N PHE D 23 13.07 -29.58 7.52
CA PHE D 23 14.47 -29.52 7.16
C PHE D 23 14.68 -28.58 5.97
N CYS D 24 15.93 -28.21 5.76
CA CYS D 24 16.31 -27.29 4.69
C CYS D 24 16.36 -28.01 3.35
N ALA D 25 16.27 -27.23 2.28
CA ALA D 25 16.40 -27.78 0.92
C ALA D 25 16.84 -26.64 0.01
N SER D 26 18.06 -26.73 -0.52
CA SER D 26 18.57 -25.74 -1.46
C SER D 26 19.58 -26.42 -2.38
N ASP D 27 19.47 -26.11 -3.68
CA ASP D 27 20.31 -26.75 -4.70
C ASP D 27 21.70 -26.13 -4.67
N ALA D 28 22.49 -26.42 -5.71
CA ALA D 28 23.85 -25.89 -5.82
C ALA D 28 23.79 -24.39 -6.09
N LYS D 29 24.21 -23.59 -5.10
CA LYS D 29 24.12 -22.14 -5.21
C LYS D 29 25.52 -21.59 -5.43
N ALA D 30 26.31 -21.35 -4.37
CA ALA D 30 27.59 -20.67 -4.49
C ALA D 30 28.79 -21.60 -4.39
N TYR D 31 28.74 -22.58 -3.49
CA TYR D 31 29.81 -23.54 -3.21
C TYR D 31 31.22 -22.99 -3.34
N GLU D 32 31.82 -22.99 -4.53
CA GLU D 32 33.23 -22.66 -4.64
C GLU D 32 33.51 -21.16 -4.74
N THR D 33 32.77 -20.45 -5.61
CA THR D 33 33.00 -19.02 -5.78
C THR D 33 32.75 -18.25 -4.48
N GLU D 34 31.84 -18.74 -3.65
CA GLU D 34 31.65 -18.23 -2.30
C GLU D 34 31.04 -19.36 -1.47
N LYS D 35 31.40 -19.40 -0.20
CA LYS D 35 30.96 -20.51 0.65
C LYS D 35 30.78 -19.98 2.06
N HIS D 36 30.75 -20.91 3.03
CA HIS D 36 30.67 -20.57 4.46
C HIS D 36 29.46 -19.68 4.74
N ASN D 37 28.36 -19.96 4.05
CA ASN D 37 27.15 -19.19 4.22
C ASN D 37 26.60 -19.36 5.64
N VAL D 38 26.00 -18.28 6.16
CA VAL D 38 25.47 -18.31 7.52
C VAL D 38 24.13 -19.04 7.59
N TRP D 39 23.40 -19.12 6.47
CA TRP D 39 22.08 -19.76 6.46
C TRP D 39 22.13 -21.18 5.92
N ALA D 40 22.61 -21.37 4.69
CA ALA D 40 22.68 -22.74 4.17
C ALA D 40 23.76 -23.56 4.83
N THR D 41 24.41 -23.04 5.86
CA THR D 41 25.50 -23.71 6.57
C THR D 41 26.59 -24.05 5.54
N HIS D 42 27.29 -25.15 5.76
CA HIS D 42 28.25 -25.67 4.79
C HIS D 42 27.66 -26.74 3.89
N ALA D 43 26.53 -27.35 4.29
CA ALA D 43 25.88 -28.39 3.50
C ALA D 43 24.46 -28.57 4.00
N CYS D 44 23.51 -28.56 3.08
CA CYS D 44 22.10 -28.84 3.38
C CYS D 44 21.57 -29.83 2.36
N VAL D 45 20.39 -30.38 2.64
CA VAL D 45 19.80 -31.42 1.80
C VAL D 45 19.36 -30.80 0.47
N PRO D 46 19.98 -31.18 -0.65
CA PRO D 46 19.67 -30.51 -1.92
C PRO D 46 18.29 -30.85 -2.45
N THR D 47 17.59 -29.84 -2.94
CA THR D 47 16.26 -30.05 -3.50
C THR D 47 16.36 -30.56 -4.94
N ASP D 48 15.35 -31.33 -5.35
CA ASP D 48 15.29 -31.85 -6.71
C ASP D 48 14.70 -30.79 -7.66
N PRO D 49 15.26 -30.65 -8.86
CA PRO D 49 14.72 -29.65 -9.80
C PRO D 49 13.27 -29.87 -10.16
N ASN D 50 12.81 -31.12 -10.18
CA ASN D 50 11.39 -31.39 -10.45
C ASN D 50 10.56 -30.98 -9.24
N PRO D 51 9.61 -30.05 -9.39
CA PRO D 51 8.84 -29.58 -8.23
C PRO D 51 7.74 -30.57 -7.87
N GLN D 52 7.70 -30.95 -6.60
CA GLN D 52 6.68 -31.87 -6.10
C GLN D 52 5.40 -31.08 -5.87
N GLU D 53 4.44 -31.21 -6.78
CA GLU D 53 3.17 -30.51 -6.67
C GLU D 53 2.05 -31.39 -7.19
N ILE D 54 0.91 -31.35 -6.50
CA ILE D 54 -0.30 -32.05 -6.92
C ILE D 54 -1.49 -31.15 -6.57
N HIS D 55 -2.37 -30.91 -7.54
CA HIS D 55 -3.54 -30.10 -7.29
C HIS D 55 -4.64 -30.93 -6.64
N LEU D 56 -5.12 -30.47 -5.49
CA LEU D 56 -6.22 -31.13 -4.79
C LEU D 56 -7.55 -30.53 -5.21
N GLU D 57 -8.51 -31.39 -5.49
CA GLU D 57 -9.83 -30.95 -5.91
C GLU D 57 -10.87 -31.33 -4.86
N ASN D 58 -11.98 -30.61 -4.87
CA ASN D 58 -13.13 -30.83 -4.00
C ASN D 58 -12.81 -30.68 -2.53
N VAL D 59 -11.60 -30.24 -2.17
CA VAL D 59 -11.17 -30.16 -0.79
C VAL D 59 -11.13 -28.70 -0.38
N THR D 60 -11.51 -28.41 0.86
CA THR D 60 -11.53 -27.06 1.37
C THR D 60 -11.02 -27.04 2.82
N GLU D 61 -9.75 -27.37 3.01
CA GLU D 61 -9.19 -27.42 4.34
C GLU D 61 -8.95 -26.02 4.90
N GLU D 62 -9.26 -25.83 6.18
CA GLU D 62 -9.09 -24.54 6.82
C GLU D 62 -7.65 -24.37 7.26
N PHE D 63 -6.97 -23.38 6.69
CA PHE D 63 -5.60 -23.06 7.07
C PHE D 63 -5.61 -22.14 8.28
N ASN D 64 -4.40 -21.82 8.76
CA ASN D 64 -4.21 -20.75 9.72
C ASN D 64 -2.79 -20.25 9.57
N MET D 65 -2.61 -18.93 9.72
CA MET D 65 -1.34 -18.27 9.51
C MET D 65 -0.77 -17.69 10.81
N TRP D 66 -1.59 -16.97 11.57
CA TRP D 66 -1.16 -16.44 12.85
C TRP D 66 -1.16 -17.48 13.96
N LYS D 67 -1.70 -18.66 13.70
CA LYS D 67 -1.60 -19.79 14.60
C LYS D 67 -0.79 -20.93 14.00
N ASN D 68 -0.18 -20.69 12.84
CA ASN D 68 0.62 -21.72 12.20
C ASN D 68 1.96 -21.88 12.92
N ASN D 69 2.40 -23.12 13.07
CA ASN D 69 3.64 -23.43 13.76
C ASN D 69 4.83 -23.57 12.82
N MET D 70 4.62 -23.40 11.51
CA MET D 70 5.74 -23.41 10.57
C MET D 70 6.60 -22.16 10.74
N VAL D 71 5.98 -21.03 11.05
CA VAL D 71 6.74 -19.80 11.30
C VAL D 71 7.45 -19.88 12.64
N GLU D 72 6.89 -20.62 13.59
CA GLU D 72 7.54 -20.80 14.90
C GLU D 72 8.84 -21.59 14.77
N GLN D 73 8.80 -22.71 14.04
CA GLN D 73 10.02 -23.48 13.82
C GLN D 73 11.00 -22.72 12.94
N MET D 74 10.49 -21.89 12.03
CA MET D 74 11.37 -21.03 11.24
C MET D 74 12.05 -19.99 12.12
N HIS D 75 11.29 -19.33 12.98
CA HIS D 75 11.84 -18.34 13.90
C HIS D 75 12.96 -18.95 14.73
N THR D 76 12.71 -20.12 15.33
CA THR D 76 13.67 -20.73 16.22
C THR D 76 14.82 -21.41 15.48
N ASP D 77 14.61 -21.80 14.21
CA ASP D 77 15.68 -22.41 13.45
C ASP D 77 16.75 -21.39 13.08
N ILE D 78 16.32 -20.21 12.61
CA ILE D 78 17.27 -19.17 12.21
C ILE D 78 18.07 -18.68 13.40
N ILE D 79 17.46 -18.64 14.59
CA ILE D 79 18.17 -18.19 15.78
C ILE D 79 19.30 -19.14 16.14
N SER D 80 18.98 -20.43 16.29
CA SER D 80 20.02 -21.42 16.59
C SER D 80 21.02 -21.55 15.46
N LEU D 81 20.66 -21.13 14.25
CA LEU D 81 21.58 -21.16 13.11
C LEU D 81 22.54 -19.98 13.14
N TRP D 82 22.06 -18.81 13.56
CA TRP D 82 22.91 -17.63 13.68
C TRP D 82 24.02 -17.87 14.69
N ASP D 83 23.67 -18.37 15.88
CA ASP D 83 24.68 -18.64 16.90
C ASP D 83 25.65 -19.74 16.50
N GLN D 84 25.17 -20.73 15.73
CA GLN D 84 26.04 -21.83 15.33
C GLN D 84 27.11 -21.36 14.36
N SER D 85 26.85 -20.31 13.60
CA SER D 85 27.82 -19.78 12.65
C SER D 85 28.69 -18.68 13.24
N LEU D 86 28.49 -18.33 14.51
CA LEU D 86 29.30 -17.31 15.16
C LEU D 86 30.15 -17.85 16.31
N LYS D 87 29.76 -18.99 16.89
CA LYS D 87 30.56 -19.60 17.96
C LYS D 87 32.01 -19.84 17.57
N PRO D 88 32.34 -20.35 16.36
CA PRO D 88 33.76 -20.53 15.99
C PRO D 88 34.33 -19.31 15.26
N CYS D 89 34.34 -18.17 15.95
CA CYS D 89 34.93 -16.97 15.37
C CYS D 89 35.56 -16.13 16.47
N VAL D 90 36.30 -15.11 16.04
CA VAL D 90 37.16 -14.33 16.92
C VAL D 90 36.31 -13.58 17.94
N LYS D 91 36.59 -13.82 19.23
CA LYS D 91 35.97 -13.05 20.29
C LYS D 91 36.69 -11.73 20.48
N LEU D 92 35.93 -10.71 20.91
CA LEU D 92 36.42 -9.34 20.98
C LEU D 92 36.36 -8.81 22.40
N THR D 93 36.75 -9.62 23.37
CA THR D 93 36.69 -9.21 24.77
C THR D 93 37.75 -8.17 25.17
N PRO D 94 39.02 -8.25 24.68
CA PRO D 94 39.99 -7.21 25.04
C PRO D 94 39.83 -5.94 24.22
N LEU D 95 38.64 -5.76 23.66
CA LEU D 95 38.28 -4.52 22.99
C LEU D 95 37.54 -3.56 23.92
N CYS D 96 37.25 -3.97 25.15
CA CYS D 96 36.64 -3.09 26.14
C CYS D 96 37.73 -2.50 27.03
N VAL D 97 38.36 -1.44 26.52
CA VAL D 97 39.34 -0.66 27.26
C VAL D 97 39.01 0.81 27.06
N THR D 98 39.43 1.63 28.02
CA THR D 98 39.15 3.07 27.98
C THR D 98 39.56 3.67 26.63
N LEU D 99 38.56 4.01 25.82
CA LEU D 99 38.78 4.58 24.49
C LEU D 99 38.94 6.09 24.61
N GLN D 100 39.99 6.63 24.02
CA GLN D 100 40.19 8.07 23.91
C GLN D 100 40.04 8.45 22.45
N CYS D 101 38.95 9.15 22.13
CA CYS D 101 38.60 9.47 20.76
C CYS D 101 38.48 10.98 20.59
N THR D 102 38.54 11.41 19.33
CA THR D 102 38.26 12.78 18.95
C THR D 102 37.53 12.77 17.62
N ASN D 103 36.76 13.83 17.36
CA ASN D 103 35.95 13.91 16.15
C ASN D 103 36.84 13.89 14.91
N VAL D 104 36.27 13.42 13.80
CA VAL D 104 37.04 13.19 12.58
C VAL D 104 37.41 14.51 11.94
N THR D 105 38.30 14.48 10.96
CA THR D 105 38.83 15.68 10.31
C THR D 105 37.77 16.26 9.39
N ASN D 106 37.11 17.34 9.82
CA ASN D 106 36.13 18.05 9.03
C ASN D 106 36.59 19.47 8.70
N ASN D 107 37.90 19.69 8.63
CA ASN D 107 38.48 21.01 8.42
C ASN D 107 38.06 21.99 9.52
N ILE D 108 38.10 21.51 10.76
CA ILE D 108 37.69 22.25 11.95
C ILE D 108 36.27 22.78 11.80
N THR D 109 35.35 21.93 11.36
CA THR D 109 33.92 22.26 11.35
C THR D 109 33.09 20.99 11.26
N ARG D 113 26.21 15.26 11.01
CA ARG D 113 27.48 15.79 10.54
C ARG D 113 28.67 14.96 11.01
N THR D 114 28.95 15.01 12.31
CA THR D 114 30.05 14.25 12.89
C THR D 114 29.87 12.76 12.71
N GLU D 115 28.91 12.18 13.43
CA GLU D 115 28.41 10.81 13.20
C GLU D 115 29.46 9.72 13.44
N LEU D 116 30.74 10.02 13.23
CA LEU D 116 31.81 9.05 13.39
C LEU D 116 32.94 9.64 14.21
N LYS D 117 33.80 8.76 14.73
CA LYS D 117 34.87 9.12 15.64
C LYS D 117 36.17 8.46 15.21
N ASN D 118 37.24 9.24 15.16
CA ASN D 118 38.59 8.71 14.99
C ASN D 118 39.11 8.33 16.37
N CYS D 119 38.80 7.12 16.79
CA CYS D 119 39.09 6.70 18.15
C CYS D 119 40.33 5.82 18.22
N SER D 120 40.80 5.62 19.44
CA SER D 120 41.91 4.71 19.70
C SER D 120 41.71 4.04 21.04
N PHE D 121 42.71 3.24 21.40
CA PHE D 121 42.73 2.39 22.58
C PHE D 121 44.01 1.56 22.50
N ASN D 122 44.26 0.73 23.48
CA ASN D 122 45.38 -0.19 23.40
C ASN D 122 44.81 -1.55 23.74
N MET D 123 45.28 -2.57 23.03
CA MET D 123 44.75 -3.92 23.15
C MET D 123 45.87 -4.90 23.49
N THR D 124 45.55 -6.18 23.43
CA THR D 124 46.54 -7.23 23.54
C THR D 124 47.21 -7.46 22.19
N THR D 125 48.52 -7.71 22.21
CA THR D 125 49.23 -8.09 21.01
C THR D 125 49.49 -9.60 21.04
N GLU D 126 50.33 -10.08 20.11
CA GLU D 126 50.61 -11.51 20.04
C GLU D 126 51.23 -12.03 21.33
N LEU D 127 51.91 -11.16 22.07
CA LEU D 127 52.51 -11.52 23.34
C LEU D 127 51.70 -10.86 24.46
N ARG D 128 51.23 -11.67 25.42
CA ARG D 128 50.45 -11.13 26.52
C ARG D 128 51.28 -10.20 27.40
N ASP D 129 52.61 -10.29 27.32
CA ASP D 129 53.46 -9.39 28.09
C ASP D 129 53.41 -7.97 27.54
N LYS D 130 53.36 -7.83 26.21
CA LYS D 130 53.39 -6.53 25.57
C LYS D 130 51.98 -6.06 25.22
N LYS D 131 51.84 -4.74 25.13
CA LYS D 131 50.60 -4.09 24.71
C LYS D 131 50.87 -3.21 23.50
N GLN D 132 49.83 -2.90 22.74
CA GLN D 132 49.98 -2.09 21.53
C GLN D 132 48.81 -1.13 21.39
N LYS D 133 49.12 0.10 20.99
CA LYS D 133 48.10 1.09 20.66
C LYS D 133 47.84 1.08 19.17
N VAL D 134 46.57 1.13 18.78
CA VAL D 134 46.16 1.27 17.39
C VAL D 134 44.97 2.23 17.33
N TYR D 135 44.98 3.10 16.33
CA TYR D 135 43.88 4.02 16.08
C TYR D 135 42.96 3.42 15.01
N SER D 136 41.69 3.30 15.35
CA SER D 136 40.68 2.81 14.40
C SER D 136 39.57 3.86 14.34
N LEU D 137 38.41 3.45 13.82
CA LEU D 137 37.25 4.33 13.77
C LEU D 137 36.04 3.53 14.23
N PHE D 138 35.02 4.25 14.68
CA PHE D 138 33.77 3.67 15.13
C PHE D 138 32.62 4.54 14.67
N TYR D 139 31.40 4.01 14.79
CA TYR D 139 30.19 4.72 14.41
C TYR D 139 29.47 5.26 15.64
N ARG D 140 28.65 6.28 15.41
CA ARG D 140 27.82 6.83 16.47
C ARG D 140 26.82 5.78 16.92
N LEU D 141 26.36 5.92 18.18
CA LEU D 141 25.37 5.06 18.82
C LEU D 141 25.96 3.69 19.14
N ASP D 142 27.01 3.27 18.42
CA ASP D 142 27.84 2.16 18.85
C ASP D 142 28.60 2.48 20.14
N VAL D 143 28.60 3.75 20.54
CA VAL D 143 29.36 4.24 21.68
C VAL D 143 28.58 5.36 22.33
N VAL D 144 28.58 5.39 23.66
CA VAL D 144 27.87 6.42 24.42
C VAL D 144 28.76 6.88 25.56
N GLN D 145 28.66 8.16 25.89
CA GLN D 145 29.65 8.84 26.73
C GLN D 145 29.71 8.21 28.13
N ILE D 146 30.85 8.44 28.79
CA ILE D 146 31.14 7.87 30.10
C ILE D 146 30.67 8.83 31.19
N ASN D 147 31.30 9.99 31.27
CA ASN D 147 30.97 10.97 32.29
C ASN D 147 30.92 12.39 31.72
N SER D 157 37.47 18.93 27.40
CA SER D 157 38.82 18.40 27.59
C SER D 157 39.22 17.53 26.42
N ASN D 158 39.48 16.25 26.69
CA ASN D 158 39.76 15.25 25.67
C ASN D 158 38.77 14.12 25.84
N LYS D 159 37.91 13.94 24.83
CA LYS D 159 36.83 12.96 24.91
C LYS D 159 37.39 11.55 25.06
N GLU D 160 36.89 10.83 26.06
CA GLU D 160 37.23 9.43 26.27
C GLU D 160 35.95 8.62 26.23
N TYR D 161 35.90 7.63 25.35
CA TYR D 161 34.65 6.92 25.08
C TYR D 161 34.70 5.46 25.50
N ARG D 162 33.76 4.67 24.99
CA ARG D 162 33.47 3.34 25.51
C ARG D 162 32.52 2.63 24.57
N LEU D 163 32.81 1.35 24.30
CA LEU D 163 31.89 0.52 23.52
C LEU D 163 30.60 0.31 24.31
N ILE D 164 29.46 0.50 23.64
CA ILE D 164 28.18 0.46 24.32
C ILE D 164 27.87 -0.94 24.81
N ASN D 165 28.42 -1.97 24.17
CA ASN D 165 28.06 -3.33 24.53
C ASN D 165 28.73 -3.78 25.82
N CYS D 166 29.95 -3.27 26.10
CA CYS D 166 30.66 -3.66 27.31
C CYS D 166 29.87 -3.35 28.58
N ASN D 167 28.88 -2.46 28.48
CA ASN D 167 28.03 -2.13 29.63
C ASN D 167 27.02 -3.23 29.91
N THR D 168 26.59 -3.98 28.87
CA THR D 168 25.48 -4.92 29.01
C THR D 168 25.89 -6.37 28.72
N SER D 169 26.41 -6.67 27.53
CA SER D 169 26.69 -8.05 27.13
C SER D 169 28.07 -8.16 26.49
N ALA D 170 28.44 -9.40 26.20
CA ALA D 170 29.76 -9.67 25.64
C ALA D 170 29.78 -9.23 24.18
N ILE D 171 30.80 -9.69 23.45
CA ILE D 171 30.98 -9.30 22.05
C ILE D 171 31.86 -10.35 21.38
N THR D 172 31.52 -10.69 20.14
CA THR D 172 32.31 -11.63 19.36
C THR D 172 32.21 -11.22 17.89
N GLN D 173 33.35 -10.92 17.27
CA GLN D 173 33.35 -10.46 15.89
C GLN D 173 32.88 -11.57 14.95
N ALA D 174 32.04 -11.21 13.98
CA ALA D 174 31.61 -12.15 12.96
C ALA D 174 32.79 -12.49 12.04
N CYS D 175 32.74 -13.69 11.47
CA CYS D 175 33.85 -14.14 10.65
C CYS D 175 33.83 -13.43 9.30
N PRO D 176 35.00 -13.07 8.76
CA PRO D 176 35.02 -12.23 7.55
C PRO D 176 34.56 -12.95 6.31
N LYS D 177 34.75 -14.28 6.24
CA LYS D 177 34.41 -15.05 5.06
C LYS D 177 33.00 -15.63 5.12
N VAL D 178 32.15 -15.12 6.01
CA VAL D 178 30.77 -15.56 6.14
C VAL D 178 29.89 -14.68 5.27
N SER D 179 29.12 -15.30 4.38
CA SER D 179 28.24 -14.58 3.47
C SER D 179 26.90 -14.34 4.15
N PHE D 180 26.52 -13.07 4.28
CA PHE D 180 25.25 -12.69 4.89
C PHE D 180 24.16 -12.41 3.84
N GLU D 181 24.25 -13.07 2.69
CA GLU D 181 23.23 -12.89 1.65
C GLU D 181 22.16 -13.97 1.78
N PRO D 182 20.88 -13.61 1.82
CA PRO D 182 19.82 -14.61 2.00
C PRO D 182 19.57 -15.39 0.71
N ILE D 183 19.63 -16.72 0.81
CA ILE D 183 19.40 -17.59 -0.35
C ILE D 183 18.14 -18.39 -0.11
N PRO D 184 17.49 -18.92 -1.16
CA PRO D 184 16.24 -19.65 -0.96
C PRO D 184 16.46 -20.94 -0.15
N ILE D 185 15.72 -21.07 0.94
CA ILE D 185 15.80 -22.22 1.84
C ILE D 185 14.42 -22.85 1.87
N HIS D 186 14.26 -23.99 1.19
CA HIS D 186 12.98 -24.69 1.19
C HIS D 186 12.77 -25.41 2.50
N TYR D 187 11.54 -25.38 2.99
CA TYR D 187 11.09 -26.16 4.13
C TYR D 187 10.20 -27.28 3.60
N CYS D 188 10.71 -28.51 3.60
CA CYS D 188 9.98 -29.65 3.09
C CYS D 188 9.58 -30.57 4.23
N ALA D 189 8.43 -31.24 4.06
CA ALA D 189 7.81 -32.04 5.10
C ALA D 189 8.50 -33.39 5.27
N PRO D 190 8.48 -33.94 6.49
CA PRO D 190 9.02 -35.29 6.69
C PRO D 190 8.10 -36.36 6.10
N ALA D 191 8.45 -37.63 6.32
CA ALA D 191 7.74 -38.74 5.72
C ALA D 191 6.53 -39.11 6.55
N GLY D 192 5.38 -39.25 5.89
CA GLY D 192 4.12 -39.38 6.58
C GLY D 192 3.43 -38.08 6.87
N PHE D 193 3.87 -36.99 6.25
CA PHE D 193 3.30 -35.66 6.44
C PHE D 193 3.33 -34.93 5.11
N ALA D 194 2.58 -33.82 5.02
CA ALA D 194 2.49 -33.06 3.79
C ALA D 194 2.17 -31.61 4.10
N ILE D 195 2.80 -30.70 3.35
CA ILE D 195 2.56 -29.27 3.50
C ILE D 195 1.49 -28.86 2.50
N LEU D 196 0.33 -28.44 3.01
CA LEU D 196 -0.75 -27.96 2.16
C LEU D 196 -0.54 -26.47 1.91
N LYS D 197 -0.50 -26.09 0.64
CA LYS D 197 -0.41 -24.69 0.25
C LYS D 197 -1.75 -24.23 -0.32
N CYS D 198 -2.14 -23.02 0.03
CA CYS D 198 -3.36 -22.45 -0.51
C CYS D 198 -3.08 -21.83 -1.88
N LYS D 199 -3.95 -22.11 -2.84
CA LYS D 199 -3.86 -21.53 -4.17
C LYS D 199 -4.89 -20.45 -4.43
N ASP D 200 -5.78 -20.17 -3.46
CA ASP D 200 -6.75 -19.10 -3.61
C ASP D 200 -6.07 -17.74 -3.50
N LYS D 201 -6.31 -16.87 -4.46
CA LYS D 201 -5.60 -15.60 -4.54
C LYS D 201 -5.97 -14.69 -3.37
N LYS D 202 -7.26 -14.38 -3.23
CA LYS D 202 -7.74 -13.51 -2.16
C LYS D 202 -8.00 -14.36 -0.91
N PHE D 203 -6.93 -14.61 -0.16
CA PHE D 203 -7.03 -15.33 1.11
C PHE D 203 -7.05 -14.33 2.26
N ASN D 204 -8.19 -13.65 2.38
CA ASN D 204 -8.38 -12.71 3.48
C ASN D 204 -8.29 -13.45 4.81
N GLY D 205 -7.56 -12.87 5.75
CA GLY D 205 -7.38 -13.50 7.05
C GLY D 205 -6.90 -14.92 6.91
N THR D 206 -7.53 -15.82 7.67
CA THR D 206 -7.34 -17.26 7.53
C THR D 206 -8.69 -17.92 7.69
N GLY D 207 -9.11 -18.66 6.66
CA GLY D 207 -10.35 -19.39 6.71
C GLY D 207 -10.26 -20.68 5.92
N PRO D 208 -11.34 -21.03 5.23
CA PRO D 208 -11.32 -22.23 4.40
C PRO D 208 -10.86 -21.94 2.98
N CYS D 209 -9.62 -22.25 2.69
CA CYS D 209 -9.10 -22.03 1.34
C CYS D 209 -9.63 -23.09 0.38
N PRO D 210 -10.41 -22.72 -0.65
CA PRO D 210 -11.02 -23.73 -1.52
C PRO D 210 -10.04 -24.41 -2.46
N SER D 211 -9.05 -23.68 -2.94
CA SER D 211 -8.09 -24.20 -3.90
C SER D 211 -6.81 -24.59 -3.16
N VAL D 212 -6.63 -25.88 -2.92
CA VAL D 212 -5.53 -26.41 -2.13
C VAL D 212 -4.63 -27.25 -3.02
N SER D 213 -3.34 -27.20 -2.74
CA SER D 213 -2.34 -28.05 -3.38
C SER D 213 -1.51 -28.72 -2.30
N THR D 214 -1.25 -30.01 -2.48
CA THR D 214 -0.40 -30.77 -1.56
C THR D 214 0.99 -30.87 -2.19
N VAL D 215 1.91 -30.03 -1.72
CA VAL D 215 3.28 -30.01 -2.20
C VAL D 215 4.19 -30.53 -1.10
N GLN D 216 5.30 -31.17 -1.51
CA GLN D 216 6.25 -31.71 -0.54
C GLN D 216 7.31 -30.68 -0.15
N CYS D 217 7.73 -29.84 -1.07
CA CYS D 217 8.72 -28.80 -0.81
C CYS D 217 8.13 -27.43 -1.10
N THR D 218 8.35 -26.49 -0.19
CA THR D 218 7.89 -25.12 -0.36
C THR D 218 8.66 -24.44 -1.49
N HIS D 219 8.35 -23.17 -1.70
CA HIS D 219 8.99 -22.41 -2.76
C HIS D 219 10.27 -21.74 -2.23
N GLY D 220 10.89 -20.94 -3.08
CA GLY D 220 12.17 -20.42 -2.68
C GLY D 220 11.95 -19.33 -1.68
N ILE D 221 12.05 -19.77 -0.44
CA ILE D 221 11.91 -18.87 0.71
C ILE D 221 13.31 -18.44 1.17
N LYS D 222 13.54 -17.13 1.19
CA LYS D 222 14.79 -16.52 1.61
C LYS D 222 14.59 -15.75 2.92
N PRO D 223 15.51 -15.90 3.87
CA PRO D 223 15.34 -15.25 5.20
C PRO D 223 15.74 -13.79 5.19
N VAL D 224 14.87 -12.96 4.64
CA VAL D 224 15.13 -11.51 4.57
C VAL D 224 14.94 -10.96 5.98
N VAL D 225 16.03 -10.46 6.58
CA VAL D 225 15.97 -9.89 7.92
C VAL D 225 15.79 -8.39 7.73
N SER D 226 14.52 -7.96 7.72
CA SER D 226 14.17 -6.57 7.48
C SER D 226 13.30 -6.07 8.63
N THR D 227 13.04 -4.76 8.62
CA THR D 227 12.21 -4.13 9.64
C THR D 227 11.28 -3.14 8.96
N GLN D 228 10.02 -3.12 9.41
CA GLN D 228 8.98 -2.25 8.88
C GLN D 228 8.64 -2.53 7.42
N LEU D 229 9.65 -2.75 6.58
CA LEU D 229 9.45 -2.94 5.15
C LEU D 229 10.12 -4.23 4.72
N LEU D 230 9.32 -5.21 4.29
CA LEU D 230 9.83 -6.48 3.83
C LEU D 230 10.36 -6.37 2.41
N LEU D 231 11.40 -7.15 2.11
CA LEU D 231 12.03 -7.14 0.80
C LEU D 231 12.09 -8.55 0.23
N ASN D 232 12.05 -8.64 -1.10
CA ASN D 232 12.16 -9.90 -1.85
C ASN D 232 11.07 -10.90 -1.52
N GLY D 233 9.92 -10.45 -1.03
CA GLY D 233 8.86 -11.36 -0.67
C GLY D 233 8.14 -11.93 -1.88
N SER D 234 7.21 -12.83 -1.60
CA SER D 234 6.38 -13.45 -2.61
C SER D 234 5.00 -12.82 -2.63
N LEU D 235 4.37 -12.85 -3.80
CA LEU D 235 2.98 -12.41 -3.93
C LEU D 235 2.40 -12.94 -5.22
N ALA D 236 1.10 -13.22 -5.22
CA ALA D 236 0.46 -13.77 -6.41
C ALA D 236 -0.80 -13.01 -6.88
N GLU D 237 -0.60 -11.78 -7.33
CA GLU D 237 -1.63 -10.93 -7.90
C GLU D 237 -2.70 -10.33 -7.00
N GLU D 238 -3.71 -9.79 -7.67
CA GLU D 238 -4.90 -9.18 -7.06
C GLU D 238 -4.59 -7.87 -6.32
N GLU D 239 -5.60 -7.29 -5.68
CA GLU D 239 -5.32 -6.12 -4.85
C GLU D 239 -4.22 -6.42 -3.84
N VAL D 240 -3.55 -5.35 -3.39
CA VAL D 240 -2.53 -5.46 -2.35
C VAL D 240 -3.19 -6.09 -1.13
N MET D 241 -2.80 -7.32 -0.81
CA MET D 241 -3.52 -8.09 0.20
C MET D 241 -3.26 -7.54 1.58
N ILE D 242 -4.30 -7.52 2.41
CA ILE D 242 -4.23 -7.10 3.79
C ILE D 242 -4.49 -8.32 4.67
N ARG D 243 -3.56 -8.60 5.58
CA ARG D 243 -3.72 -9.70 6.52
C ARG D 243 -3.56 -9.18 7.94
N SER D 244 -4.43 -9.64 8.83
CA SER D 244 -4.36 -9.25 10.24
C SER D 244 -4.86 -10.40 11.08
N GLU D 245 -4.14 -10.71 12.16
CA GLU D 245 -4.63 -11.69 13.12
C GLU D 245 -5.97 -11.29 13.71
N ASN D 246 -6.30 -10.00 13.66
CA ASN D 246 -7.45 -9.45 14.34
C ASN D 246 -7.66 -8.03 13.85
N ILE D 247 -8.68 -7.81 13.02
CA ILE D 247 -8.82 -6.52 12.34
C ILE D 247 -9.41 -5.47 13.28
N THR D 248 -10.33 -5.86 14.16
CA THR D 248 -10.97 -4.88 15.04
C THR D 248 -10.00 -4.34 16.07
N ASN D 249 -9.17 -5.20 16.64
CA ASN D 249 -8.16 -4.75 17.59
C ASN D 249 -7.08 -3.98 16.84
N ASN D 250 -7.01 -2.67 17.09
CA ASN D 250 -5.96 -1.87 16.48
C ASN D 250 -4.58 -2.23 17.04
N ALA D 251 -4.55 -2.73 18.29
CA ALA D 251 -3.28 -3.02 18.94
C ALA D 251 -2.48 -4.09 18.20
N LYS D 252 -3.15 -5.02 17.54
CA LYS D 252 -2.46 -6.06 16.82
C LYS D 252 -1.78 -5.51 15.56
N ASN D 253 -0.68 -6.17 15.17
CA ASN D 253 0.10 -5.83 13.99
C ASN D 253 -0.64 -6.25 12.72
N ILE D 254 -0.28 -5.60 11.60
CA ILE D 254 -0.94 -5.84 10.31
C ILE D 254 0.13 -6.07 9.25
N LEU D 255 0.04 -7.20 8.56
CA LEU D 255 0.92 -7.52 7.45
C LEU D 255 0.27 -7.08 6.15
N VAL D 256 1.06 -6.47 5.27
CA VAL D 256 0.56 -5.94 4.01
C VAL D 256 1.46 -6.45 2.89
N GLN D 257 0.85 -6.87 1.78
CA GLN D 257 1.54 -7.46 0.66
C GLN D 257 1.32 -6.61 -0.60
N PHE D 258 2.36 -6.48 -1.41
CA PHE D 258 2.37 -5.57 -2.55
C PHE D 258 2.03 -6.33 -3.83
N ASN D 259 0.92 -5.95 -4.47
CA ASN D 259 0.56 -6.54 -5.76
C ASN D 259 1.68 -6.40 -6.78
N THR D 260 2.55 -5.39 -6.63
CA THR D 260 3.72 -5.20 -7.46
C THR D 260 4.80 -4.58 -6.59
N PRO D 261 6.06 -5.00 -6.73
CA PRO D 261 7.12 -4.46 -5.88
C PRO D 261 7.63 -3.12 -6.38
N VAL D 262 8.19 -2.36 -5.45
CA VAL D 262 8.80 -1.06 -5.72
C VAL D 262 10.31 -1.25 -5.69
N GLN D 263 10.98 -1.01 -6.81
CA GLN D 263 12.41 -1.21 -6.89
C GLN D 263 13.13 -0.11 -6.11
N ILE D 264 13.85 -0.50 -5.05
CA ILE D 264 14.58 0.45 -4.22
C ILE D 264 16.07 0.13 -4.30
N ASN D 265 16.89 1.15 -4.07
CA ASN D 265 18.33 1.03 -4.06
C ASN D 265 18.88 1.71 -2.81
N CYS D 266 19.65 0.98 -2.00
CA CYS D 266 20.41 1.58 -0.91
C CYS D 266 21.90 1.37 -1.13
N THR D 267 22.72 2.26 -0.58
CA THR D 267 24.17 2.19 -0.72
C THR D 267 24.82 3.14 0.27
N ARG D 268 26.09 2.87 0.59
CA ARG D 268 26.91 3.79 1.35
C ARG D 268 28.05 4.29 0.49
N PRO D 269 28.31 5.60 0.46
CA PRO D 269 29.37 6.12 -0.39
C PRO D 269 30.76 6.00 0.21
N ASN D 270 30.88 5.56 1.45
CA ASN D 270 32.17 5.54 2.13
C ASN D 270 33.09 4.49 1.51
N ASN D 271 34.32 4.89 1.24
CA ASN D 271 35.34 4.02 0.68
C ASN D 271 36.30 3.66 1.82
N ASN D 272 36.05 2.52 2.47
CA ASN D 272 36.77 2.15 3.67
C ASN D 272 37.96 1.25 3.33
N THR D 273 38.71 0.88 4.38
CA THR D 273 39.91 0.08 4.24
C THR D 273 40.04 -0.87 5.41
N ARG D 274 40.42 -2.12 5.12
CA ARG D 274 40.55 -3.16 6.14
C ARG D 274 41.86 -2.96 6.90
N LYS D 275 41.76 -2.65 8.19
CA LYS D 275 42.91 -2.51 9.07
C LYS D 275 42.90 -3.70 10.03
N SER D 276 43.75 -4.68 9.75
CA SER D 276 43.86 -5.88 10.57
C SER D 276 44.94 -5.69 11.63
N ILE D 277 44.58 -5.95 12.89
CA ILE D 277 45.49 -5.83 14.02
C ILE D 277 45.40 -7.10 14.85
N ARG D 278 46.53 -7.80 14.97
CA ARG D 278 46.56 -9.09 15.67
C ARG D 278 46.32 -8.89 17.16
N ILE D 279 45.23 -9.48 17.66
CA ILE D 279 44.95 -9.56 19.09
C ILE D 279 45.21 -10.99 19.52
N GLY D 280 46.12 -11.17 20.47
CA GLY D 280 46.50 -12.49 20.90
C GLY D 280 47.26 -13.25 19.82
N PRO D 281 47.18 -14.57 19.88
CA PRO D 281 48.05 -15.39 19.00
C PRO D 281 47.71 -15.25 17.53
N GLY D 282 46.48 -15.59 17.15
CA GLY D 282 46.15 -15.60 15.74
C GLY D 282 45.06 -14.64 15.33
N GLN D 283 44.08 -14.45 16.22
CA GLN D 283 42.93 -13.61 15.93
C GLN D 283 43.36 -12.21 15.50
N ALA D 284 42.56 -11.61 14.62
CA ALA D 284 42.84 -10.29 14.09
C ALA D 284 41.55 -9.47 14.08
N PHE D 285 41.62 -8.24 14.58
CA PHE D 285 40.45 -7.35 14.65
C PHE D 285 40.45 -6.44 13.43
N TYR D 286 39.43 -6.61 12.59
CA TYR D 286 39.31 -5.85 11.34
C TYR D 286 38.51 -4.58 11.61
N ALA D 287 39.19 -3.44 11.52
CA ALA D 287 38.59 -2.14 11.83
C ALA D 287 38.70 -1.22 10.62
N THR D 288 38.08 -0.05 10.76
CA THR D 288 38.10 0.96 9.71
C THR D 288 39.38 1.77 9.77
N GLY D 289 40.04 1.94 8.64
CA GLY D 289 41.14 2.86 8.53
C GLY D 289 40.63 4.24 8.17
N ASP D 290 41.51 5.04 7.59
CA ASP D 290 41.11 6.36 7.13
C ASP D 290 40.31 6.25 5.84
N ILE D 291 39.19 6.97 5.77
CA ILE D 291 38.28 6.90 4.63
C ILE D 291 38.86 7.71 3.48
N ILE D 292 39.07 7.06 2.35
CA ILE D 292 39.67 7.68 1.18
C ILE D 292 38.56 8.19 0.26
N GLY D 293 38.85 9.28 -0.44
CA GLY D 293 37.94 9.81 -1.44
C GLY D 293 36.65 10.37 -0.88
N ASP D 294 36.77 11.41 -0.04
CA ASP D 294 35.63 12.15 0.51
C ASP D 294 34.81 11.31 1.47
N ILE D 295 33.94 11.97 2.24
CA ILE D 295 33.05 11.32 3.19
C ILE D 295 31.61 11.75 2.87
N ARG D 296 30.70 10.79 2.85
CA ARG D 296 29.31 11.04 2.48
C ARG D 296 28.39 10.18 3.34
N GLN D 297 27.13 10.57 3.37
CA GLN D 297 26.12 9.90 4.19
C GLN D 297 25.44 8.80 3.38
N ALA D 298 25.11 7.70 4.05
CA ALA D 298 24.42 6.60 3.39
C ALA D 298 22.96 6.98 3.12
N HIS D 299 22.39 6.41 2.06
CA HIS D 299 21.08 6.80 1.60
C HIS D 299 20.41 5.62 0.90
N CYS D 300 19.09 5.63 0.89
CA CYS D 300 18.32 4.69 0.08
C CYS D 300 17.33 5.48 -0.76
N ASN D 301 17.40 5.29 -2.07
CA ASN D 301 16.46 5.92 -2.99
C ASN D 301 15.19 5.09 -3.12
N VAL D 302 14.07 5.78 -3.34
CA VAL D 302 12.79 5.15 -3.63
C VAL D 302 12.15 5.91 -4.78
N SER D 303 11.62 5.17 -5.75
CA SER D 303 10.95 5.78 -6.89
C SER D 303 9.73 6.57 -6.42
N LYS D 304 9.79 7.90 -6.52
CA LYS D 304 8.73 8.74 -5.98
C LYS D 304 7.42 8.50 -6.70
N ALA D 305 7.44 8.37 -8.02
CA ALA D 305 6.21 8.13 -8.76
C ALA D 305 5.68 6.73 -8.51
N THR D 306 6.56 5.75 -8.37
CA THR D 306 6.13 4.37 -8.14
C THR D 306 5.60 4.20 -6.72
N TRP D 307 6.06 5.00 -5.77
CA TRP D 307 5.56 4.86 -4.40
C TRP D 307 4.19 5.48 -4.22
N ASN D 308 3.89 6.56 -4.94
CA ASN D 308 2.58 7.21 -4.79
C ASN D 308 1.46 6.30 -5.27
N GLU D 309 1.74 5.40 -6.22
CA GLU D 309 0.72 4.46 -6.67
C GLU D 309 0.54 3.31 -5.68
N THR D 310 1.59 2.94 -4.94
CA THR D 310 1.47 1.84 -4.00
C THR D 310 0.73 2.27 -2.74
N LEU D 311 0.99 3.48 -2.25
CA LEU D 311 0.24 4.00 -1.11
C LEU D 311 -1.22 4.26 -1.46
N GLY D 312 -1.53 4.44 -2.75
CA GLY D 312 -2.90 4.62 -3.18
C GLY D 312 -3.66 3.32 -3.29
N LYS D 313 -2.98 2.26 -3.76
CA LYS D 313 -3.64 0.95 -3.83
C LYS D 313 -3.90 0.38 -2.45
N VAL D 314 -3.03 0.67 -1.48
CA VAL D 314 -3.22 0.16 -0.14
C VAL D 314 -4.42 0.84 0.52
N VAL D 315 -4.49 2.17 0.43
CA VAL D 315 -5.57 2.90 1.09
C VAL D 315 -6.91 2.55 0.45
N LYS D 316 -6.89 2.13 -0.82
CA LYS D 316 -8.12 1.75 -1.49
C LYS D 316 -8.71 0.48 -0.89
N GLN D 317 -7.87 -0.53 -0.67
CA GLN D 317 -8.36 -1.79 -0.15
C GLN D 317 -8.50 -1.79 1.37
N LEU D 318 -7.79 -0.89 2.05
CA LEU D 318 -8.09 -0.64 3.46
C LEU D 318 -9.45 0.03 3.62
N ARG D 319 -9.89 0.76 2.60
CA ARG D 319 -11.12 1.56 2.71
C ARG D 319 -12.32 0.68 2.98
N LYS D 320 -12.63 -0.24 2.07
CA LYS D 320 -13.72 -1.17 2.31
C LYS D 320 -13.44 -2.08 3.50
N HIS D 321 -12.18 -2.15 3.94
CA HIS D 321 -11.85 -2.92 5.14
C HIS D 321 -12.04 -2.09 6.41
N PHE D 322 -11.85 -0.77 6.32
CA PHE D 322 -11.83 0.06 7.52
C PHE D 322 -12.86 1.18 7.46
N GLY D 323 -14.11 0.84 7.14
CA GLY D 323 -15.19 1.81 7.17
C GLY D 323 -15.41 2.60 5.91
N ASN D 324 -14.31 3.04 5.25
CA ASN D 324 -14.42 3.80 4.00
C ASN D 324 -15.19 5.10 4.24
N ASN D 325 -14.76 5.84 5.27
CA ASN D 325 -15.45 7.05 5.69
C ASN D 325 -14.54 7.91 6.56
N THR D 326 -13.44 7.33 7.03
CA THR D 326 -12.56 8.00 7.97
C THR D 326 -11.37 8.62 7.24
N ILE D 327 -10.54 9.34 7.99
CA ILE D 327 -9.43 10.11 7.43
C ILE D 327 -8.14 9.34 7.59
N ILE D 328 -7.27 9.45 6.60
CA ILE D 328 -5.96 8.80 6.59
C ILE D 328 -4.95 9.74 7.24
N ARG D 329 -4.20 9.22 8.21
CA ARG D 329 -3.19 9.99 8.93
C ARG D 329 -1.91 9.17 8.96
N PHE D 330 -1.05 9.38 7.97
CA PHE D 330 0.21 8.66 7.86
C PHE D 330 1.31 9.49 8.50
N ALA D 331 1.95 8.94 9.52
CA ALA D 331 2.99 9.62 10.26
C ALA D 331 4.20 8.70 10.40
N ASN D 332 5.29 9.26 10.92
CA ASN D 332 6.48 8.48 11.20
C ASN D 332 6.20 7.49 12.31
N SER D 333 7.06 6.48 12.40
CA SER D 333 6.96 5.48 13.46
C SER D 333 7.07 6.14 14.83
N SER D 334 5.93 6.46 15.44
CA SER D 334 5.93 7.17 16.70
C SER D 334 6.38 6.26 17.84
N GLY D 335 7.29 6.76 18.67
CA GLY D 335 7.83 5.97 19.77
C GLY D 335 8.90 4.99 19.28
N GLY D 336 9.20 4.02 20.13
CA GLY D 336 10.09 2.93 19.76
C GLY D 336 11.57 3.26 19.88
N ASP D 337 12.38 2.35 19.33
CA ASP D 337 13.83 2.48 19.30
C ASP D 337 14.30 2.74 17.87
N LEU D 338 15.48 3.35 17.76
CA LEU D 338 16.01 3.71 16.45
C LEU D 338 16.29 2.49 15.58
N GLU D 339 16.46 1.31 16.18
CA GLU D 339 16.65 0.10 15.39
C GLU D 339 15.34 -0.59 15.05
N VAL D 340 14.29 -0.37 15.85
CA VAL D 340 13.00 -1.00 15.61
C VAL D 340 12.03 -0.08 14.89
N THR D 341 12.34 1.21 14.77
CA THR D 341 11.49 2.14 14.04
C THR D 341 12.05 2.51 12.68
N THR D 342 13.36 2.43 12.50
CA THR D 342 13.96 2.64 11.20
C THR D 342 14.05 1.33 10.45
N HIS D 343 14.07 1.43 9.12
CA HIS D 343 14.13 0.26 8.24
C HIS D 343 15.48 -0.42 8.43
N SER D 344 15.58 -1.24 9.47
CA SER D 344 16.82 -1.95 9.78
C SER D 344 16.94 -3.19 8.91
N PHE D 345 18.14 -3.41 8.38
CA PHE D 345 18.39 -4.59 7.57
C PHE D 345 19.89 -4.75 7.33
N ASN D 346 20.31 -6.01 7.23
CA ASN D 346 21.68 -6.34 6.86
C ASN D 346 21.80 -6.41 5.35
N CYS D 347 22.69 -5.60 4.77
CA CYS D 347 22.93 -5.64 3.34
C CYS D 347 24.41 -5.39 3.05
N GLY D 348 24.98 -6.25 2.21
CA GLY D 348 26.36 -6.09 1.80
C GLY D 348 27.36 -6.26 2.90
N GLY D 349 26.97 -6.91 4.00
CA GLY D 349 27.84 -7.06 5.15
C GLY D 349 27.51 -6.11 6.29
N GLU D 350 27.43 -4.81 5.97
CA GLU D 350 27.10 -3.80 6.97
C GLU D 350 25.60 -3.68 7.14
N PHE D 351 25.20 -3.12 8.29
CA PHE D 351 23.80 -3.10 8.71
C PHE D 351 23.26 -1.69 8.57
N PHE D 352 22.31 -1.53 7.65
CA PHE D 352 21.72 -0.24 7.34
C PHE D 352 20.49 0.01 8.21
N TYR D 353 20.16 1.29 8.39
CA TYR D 353 19.01 1.73 9.20
C TYR D 353 18.45 2.99 8.55
N CYS D 354 17.90 2.82 7.34
CA CYS D 354 17.44 3.97 6.57
C CYS D 354 16.21 4.60 7.21
N ASN D 355 16.19 5.93 7.21
CA ASN D 355 15.16 6.70 7.88
C ASN D 355 13.82 6.51 7.17
N THR D 356 12.86 5.88 7.86
CA THR D 356 11.55 5.62 7.27
C THR D 356 10.69 6.88 7.16
N SER D 357 10.83 7.82 8.10
CA SER D 357 9.91 8.93 8.33
C SER D 357 9.56 9.73 7.08
N GLY D 358 10.32 9.56 6.01
CA GLY D 358 10.13 10.30 4.77
C GLY D 358 9.09 9.70 3.85
N LEU D 359 8.80 8.41 4.00
CA LEU D 359 7.90 7.73 3.07
C LEU D 359 6.43 7.98 3.40
N PHE D 360 6.10 7.96 4.69
CA PHE D 360 4.70 7.95 5.10
C PHE D 360 4.18 9.34 5.38
N ASN D 361 4.83 10.36 4.83
CA ASN D 361 4.35 11.71 5.05
C ASN D 361 3.11 12.02 4.22
N SER D 362 2.86 11.25 3.17
CA SER D 362 1.74 11.51 2.29
C SER D 362 0.42 11.16 2.98
N THR D 363 -0.63 11.89 2.61
CA THR D 363 -1.98 11.67 3.12
C THR D 363 -2.96 11.77 1.98
N TRP D 364 -3.71 10.70 1.73
CA TRP D 364 -4.68 10.62 0.64
C TRP D 364 -6.00 10.12 1.21
N ILE D 365 -7.08 10.86 0.95
CA ILE D 365 -8.41 10.47 1.43
C ILE D 365 -9.48 10.79 0.39
N SER D 366 -10.55 10.00 0.44
CA SER D 366 -11.84 10.23 -0.20
C SER D 366 -11.76 10.99 -1.52
N ASN D 367 -11.26 10.33 -2.57
CA ASN D 367 -11.28 10.88 -3.93
C ASN D 367 -10.67 12.27 -4.03
N SER D 378 16.47 11.57 -14.50
CA SER D 378 15.41 11.70 -15.50
C SER D 378 14.05 11.93 -14.83
N ASN D 379 13.82 11.27 -13.70
CA ASN D 379 12.58 11.41 -12.95
C ASN D 379 12.90 11.51 -11.46
N ASP D 380 12.10 12.30 -10.75
CA ASP D 380 12.36 12.57 -9.35
C ASP D 380 12.07 11.33 -8.49
N SER D 381 12.96 11.07 -7.53
CA SER D 381 12.82 9.93 -6.64
C SER D 381 13.14 10.35 -5.21
N ILE D 382 12.28 9.98 -4.27
CA ILE D 382 12.49 10.34 -2.87
C ILE D 382 13.61 9.49 -2.28
N THR D 383 14.46 10.12 -1.49
CA THR D 383 15.58 9.45 -0.85
C THR D 383 15.48 9.58 0.67
N LEU D 384 16.22 8.73 1.37
CA LEU D 384 16.16 8.64 2.81
C LEU D 384 17.58 8.66 3.40
N PRO D 385 17.83 9.44 4.44
CA PRO D 385 19.15 9.41 5.09
C PRO D 385 19.31 8.14 5.91
N CYS D 386 20.51 7.55 5.84
CA CYS D 386 20.76 6.31 6.55
C CYS D 386 22.11 6.37 7.24
N ARG D 387 22.22 5.67 8.36
CA ARG D 387 23.47 5.48 9.09
C ARG D 387 23.78 3.99 9.21
N ILE D 388 25.06 3.69 9.43
CA ILE D 388 25.54 2.32 9.52
C ILE D 388 25.94 2.03 10.95
N LYS D 389 25.71 0.79 11.38
CA LYS D 389 26.06 0.33 12.71
C LYS D 389 26.84 -0.98 12.59
N GLN D 390 27.88 -1.11 13.40
CA GLN D 390 28.71 -2.32 13.39
C GLN D 390 28.44 -3.24 14.55
N ILE D 391 27.96 -2.71 15.68
CA ILE D 391 27.63 -3.51 16.87
C ILE D 391 26.13 -3.81 16.81
N ILE D 392 25.78 -5.10 16.80
CA ILE D 392 24.37 -5.50 16.71
C ILE D 392 24.18 -6.82 17.43
N ASN D 393 22.94 -7.03 17.92
CA ASN D 393 22.46 -8.29 18.50
C ASN D 393 20.94 -8.29 18.24
N MET D 394 20.58 -8.71 17.02
CA MET D 394 19.24 -8.49 16.50
C MET D 394 18.20 -9.31 17.27
N TRP D 395 16.94 -9.15 16.84
CA TRP D 395 15.75 -9.72 17.46
C TRP D 395 15.79 -9.63 18.99
N GLN D 396 16.39 -8.55 19.51
CA GLN D 396 16.40 -8.24 20.94
C GLN D 396 17.04 -9.36 21.77
N ARG D 397 17.96 -10.09 21.17
CA ARG D 397 18.70 -11.12 21.89
C ARG D 397 19.82 -10.45 22.67
N ILE D 398 19.69 -10.43 24.00
CA ILE D 398 20.66 -9.81 24.88
C ILE D 398 21.74 -10.79 25.34
N GLY D 399 21.74 -12.01 24.84
CA GLY D 399 22.78 -12.95 25.26
C GLY D 399 24.20 -12.61 24.84
N GLN D 400 24.41 -12.49 23.54
CA GLN D 400 25.73 -12.16 23.01
C GLN D 400 25.58 -11.28 21.78
N ALA D 401 26.41 -10.24 21.72
CA ALA D 401 26.43 -9.32 20.59
C ALA D 401 27.60 -9.66 19.65
N MET D 402 27.57 -9.06 18.47
CA MET D 402 28.57 -9.33 17.45
C MET D 402 29.01 -8.04 16.77
N TYR D 403 30.29 -7.98 16.41
CA TYR D 403 30.85 -6.84 15.68
C TYR D 403 30.85 -7.16 14.19
N ALA D 404 30.41 -6.19 13.38
CA ALA D 404 30.38 -6.38 11.94
C ALA D 404 31.62 -5.77 11.32
N PRO D 405 32.51 -6.57 10.73
CA PRO D 405 33.68 -5.99 10.04
C PRO D 405 33.24 -5.13 8.87
N PRO D 406 33.78 -3.92 8.77
CA PRO D 406 33.42 -3.05 7.63
C PRO D 406 33.87 -3.68 6.32
N ILE D 407 32.93 -3.79 5.39
CA ILE D 407 33.24 -4.42 4.10
C ILE D 407 34.05 -3.45 3.27
N GLN D 408 35.30 -3.82 2.98
CA GLN D 408 36.19 -2.94 2.24
C GLN D 408 35.70 -2.77 0.80
N GLY D 409 35.55 -1.52 0.37
CA GLY D 409 35.24 -1.21 -1.01
C GLY D 409 33.87 -0.53 -1.13
N VAL D 410 33.14 -0.93 -2.16
CA VAL D 410 31.86 -0.31 -2.50
C VAL D 410 30.73 -1.21 -2.00
N ILE D 411 29.55 -0.62 -1.85
CA ILE D 411 28.38 -1.32 -1.33
C ILE D 411 27.14 -0.81 -2.06
N ARG D 412 26.29 -1.74 -2.50
CA ARG D 412 24.98 -1.41 -3.06
C ARG D 412 24.02 -2.56 -2.76
N CYS D 413 22.75 -2.23 -2.56
CA CYS D 413 21.75 -3.19 -2.10
C CYS D 413 20.71 -3.54 -3.16
N VAL D 414 20.05 -2.54 -3.73
CA VAL D 414 19.15 -2.72 -4.89
C VAL D 414 18.15 -3.86 -4.82
N SER D 415 17.28 -3.86 -3.83
CA SER D 415 16.35 -4.96 -3.62
C SER D 415 14.92 -4.54 -3.96
N ASN D 416 14.09 -5.54 -4.26
CA ASN D 416 12.65 -5.32 -4.40
C ASN D 416 12.02 -5.23 -3.02
N ILE D 417 11.16 -4.24 -2.81
CA ILE D 417 10.32 -4.19 -1.61
C ILE D 417 8.94 -4.70 -1.97
N THR D 418 8.41 -5.62 -1.16
CA THR D 418 7.15 -6.28 -1.46
C THR D 418 6.17 -6.30 -0.31
N GLY D 419 6.56 -5.80 0.87
CA GLY D 419 5.69 -5.87 2.02
C GLY D 419 5.84 -4.66 2.92
N LEU D 420 4.84 -4.47 3.77
CA LEU D 420 4.83 -3.40 4.75
C LEU D 420 4.31 -3.92 6.08
N ILE D 421 4.85 -3.38 7.16
CA ILE D 421 4.45 -3.75 8.52
C ILE D 421 3.95 -2.49 9.19
N LEU D 422 2.65 -2.46 9.50
CA LEU D 422 2.02 -1.29 10.09
C LEU D 422 1.37 -1.65 11.41
N THR D 423 1.39 -0.72 12.36
CA THR D 423 0.91 -0.97 13.71
C THR D 423 -0.15 0.07 14.07
N ARG D 424 -0.44 0.19 15.37
CA ARG D 424 -1.63 0.85 15.87
C ARG D 424 -1.74 2.31 15.43
N ASP D 425 -2.89 2.91 15.73
CA ASP D 425 -3.12 4.33 15.54
C ASP D 425 -3.87 4.88 16.76
N GLY D 426 -3.29 4.69 17.93
CA GLY D 426 -3.84 5.26 19.16
C GLY D 426 -5.17 4.65 19.56
N GLY D 427 -5.65 5.10 20.71
CA GLY D 427 -6.93 4.66 21.23
C GLY D 427 -8.06 5.63 20.90
N SER D 428 -8.27 5.87 19.61
CA SER D 428 -9.34 6.76 19.18
C SER D 428 -10.70 6.17 19.55
N THR D 429 -11.49 6.94 20.29
CA THR D 429 -12.81 6.51 20.75
C THR D 429 -13.83 6.93 19.71
N ASN D 430 -14.25 5.97 18.87
CA ASN D 430 -15.23 6.20 17.80
C ASN D 430 -14.68 7.31 16.91
N SER D 431 -15.43 8.35 16.62
CA SER D 431 -14.99 9.50 15.79
C SER D 431 -14.52 8.95 14.44
N THR D 432 -13.55 9.61 13.83
CA THR D 432 -12.97 9.16 12.58
C THR D 432 -11.46 9.37 12.68
N THR D 433 -10.82 9.51 11.52
CA THR D 433 -9.40 9.83 11.40
C THR D 433 -8.48 8.79 12.05
N GLU D 434 -7.90 7.90 11.22
CA GLU D 434 -6.88 6.96 11.67
C GLU D 434 -6.23 6.16 10.53
N THR D 435 -4.98 5.75 10.70
CA THR D 435 -4.36 4.80 9.79
C THR D 435 -3.50 3.82 10.57
N PHE D 436 -2.26 3.65 10.14
CA PHE D 436 -1.34 2.67 10.72
C PHE D 436 0.07 3.15 10.40
N ARG D 437 0.82 3.51 11.42
CA ARG D 437 2.22 3.89 11.27
C ARG D 437 3.11 2.66 11.44
N PRO D 438 4.25 2.66 10.75
CA PRO D 438 5.14 1.49 10.71
C PRO D 438 5.85 1.09 11.97
N GLY D 439 5.71 -0.19 12.29
CA GLY D 439 6.39 -0.81 13.40
C GLY D 439 6.59 -2.28 13.06
N GLY D 440 7.76 -2.83 13.34
CA GLY D 440 8.02 -4.23 13.11
C GLY D 440 8.68 -4.66 14.39
N GLY D 441 7.90 -4.72 15.46
CA GLY D 441 8.48 -5.01 16.76
C GLY D 441 8.87 -6.46 16.93
N ASP D 442 8.27 -7.34 16.15
CA ASP D 442 8.53 -8.77 16.21
C ASP D 442 9.18 -9.23 14.91
N MET D 443 10.17 -10.12 15.04
CA MET D 443 10.85 -10.70 13.90
C MET D 443 10.11 -11.89 13.31
N ARG D 444 9.26 -12.57 14.09
CA ARG D 444 8.54 -13.72 13.55
C ARG D 444 7.54 -13.31 12.48
N ASP D 445 6.98 -12.11 12.58
CA ASP D 445 6.00 -11.66 11.60
C ASP D 445 6.62 -11.51 10.22
N ASN D 446 7.93 -11.24 10.16
CA ASN D 446 8.60 -11.08 8.87
C ASN D 446 8.51 -12.36 8.05
N TRP D 447 8.61 -13.51 8.71
CA TRP D 447 8.49 -14.78 7.99
C TRP D 447 7.06 -15.15 7.68
N ARG D 448 6.08 -14.51 8.32
CA ARG D 448 4.68 -14.82 8.04
C ARG D 448 4.25 -14.34 6.67
N SER D 449 4.93 -13.34 6.10
CA SER D 449 4.61 -12.86 4.76
C SER D 449 4.89 -13.89 3.68
N GLU D 450 5.57 -14.98 4.01
CA GLU D 450 5.83 -16.05 3.07
C GLU D 450 5.11 -17.34 3.41
N LEU D 451 4.68 -17.52 4.67
CA LEU D 451 4.07 -18.75 5.14
C LEU D 451 2.61 -18.58 5.54
N TYR D 452 1.92 -17.61 4.93
CA TYR D 452 0.51 -17.40 5.24
C TYR D 452 -0.37 -18.49 4.66
N LYS D 453 0.11 -19.21 3.65
CA LYS D 453 -0.68 -20.20 2.94
C LYS D 453 -0.30 -21.63 3.25
N TYR D 454 0.74 -21.85 4.06
CA TYR D 454 1.25 -23.18 4.30
C TYR D 454 0.79 -23.70 5.67
N LYS D 455 0.45 -24.99 5.72
CA LYS D 455 0.11 -25.68 6.95
C LYS D 455 0.38 -27.16 6.74
N VAL D 456 1.00 -27.80 7.73
CA VAL D 456 1.33 -29.21 7.64
C VAL D 456 0.33 -30.02 8.44
N VAL D 457 0.07 -31.26 7.98
CA VAL D 457 -0.94 -32.12 8.59
C VAL D 457 -0.37 -33.52 8.78
N LYS D 458 -0.88 -34.22 9.80
CA LYS D 458 -0.43 -35.56 10.14
C LYS D 458 -1.25 -36.57 9.35
N ILE D 459 -0.63 -37.15 8.32
CA ILE D 459 -1.32 -38.13 7.48
C ILE D 459 -1.56 -39.41 8.27
N GLU D 460 -2.80 -39.90 8.22
CA GLU D 460 -3.16 -41.17 8.86
C GLU D 460 -3.55 -42.18 7.78
N PRO D 461 -2.66 -43.10 7.41
CA PRO D 461 -2.97 -44.02 6.30
C PRO D 461 -3.95 -45.12 6.66
N LEU D 462 -4.40 -45.19 7.90
CA LEU D 462 -5.32 -46.23 8.36
C LEU D 462 -6.75 -45.70 8.30
N GLY D 463 -7.65 -46.51 7.76
CA GLY D 463 -9.05 -46.18 7.65
C GLY D 463 -9.93 -47.39 7.51
N VAL D 464 -10.86 -47.58 8.45
CA VAL D 464 -11.75 -48.74 8.47
C VAL D 464 -13.10 -48.33 7.89
N ALA D 465 -13.71 -49.24 7.13
CA ALA D 465 -15.03 -49.03 6.54
C ALA D 465 -15.71 -50.38 6.41
N PRO D 466 -17.03 -50.44 6.59
CA PRO D 466 -17.74 -51.70 6.48
C PRO D 466 -18.19 -52.00 5.05
N THR D 467 -18.33 -53.29 4.76
CA THR D 467 -18.87 -53.79 3.50
C THR D 467 -19.08 -55.29 3.61
N ARG D 468 -20.17 -55.78 3.04
CA ARG D 468 -20.36 -57.19 3.13
C ARG D 468 -19.08 -57.61 2.45
N CYS D 469 -18.36 -58.45 3.15
CA CYS D 469 -17.06 -58.92 2.69
C CYS D 469 -16.29 -59.65 3.78
N LYS D 470 -16.07 -60.96 3.60
CA LYS D 470 -15.32 -61.73 4.58
C LYS D 470 -14.38 -62.69 3.86
N ARG D 471 -13.22 -62.96 4.48
CA ARG D 471 -12.26 -63.91 3.94
C ARG D 471 -12.73 -65.33 4.20
N ARG D 472 -11.82 -66.30 4.10
CA ARG D 472 -12.19 -67.68 4.31
C ARG D 472 -12.68 -67.89 5.74
N VAL D 473 -13.55 -68.90 5.91
CA VAL D 473 -14.15 -69.17 7.21
C VAL D 473 -13.10 -69.58 8.23
N VAL D 474 -12.41 -70.70 7.96
CA VAL D 474 -11.43 -71.26 8.88
C VAL D 474 -10.06 -71.25 8.20
N GLY D 475 -9.04 -70.84 8.95
CA GLY D 475 -7.69 -70.81 8.43
C GLY D 475 -6.65 -70.65 9.53
N VAL E 2 30.15 31.38 -18.87
CA VAL E 2 31.39 32.03 -18.45
C VAL E 2 31.18 33.54 -18.42
N GLN E 3 30.69 34.08 -19.52
CA GLN E 3 30.46 35.53 -19.62
C GLN E 3 29.29 35.94 -18.75
N LEU E 4 29.33 37.19 -18.30
CA LEU E 4 28.32 37.73 -17.38
C LEU E 4 28.49 39.24 -17.26
N ARG E 5 27.48 40.00 -17.71
CA ARG E 5 27.58 41.46 -17.73
C ARG E 5 26.25 42.06 -17.32
N GLU E 6 26.32 43.25 -16.70
CA GLU E 6 25.17 43.87 -16.06
C GLU E 6 24.17 44.40 -17.09
N SER E 7 23.13 45.06 -16.57
CA SER E 7 22.14 45.73 -17.39
C SER E 7 21.44 46.77 -16.52
N GLY E 8 20.57 47.56 -17.15
CA GLY E 8 19.82 48.58 -16.44
C GLY E 8 20.47 49.95 -16.56
N PRO E 9 19.72 51.01 -16.18
CA PRO E 9 20.11 52.44 -16.21
C PRO E 9 21.24 52.90 -15.28
N GLY E 10 21.18 52.51 -14.01
CA GLY E 10 22.19 52.78 -13.01
C GLY E 10 22.06 54.12 -12.31
N LEU E 11 20.86 54.70 -12.26
CA LEU E 11 20.64 56.00 -11.64
C LEU E 11 19.18 56.10 -11.25
N VAL E 12 18.91 56.76 -10.12
CA VAL E 12 17.55 56.86 -9.61
C VAL E 12 17.47 57.99 -8.61
N LYS E 13 16.27 58.55 -8.46
CA LYS E 13 15.93 59.47 -7.38
C LYS E 13 15.59 58.67 -6.12
N PRO E 14 15.59 59.32 -4.95
CA PRO E 14 15.44 58.54 -3.70
C PRO E 14 14.06 57.93 -3.51
N SER E 15 13.03 58.40 -4.21
CA SER E 15 11.66 57.99 -3.92
C SER E 15 11.22 56.77 -4.70
N GLU E 16 11.74 56.55 -5.90
CA GLU E 16 11.25 55.51 -6.78
C GLU E 16 12.12 54.26 -6.69
N THR E 17 11.48 53.10 -6.78
CA THR E 17 12.19 51.83 -6.64
C THR E 17 13.10 51.59 -7.85
N LEU E 18 14.32 51.14 -7.58
CA LEU E 18 15.30 50.85 -8.62
C LEU E 18 15.34 49.36 -8.90
N SER E 19 15.53 49.01 -10.18
CA SER E 19 15.54 47.60 -10.58
C SER E 19 16.54 47.40 -11.70
N LEU E 20 17.56 46.58 -11.43
CA LEU E 20 18.60 46.28 -12.41
C LEU E 20 18.73 44.78 -12.58
N SER E 21 19.38 44.37 -13.67
CA SER E 21 19.52 42.96 -13.99
C SER E 21 20.92 42.66 -14.52
N CYS E 22 21.22 41.37 -14.64
CA CYS E 22 22.48 40.90 -15.19
C CYS E 22 22.19 39.71 -16.10
N THR E 23 23.05 39.53 -17.10
CA THR E 23 22.85 38.52 -18.13
C THR E 23 24.04 37.58 -18.18
N VAL E 24 23.80 36.29 -18.00
CA VAL E 24 24.82 35.26 -18.12
C VAL E 24 24.60 34.50 -19.42
N SER E 25 25.71 34.17 -20.09
CA SER E 25 25.65 33.40 -21.32
C SER E 25 26.96 32.65 -21.48
N GLN E 26 26.94 31.68 -22.40
CA GLN E 26 28.09 30.79 -22.64
C GLN E 26 28.54 30.12 -21.35
N ASP E 27 27.61 29.90 -20.43
CA ASP E 27 27.87 29.13 -19.22
C ASP E 27 27.47 27.68 -19.47
N SER E 28 28.33 26.76 -19.08
CA SER E 28 28.07 25.35 -19.34
C SER E 28 26.85 24.87 -18.56
N ARG E 29 26.68 25.36 -17.33
CA ARG E 29 25.56 24.98 -16.49
C ARG E 29 25.18 26.17 -15.62
N PRO E 30 24.13 26.91 -15.98
CA PRO E 30 23.74 28.08 -15.19
C PRO E 30 22.66 27.77 -14.15
N SER E 31 22.00 26.61 -14.29
CA SER E 31 20.83 26.33 -13.46
C SER E 31 21.21 26.03 -12.01
N ASP E 32 22.25 25.22 -11.81
CA ASP E 32 22.55 24.72 -10.46
C ASP E 32 23.29 25.75 -9.62
N HIS E 33 24.06 26.63 -10.24
CA HIS E 33 24.91 27.55 -9.48
C HIS E 33 24.07 28.65 -8.83
N SER E 34 24.29 28.86 -7.53
CA SER E 34 23.59 29.88 -6.76
C SER E 34 24.39 31.17 -6.78
N TRP E 35 23.69 32.31 -6.97
CA TRP E 35 24.37 33.59 -7.17
C TRP E 35 23.80 34.63 -6.22
N THR E 36 24.64 35.62 -5.88
CA THR E 36 24.26 36.70 -4.99
C THR E 36 24.91 38.00 -5.44
N TRP E 37 24.31 39.12 -5.03
CA TRP E 37 24.76 40.45 -5.40
C TRP E 37 25.41 41.15 -4.21
N VAL E 38 26.33 42.07 -4.52
CA VAL E 38 27.06 42.82 -3.51
C VAL E 38 27.11 44.29 -3.92
N ARG E 39 27.29 45.15 -2.93
CA ARG E 39 27.40 46.59 -3.16
C ARG E 39 28.64 47.12 -2.45
N GLN E 40 29.18 48.21 -3.00
CA GLN E 40 30.38 48.85 -2.46
C GLN E 40 30.07 50.31 -2.20
N SER E 41 30.05 50.70 -0.92
CA SER E 41 29.72 52.06 -0.54
C SER E 41 30.79 53.03 -1.04
N PRO E 42 30.47 54.32 -1.14
CA PRO E 42 31.50 55.29 -1.51
C PRO E 42 32.64 55.39 -0.50
N GLY E 43 32.45 54.87 0.71
CA GLY E 43 33.51 54.81 1.69
C GLY E 43 34.31 53.53 1.58
N LYS E 44 34.16 52.84 0.43
CA LYS E 44 34.89 51.60 0.13
C LYS E 44 34.63 50.54 1.21
N ALA E 45 33.37 50.28 1.48
CA ALA E 45 32.94 49.25 2.42
C ALA E 45 32.00 48.30 1.69
N LEU E 46 32.48 47.09 1.42
CA LEU E 46 31.69 46.13 0.67
C LEU E 46 30.56 45.58 1.54
N GLU E 47 29.47 45.18 0.88
CA GLU E 47 28.28 44.69 1.56
C GLU E 47 27.70 43.53 0.77
N TRP E 48 26.79 42.80 1.41
CA TRP E 48 26.22 41.58 0.84
C TRP E 48 24.71 41.74 0.69
N ILE E 49 24.20 41.36 -0.48
CA ILE E 49 22.77 41.13 -0.66
C ILE E 49 22.61 39.64 -0.94
N GLY E 50 21.38 39.16 -1.03
CA GLY E 50 21.11 37.75 -0.84
C GLY E 50 21.30 36.85 -2.05
N ASP E 51 21.33 35.55 -1.76
CA ASP E 51 21.44 34.49 -2.74
C ASP E 51 20.08 34.22 -3.38
N ILE E 52 20.11 33.52 -4.52
CA ILE E 52 18.89 33.05 -5.18
C ILE E 52 19.29 31.94 -6.13
N HIS E 53 18.33 31.07 -6.46
CA HIS E 53 18.62 29.85 -7.19
C HIS E 53 17.47 29.53 -8.15
N TYR E 54 17.80 28.83 -9.24
CA TYR E 54 16.76 28.26 -10.09
C TYR E 54 15.79 27.40 -9.28
N ASN E 55 16.29 26.83 -8.18
CA ASN E 55 15.42 26.17 -7.19
C ASN E 55 14.28 27.08 -6.77
N GLY E 56 14.52 28.38 -6.69
CA GLY E 56 13.55 29.32 -6.21
C GLY E 56 13.74 29.76 -4.77
N ALA E 57 14.99 29.78 -4.28
CA ALA E 57 15.27 30.08 -2.89
C ALA E 57 15.34 31.59 -2.67
N THR E 58 14.65 32.06 -1.64
CA THR E 58 14.62 33.48 -1.29
C THR E 58 15.46 33.69 -0.03
N THR E 59 16.45 34.57 -0.14
CA THR E 59 17.28 34.97 0.99
C THR E 59 17.95 36.28 0.65
N TYR E 60 18.02 37.19 1.62
CA TYR E 60 18.78 38.43 1.46
C TYR E 60 19.45 38.77 2.79
N ASN E 61 20.12 39.91 2.78
CA ASN E 61 20.70 40.44 4.02
C ASN E 61 19.59 40.96 4.92
N PRO E 62 19.53 40.53 6.18
CA PRO E 62 18.41 40.93 7.05
C PRO E 62 18.29 42.43 7.23
N SER E 63 19.38 43.18 7.09
CA SER E 63 19.31 44.62 7.19
C SER E 63 18.65 45.28 5.98
N LEU E 64 18.48 44.55 4.87
CA LEU E 64 17.86 45.10 3.67
C LEU E 64 16.63 44.30 3.23
N ARG E 65 15.99 43.60 4.17
CA ARG E 65 14.87 42.73 3.79
C ARG E 65 13.70 43.54 3.23
N SER E 66 13.38 44.66 3.88
CA SER E 66 12.22 45.43 3.46
C SER E 66 12.40 46.02 2.06
N ARG E 67 13.64 46.27 1.66
CA ARG E 67 13.89 46.94 0.38
C ARG E 67 13.90 45.95 -0.77
N VAL E 68 14.72 44.91 -0.67
CA VAL E 68 15.01 44.05 -1.81
C VAL E 68 13.96 42.97 -1.96
N ARG E 69 13.62 42.65 -3.21
CA ARG E 69 12.78 41.50 -3.54
C ARG E 69 13.23 41.04 -4.92
N ILE E 70 13.93 39.91 -4.97
CA ILE E 70 14.58 39.46 -6.19
C ILE E 70 13.64 38.54 -6.97
N GLU E 71 13.75 38.60 -8.30
CA GLU E 71 12.97 37.74 -9.19
C GLU E 71 13.91 36.87 -10.01
N LEU E 72 13.32 35.94 -10.75
CA LEU E 72 14.10 34.99 -11.55
C LEU E 72 13.32 34.67 -12.82
N ASP E 73 14.05 34.32 -13.87
CA ASP E 73 13.48 33.92 -15.16
C ASP E 73 13.97 32.52 -15.48
N GLN E 74 13.07 31.54 -15.41
CA GLN E 74 13.46 30.15 -15.63
C GLN E 74 13.87 29.91 -17.07
N SER E 75 13.26 30.62 -18.02
CA SER E 75 13.56 30.45 -19.43
C SER E 75 15.00 30.86 -19.73
N ILE E 76 15.24 32.16 -19.79
CA ILE E 76 16.57 32.70 -20.05
C ILE E 76 17.03 33.39 -18.76
N PRO E 77 18.28 33.17 -18.33
CA PRO E 77 18.70 33.75 -17.05
C PRO E 77 18.73 35.27 -17.05
N ARG E 78 17.71 35.86 -16.42
CA ARG E 78 17.64 37.30 -16.17
C ARG E 78 17.72 37.53 -14.67
N PHE E 79 18.67 38.35 -14.25
CA PHE E 79 18.99 38.51 -12.84
C PHE E 79 18.50 39.86 -12.32
N SER E 80 17.17 40.02 -12.32
CA SER E 80 16.55 41.23 -11.82
C SER E 80 16.90 41.45 -10.35
N LEU E 81 16.81 42.71 -9.93
CA LEU E 81 16.98 43.05 -8.53
C LEU E 81 16.08 44.23 -8.20
N LYS E 82 15.81 44.40 -6.91
CA LYS E 82 14.88 45.41 -6.45
C LYS E 82 15.38 46.03 -5.15
N MET E 83 14.97 47.28 -4.92
CA MET E 83 15.26 48.00 -3.68
C MET E 83 14.25 49.13 -3.57
N THR E 84 13.39 49.06 -2.56
CA THR E 84 12.22 49.94 -2.50
C THR E 84 12.38 51.07 -1.49
N SER E 85 12.19 50.76 -0.21
CA SER E 85 12.08 51.80 0.80
C SER E 85 13.39 52.55 1.00
N MET E 86 14.51 51.83 0.98
CA MET E 86 15.81 52.40 1.28
C MET E 86 16.59 52.61 -0.01
N THR E 87 17.13 53.81 -0.19
CA THR E 87 17.82 54.15 -1.43
C THR E 87 19.03 55.05 -1.21
N ALA E 88 18.87 56.12 -0.43
CA ALA E 88 19.90 57.14 -0.35
C ALA E 88 21.09 56.70 0.49
N ALA E 89 22.15 57.51 0.46
CA ALA E 89 23.40 57.29 1.18
C ALA E 89 24.13 56.03 0.75
N ASP E 90 23.47 54.88 0.85
CA ASP E 90 24.08 53.60 0.53
C ASP E 90 24.54 53.52 -0.92
N THR E 91 24.26 54.57 -1.69
CA THR E 91 24.50 54.55 -3.12
C THR E 91 25.99 54.49 -3.44
N GLY E 92 26.37 53.54 -4.28
CA GLY E 92 27.75 53.38 -4.71
C GLY E 92 27.85 52.46 -5.91
N MET E 93 28.91 51.66 -5.97
CA MET E 93 29.12 50.74 -7.09
C MET E 93 28.51 49.39 -6.74
N TYR E 94 27.40 49.04 -7.41
CA TYR E 94 26.78 47.74 -7.27
C TYR E 94 27.36 46.78 -8.30
N TYR E 95 27.55 45.52 -7.89
CA TYR E 95 28.25 44.53 -8.71
C TYR E 95 27.33 43.38 -9.09
N CYS E 96 27.83 42.53 -9.99
CA CYS E 96 27.15 41.33 -10.46
C CYS E 96 28.13 40.17 -10.35
N ALA E 97 27.72 39.10 -9.68
CA ALA E 97 28.65 38.01 -9.36
C ALA E 97 27.92 36.67 -9.32
N ARG E 98 28.70 35.60 -9.23
CA ARG E 98 28.21 34.24 -9.18
C ARG E 98 28.87 33.52 -8.01
N ASN E 99 28.04 32.91 -7.14
CA ASN E 99 28.52 32.20 -5.96
C ASN E 99 28.58 30.71 -6.28
N ALA E 100 29.63 30.32 -6.99
CA ALA E 100 29.77 28.99 -7.55
C ALA E 100 29.50 27.90 -6.52
N ILE E 101 28.98 26.77 -6.99
CA ILE E 101 28.64 25.66 -6.12
C ILE E 101 29.14 24.37 -6.78
N ARG E 102 29.92 23.60 -6.03
CA ARG E 102 30.25 22.23 -6.37
C ARG E 102 29.53 21.32 -5.40
N ILE E 103 29.55 20.02 -5.68
CA ILE E 103 28.82 19.04 -4.90
C ILE E 103 29.78 17.98 -4.38
N TYR E 104 29.61 17.59 -3.12
CA TYR E 104 30.31 16.43 -2.58
C TYR E 104 29.37 15.24 -2.41
N GLY E 105 28.34 15.17 -3.25
CA GLY E 105 27.50 13.98 -3.29
C GLY E 105 26.05 14.17 -3.72
N VAL E 106 25.14 14.03 -2.76
CA VAL E 106 23.71 13.93 -3.03
C VAL E 106 23.03 15.22 -2.54
N VAL E 107 22.35 15.90 -3.47
CA VAL E 107 21.56 17.06 -3.08
C VAL E 107 20.39 16.63 -2.21
N ALA E 108 19.78 17.63 -1.55
CA ALA E 108 18.68 17.43 -0.61
C ALA E 108 19.11 16.58 0.59
N LEU E 109 20.38 16.19 0.62
CA LEU E 109 20.97 15.46 1.74
C LEU E 109 22.02 16.29 2.47
N GLY E 110 22.25 17.53 2.03
CA GLY E 110 23.27 18.36 2.63
C GLY E 110 24.65 18.13 2.08
N GLU E 111 24.76 17.79 0.79
CA GLU E 111 26.03 17.51 0.14
C GLU E 111 26.12 18.40 -1.10
N TRP E 112 26.40 19.68 -0.86
CA TRP E 112 26.52 20.68 -1.91
C TRP E 112 27.32 21.86 -1.37
N PHE E 113 28.62 21.64 -1.14
CA PHE E 113 29.44 22.63 -0.47
C PHE E 113 29.70 23.82 -1.39
N HIS E 114 29.88 25.00 -0.77
CA HIS E 114 29.99 26.24 -1.50
C HIS E 114 31.40 26.43 -2.05
N TYR E 115 31.50 26.65 -3.37
CA TYR E 115 32.77 27.02 -3.97
C TYR E 115 33.10 28.48 -3.72
N GLY E 116 32.10 29.33 -3.63
CA GLY E 116 32.28 30.75 -3.43
C GLY E 116 32.17 31.53 -4.73
N MET E 117 32.37 32.84 -4.60
CA MET E 117 32.33 33.72 -5.77
C MET E 117 33.53 33.42 -6.67
N ASP E 118 33.26 33.14 -7.96
CA ASP E 118 34.31 32.80 -8.90
C ASP E 118 34.25 33.53 -10.23
N VAL E 119 33.12 34.13 -10.60
CA VAL E 119 33.04 34.98 -11.79
C VAL E 119 32.14 36.16 -11.47
N TRP E 120 32.47 37.31 -12.06
CA TRP E 120 31.81 38.57 -11.75
C TRP E 120 31.41 39.26 -13.05
N GLY E 121 30.72 40.40 -12.91
CA GLY E 121 30.23 41.15 -14.04
C GLY E 121 31.17 42.27 -14.46
N GLN E 122 30.72 43.02 -15.47
CA GLN E 122 31.51 44.12 -15.98
C GLN E 122 31.71 45.21 -14.92
N GLY E 123 30.69 45.42 -14.08
CA GLY E 123 30.76 46.45 -13.06
C GLY E 123 29.97 47.69 -13.44
N THR E 124 29.08 48.13 -12.55
CA THR E 124 28.22 49.29 -12.81
C THR E 124 28.15 50.14 -11.55
N ALA E 125 27.82 51.42 -11.73
CA ALA E 125 27.76 52.38 -10.64
C ALA E 125 26.35 52.96 -10.52
N VAL E 126 25.92 53.21 -9.29
CA VAL E 126 24.57 53.69 -9.00
C VAL E 126 24.67 54.70 -7.86
N THR E 127 24.16 55.92 -8.08
CA THR E 127 24.08 56.91 -7.01
C THR E 127 22.75 57.65 -7.10
N VAL E 128 22.33 58.19 -5.95
CA VAL E 128 21.10 58.96 -5.84
C VAL E 128 21.46 60.44 -5.84
N SER E 129 20.76 61.22 -6.66
CA SER E 129 20.98 62.66 -6.76
C SER E 129 19.92 63.27 -7.67
N SER E 130 19.05 64.09 -7.10
CA SER E 130 17.93 64.69 -7.83
C SER E 130 18.44 65.90 -8.61
N ALA E 131 18.88 65.67 -9.85
CA ALA E 131 19.46 66.76 -10.63
C ALA E 131 19.37 66.53 -12.14
N SER E 132 19.33 65.27 -12.56
CA SER E 132 19.32 64.88 -13.98
C SER E 132 20.60 65.30 -14.69
N THR E 133 20.75 64.92 -15.96
CA THR E 133 21.98 65.10 -16.72
C THR E 133 21.72 66.05 -17.88
N LYS E 134 22.52 67.13 -17.96
CA LYS E 134 22.49 68.01 -19.11
C LYS E 134 23.27 67.42 -20.29
N GLY E 135 24.35 66.70 -20.00
CA GLY E 135 25.10 66.01 -21.04
C GLY E 135 26.47 66.60 -21.28
N PRO E 136 27.34 65.82 -21.92
CA PRO E 136 28.67 66.32 -22.27
C PRO E 136 28.73 66.91 -23.66
N SER E 137 29.61 67.91 -23.79
CA SER E 137 29.90 68.53 -25.08
C SER E 137 31.39 68.40 -25.35
N VAL E 138 31.72 68.20 -26.63
CA VAL E 138 33.12 68.00 -27.01
C VAL E 138 33.92 69.26 -26.70
N PHE E 139 35.22 69.07 -26.48
CA PHE E 139 36.12 70.14 -26.09
C PHE E 139 37.57 69.71 -26.27
N PRO E 140 38.25 70.14 -27.33
CA PRO E 140 39.66 69.78 -27.51
C PRO E 140 40.56 70.55 -26.55
N LEU E 141 41.83 70.13 -26.51
CA LEU E 141 42.81 70.72 -25.61
C LEU E 141 43.90 71.52 -26.33
N ALA E 142 44.03 71.38 -27.65
CA ALA E 142 44.94 72.15 -28.48
C ALA E 142 46.39 71.94 -28.05
N PRO E 143 47.07 70.91 -28.57
CA PRO E 143 48.46 70.69 -28.20
C PRO E 143 49.42 71.51 -29.06
N SER E 144 50.65 71.62 -28.56
CA SER E 144 51.76 72.26 -29.26
C SER E 144 52.98 71.36 -29.17
N SER E 145 53.71 71.26 -30.29
CA SER E 145 54.85 70.36 -30.38
C SER E 145 56.08 71.14 -30.83
N LYS E 146 57.23 70.71 -30.33
CA LYS E 146 58.52 71.27 -30.75
C LYS E 146 58.95 70.59 -32.04
N SER E 147 60.20 70.78 -32.44
CA SER E 147 60.60 70.54 -33.82
C SER E 147 60.79 69.06 -34.11
N THR E 148 61.72 68.40 -33.42
CA THR E 148 62.20 67.11 -33.89
C THR E 148 62.58 66.19 -32.74
N SER E 149 62.93 64.95 -33.12
CA SER E 149 63.50 63.93 -32.26
C SER E 149 62.52 63.35 -31.24
N GLY E 150 61.24 63.21 -31.60
CA GLY E 150 60.25 62.72 -30.67
C GLY E 150 60.15 63.57 -29.42
N GLY E 151 59.81 62.92 -28.30
CA GLY E 151 59.77 63.58 -27.01
C GLY E 151 58.36 63.61 -26.44
N THR E 152 58.08 64.69 -25.71
CA THR E 152 56.80 64.81 -25.02
C THR E 152 55.65 64.87 -26.04
N ALA E 153 54.52 64.31 -25.64
CA ALA E 153 53.36 64.24 -26.54
C ALA E 153 52.11 64.09 -25.68
N ALA E 154 51.54 65.23 -25.30
CA ALA E 154 50.28 65.27 -24.56
C ALA E 154 49.20 65.85 -25.47
N LEU E 155 48.13 65.08 -25.67
CA LEU E 155 47.01 65.50 -26.50
C LEU E 155 45.72 65.02 -25.86
N GLY E 156 44.77 65.94 -25.67
CA GLY E 156 43.56 65.63 -24.94
C GLY E 156 42.32 66.13 -25.64
N CYS E 157 41.21 65.46 -25.35
CA CYS E 157 39.87 65.88 -25.75
C CYS E 157 39.01 65.82 -24.49
N LEU E 158 38.85 66.95 -23.82
CA LEU E 158 38.18 66.98 -22.53
C LEU E 158 36.68 67.18 -22.70
N VAL E 159 35.93 66.84 -21.66
CA VAL E 159 34.52 67.17 -21.54
C VAL E 159 34.28 67.70 -20.13
N LYS E 160 33.70 68.89 -20.03
CA LYS E 160 33.55 69.57 -18.75
C LYS E 160 32.27 69.19 -18.02
N ASP E 161 31.20 68.88 -18.75
CA ASP E 161 29.88 68.71 -18.15
C ASP E 161 29.43 67.27 -18.33
N TYR E 162 29.11 66.62 -17.22
CA TYR E 162 28.52 65.29 -17.23
C TYR E 162 27.97 65.05 -15.83
N PHE E 163 26.93 64.23 -15.75
CA PHE E 163 26.36 63.86 -14.46
C PHE E 163 26.48 62.38 -14.09
N PRO E 164 26.67 61.48 -15.08
CA PRO E 164 26.81 60.08 -14.66
C PRO E 164 28.24 59.70 -14.28
N GLU E 165 28.44 59.20 -13.05
CA GLU E 165 29.72 58.65 -12.60
C GLU E 165 30.46 57.87 -13.69
N PRO E 166 29.79 57.02 -14.48
CA PRO E 166 30.49 56.36 -15.59
C PRO E 166 31.00 57.34 -16.63
N VAL E 167 32.24 57.12 -17.06
CA VAL E 167 32.84 57.83 -18.19
C VAL E 167 33.52 56.80 -19.07
N THR E 168 33.13 56.74 -20.33
CA THR E 168 33.70 55.81 -21.30
C THR E 168 34.66 56.56 -22.20
N VAL E 169 35.93 56.18 -22.15
CA VAL E 169 37.01 56.87 -22.86
C VAL E 169 37.49 55.97 -23.99
N SER E 170 37.54 56.52 -25.19
CA SER E 170 38.00 55.77 -26.35
C SER E 170 38.71 56.73 -27.29
N TRP E 171 39.96 56.45 -27.60
CA TRP E 171 40.74 57.24 -28.54
C TRP E 171 40.78 56.52 -29.88
N ASN E 172 40.09 57.08 -30.87
CA ASN E 172 39.88 56.46 -32.17
C ASN E 172 39.19 55.11 -32.04
N SER E 173 38.06 55.12 -31.31
CA SER E 173 37.22 53.93 -31.14
C SER E 173 38.03 52.74 -30.62
N GLY E 174 38.86 53.01 -29.62
CA GLY E 174 39.67 51.97 -29.00
C GLY E 174 40.77 51.43 -29.88
N ALA E 175 41.41 52.30 -30.66
CA ALA E 175 42.45 51.84 -31.57
C ALA E 175 43.80 51.71 -30.86
N LEU E 176 44.12 52.62 -29.94
CA LEU E 176 45.41 52.63 -29.27
C LEU E 176 45.24 52.17 -27.82
N THR E 177 45.93 51.09 -27.48
CA THR E 177 46.02 50.61 -26.11
C THR E 177 47.44 50.71 -25.55
N SER E 178 48.40 51.15 -26.36
CA SER E 178 49.77 51.30 -25.89
C SER E 178 49.84 52.23 -24.68
N GLY E 179 49.21 53.39 -24.79
CA GLY E 179 49.06 54.30 -23.67
C GLY E 179 47.66 54.87 -23.65
N VAL E 180 46.99 54.77 -22.51
CA VAL E 180 45.66 55.34 -22.30
C VAL E 180 45.62 55.91 -20.89
N HIS E 181 44.96 57.06 -20.73
CA HIS E 181 44.90 57.68 -19.43
C HIS E 181 43.61 58.47 -19.24
N THR E 182 43.01 58.31 -18.07
CA THR E 182 41.76 58.96 -17.69
C THR E 182 41.82 59.32 -16.22
N PHE E 183 41.28 60.48 -15.86
CA PHE E 183 41.33 60.96 -14.49
C PHE E 183 39.96 61.43 -14.04
N PRO E 184 39.68 61.40 -12.73
CA PRO E 184 38.39 61.90 -12.23
C PRO E 184 38.42 63.39 -11.94
N ALA E 185 37.39 63.89 -11.25
CA ALA E 185 37.31 65.30 -10.87
C ALA E 185 36.48 65.52 -9.61
N VAL E 186 35.88 66.70 -9.49
CA VAL E 186 35.20 67.11 -8.27
C VAL E 186 33.81 67.64 -8.64
N LEU E 187 33.01 67.90 -7.60
CA LEU E 187 31.60 68.22 -7.77
C LEU E 187 31.33 69.66 -8.19
N GLN E 188 32.28 70.58 -7.94
CA GLN E 188 32.05 72.01 -8.17
C GLN E 188 30.87 72.47 -7.30
N SER E 189 30.20 73.56 -7.68
CA SER E 189 29.04 74.02 -6.93
C SER E 189 27.73 73.47 -7.46
N SER E 190 27.68 73.09 -8.74
CA SER E 190 26.42 72.60 -9.32
C SER E 190 26.21 71.12 -9.03
N GLY E 191 27.29 70.35 -8.97
CA GLY E 191 27.21 68.91 -8.82
C GLY E 191 27.56 68.15 -10.08
N LEU E 192 27.75 68.84 -11.20
CA LEU E 192 28.14 68.20 -12.46
C LEU E 192 29.66 68.16 -12.53
N TYR E 193 30.24 66.98 -12.33
CA TYR E 193 31.69 66.82 -12.31
C TYR E 193 32.27 67.09 -13.71
N SER E 194 33.60 67.10 -13.80
CA SER E 194 34.28 67.56 -15.01
C SER E 194 35.49 66.66 -15.31
N LEU E 195 35.26 65.55 -16.00
CA LEU E 195 36.30 64.56 -16.23
C LEU E 195 36.97 64.78 -17.59
N SER E 196 38.30 64.86 -17.57
CA SER E 196 39.10 65.09 -18.76
C SER E 196 40.19 64.04 -18.87
N SER E 197 40.58 63.73 -20.11
CA SER E 197 41.52 62.64 -20.36
C SER E 197 42.51 63.05 -21.43
N VAL E 198 43.81 62.93 -21.11
CA VAL E 198 44.89 63.14 -22.06
C VAL E 198 45.59 61.80 -22.28
N VAL E 199 45.82 61.48 -23.55
CA VAL E 199 46.43 60.21 -23.94
C VAL E 199 47.87 60.48 -24.39
N THR E 200 48.80 59.65 -23.91
CA THR E 200 50.20 59.73 -24.32
C THR E 200 50.39 58.87 -25.56
N VAL E 201 50.83 59.50 -26.65
CA VAL E 201 50.90 58.84 -27.95
C VAL E 201 52.30 59.03 -28.54
N PRO E 202 52.77 58.13 -29.40
CA PRO E 202 54.05 58.35 -30.09
C PRO E 202 53.92 59.43 -31.16
N SER E 203 54.20 60.68 -30.80
CA SER E 203 54.00 61.81 -31.69
C SER E 203 55.34 62.45 -32.03
N SER E 204 55.68 62.45 -33.32
CA SER E 204 56.75 63.26 -33.87
C SER E 204 56.23 63.99 -35.09
N SER E 205 55.75 63.22 -36.07
CA SER E 205 55.05 63.75 -37.24
C SER E 205 53.81 62.91 -37.46
N LEU E 206 52.64 63.55 -37.43
CA LEU E 206 51.36 62.86 -37.52
C LEU E 206 50.66 63.22 -38.83
N GLY E 207 50.23 62.20 -39.56
CA GLY E 207 49.55 62.40 -40.82
C GLY E 207 48.23 61.66 -40.92
N THR E 208 47.12 62.39 -40.80
CA THR E 208 45.77 61.85 -40.85
C THR E 208 45.56 60.75 -39.80
N GLN E 209 46.37 60.75 -38.75
CA GLN E 209 46.27 59.77 -37.68
C GLN E 209 46.31 60.49 -36.33
N THR E 210 45.59 61.60 -36.22
CA THR E 210 45.60 62.46 -35.05
C THR E 210 44.66 61.99 -33.94
N TYR E 211 43.84 60.97 -34.19
CA TYR E 211 43.02 60.30 -33.19
C TYR E 211 41.85 61.15 -32.70
N ILE E 212 40.72 60.48 -32.41
CA ILE E 212 39.48 61.13 -32.03
C ILE E 212 39.05 60.66 -30.64
N CYS E 213 37.96 61.21 -30.14
CA CYS E 213 37.43 60.85 -28.82
C CYS E 213 35.97 60.41 -28.95
N ASN E 214 35.61 59.39 -28.17
CA ASN E 214 34.24 58.93 -28.07
C ASN E 214 33.77 59.07 -26.63
N VAL E 215 32.49 59.38 -26.44
CA VAL E 215 31.98 59.82 -25.16
C VAL E 215 31.20 58.70 -24.49
N ASN E 216 31.05 58.81 -23.17
CA ASN E 216 30.08 58.03 -22.42
C ASN E 216 28.68 58.56 -22.70
N HIS E 217 28.26 59.57 -21.93
CA HIS E 217 26.96 60.23 -22.11
C HIS E 217 25.81 59.22 -22.01
N LYS E 218 25.97 58.25 -21.11
CA LYS E 218 25.02 57.14 -21.03
C LYS E 218 23.58 57.59 -20.78
N PRO E 219 23.28 58.47 -19.82
CA PRO E 219 21.86 58.81 -19.60
C PRO E 219 21.21 59.52 -20.78
N SER E 220 21.92 60.44 -21.42
CA SER E 220 21.40 61.12 -22.59
C SER E 220 21.79 60.33 -23.84
N ASN E 221 21.60 60.93 -25.01
CA ASN E 221 22.11 60.33 -26.24
C ASN E 221 23.62 60.22 -26.17
N THR E 222 24.13 59.02 -26.36
CA THR E 222 25.50 58.69 -25.98
C THR E 222 26.45 58.58 -27.17
N LYS E 223 26.51 59.60 -28.01
CA LYS E 223 27.36 59.53 -29.21
C LYS E 223 27.75 60.93 -29.65
N VAL E 224 28.99 61.31 -29.36
CA VAL E 224 29.66 62.43 -30.02
C VAL E 224 31.05 61.96 -30.41
N ASP E 225 31.39 62.13 -31.69
CA ASP E 225 32.71 61.75 -32.20
C ASP E 225 33.40 63.02 -32.67
N LYS E 226 34.51 63.37 -32.00
CA LYS E 226 35.22 64.60 -32.29
C LYS E 226 36.71 64.32 -32.44
N ARG E 227 37.32 65.00 -33.40
CA ARG E 227 38.74 64.84 -33.73
C ARG E 227 39.50 66.06 -33.21
N VAL E 228 40.64 65.83 -32.56
CA VAL E 228 41.51 66.93 -32.18
C VAL E 228 42.18 67.51 -33.42
N GLU E 229 42.51 68.80 -33.37
CA GLU E 229 43.09 69.47 -34.51
C GLU E 229 44.45 68.84 -34.85
N PRO E 230 44.79 68.78 -36.15
CA PRO E 230 46.12 68.29 -36.53
C PRO E 230 47.22 69.25 -36.12
N LYS E 231 47.41 69.44 -34.81
CA LYS E 231 48.44 70.32 -34.27
C LYS E 231 49.59 69.46 -33.75
N SER E 232 50.47 69.06 -34.67
CA SER E 232 51.63 68.26 -34.33
C SER E 232 52.70 68.35 -35.42
N GLU F 5 28.84 40.30 13.15
CA GLU F 5 29.74 41.36 13.59
C GLU F 5 31.19 40.91 13.50
N LEU F 6 31.57 40.36 12.35
CA LEU F 6 32.95 39.92 12.17
C LEU F 6 33.89 41.12 12.10
N THR F 7 35.18 40.84 12.27
CA THR F 7 36.20 41.87 12.37
C THR F 7 37.34 41.54 11.42
N GLN F 8 37.54 42.39 10.42
CA GLN F 8 38.71 42.34 9.56
C GLN F 8 39.47 43.64 9.69
N PRO F 9 40.79 43.61 9.89
CA PRO F 9 41.54 44.86 9.98
C PRO F 9 41.53 45.60 8.67
N PRO F 10 41.71 46.92 8.68
CA PRO F 10 41.72 47.60 7.39
C PRO F 10 43.04 48.26 7.01
N SER F 11 43.98 48.31 7.94
CA SER F 11 45.25 49.02 7.69
C SER F 11 46.42 48.24 8.30
N VAL F 12 47.10 47.46 7.46
CA VAL F 12 48.38 46.83 7.79
C VAL F 12 49.27 46.94 6.57
N SER F 13 50.58 46.85 6.81
CA SER F 13 51.57 46.93 5.74
C SER F 13 52.71 45.96 6.06
N VAL F 14 53.51 45.67 5.04
CA VAL F 14 54.67 44.78 5.19
C VAL F 14 55.62 45.08 4.04
N SER F 15 56.89 44.66 4.22
CA SER F 15 57.94 44.86 3.22
C SER F 15 57.78 43.88 2.07
N PRO F 16 58.13 44.29 0.85
CA PRO F 16 58.07 43.37 -0.29
C PRO F 16 59.15 42.30 -0.19
N GLY F 17 58.82 41.11 -0.67
CA GLY F 17 59.72 39.98 -0.55
C GLY F 17 59.74 39.38 0.84
N GLN F 18 58.65 39.51 1.59
CA GLN F 18 58.56 38.96 2.93
C GLN F 18 57.15 38.40 3.15
N THR F 19 57.07 37.39 4.01
CA THR F 19 55.80 36.77 4.31
C THR F 19 54.92 37.71 5.13
N ALA F 20 53.63 37.73 4.83
CA ALA F 20 52.68 38.59 5.54
C ALA F 20 51.70 37.74 6.35
N ARG F 21 50.56 38.34 6.71
CA ARG F 21 49.63 37.74 7.67
C ARG F 21 48.30 38.47 7.66
N ILE F 22 47.24 37.79 7.20
CA ILE F 22 45.90 38.39 7.13
C ILE F 22 44.98 37.60 8.04
N THR F 23 44.23 38.31 8.88
CA THR F 23 43.31 37.69 9.82
C THR F 23 41.89 38.18 9.57
N CYS F 24 40.95 37.46 10.18
CA CYS F 24 39.55 37.88 10.18
C CYS F 24 38.87 37.16 11.33
N SER F 25 38.43 37.92 12.33
CA SER F 25 37.92 37.37 13.58
C SER F 25 36.39 37.44 13.61
N GLY F 26 35.77 36.34 14.00
CA GLY F 26 34.32 36.28 14.12
C GLY F 26 33.84 34.98 14.76
N ALA F 27 32.83 35.07 15.61
CA ALA F 27 32.29 33.91 16.31
C ALA F 27 31.63 32.92 15.35
N PRO F 28 30.81 33.37 14.37
CA PRO F 28 30.25 32.41 13.42
C PRO F 28 31.29 31.84 12.46
N LEU F 29 32.43 31.40 12.98
CA LEU F 29 33.49 30.80 12.17
C LEU F 29 33.49 29.29 12.43
N THR F 30 32.51 28.61 11.85
CA THR F 30 32.44 27.16 11.81
C THR F 30 31.90 26.71 10.46
N SER F 31 30.59 26.83 10.27
CA SER F 31 29.91 26.51 9.02
C SER F 31 30.07 27.60 7.97
N ARG F 32 31.10 28.45 8.09
CA ARG F 32 31.22 29.64 7.26
C ARG F 32 32.36 29.59 6.28
N PHE F 33 33.47 28.92 6.61
CA PHE F 33 34.71 29.02 5.85
C PHE F 33 35.14 30.49 5.79
N THR F 34 35.95 30.86 4.78
CA THR F 34 36.51 32.19 4.69
C THR F 34 36.58 32.65 3.25
N TYR F 35 36.17 33.89 3.02
CA TYR F 35 36.46 34.62 1.79
C TYR F 35 37.48 35.71 2.09
N TRP F 36 38.04 36.28 1.04
CA TRP F 36 38.90 37.45 1.18
C TRP F 36 38.83 38.33 -0.07
N TYR F 37 39.49 37.89 -1.14
CA TYR F 37 39.54 38.57 -2.43
C TYR F 37 40.31 39.89 -2.36
N ARG F 38 40.94 40.28 -3.45
CA ARG F 38 41.72 41.53 -3.53
C ARG F 38 41.17 42.38 -4.67
N GLN F 39 40.41 43.41 -4.34
CA GLN F 39 39.81 44.29 -5.33
C GLN F 39 40.76 45.45 -5.61
N LYS F 40 41.46 45.38 -6.75
CA LYS F 40 42.23 46.52 -7.19
C LYS F 40 41.28 47.68 -7.51
N PRO F 41 41.74 48.92 -7.37
CA PRO F 41 40.82 50.06 -7.43
C PRO F 41 40.05 50.12 -8.75
N GLY F 42 38.73 50.23 -8.63
CA GLY F 42 37.87 50.33 -9.79
C GLY F 42 37.71 49.07 -10.60
N GLN F 43 38.11 47.92 -10.06
CA GLN F 43 38.04 46.65 -10.78
C GLN F 43 37.17 45.67 -9.99
N ALA F 44 37.13 44.43 -10.48
CA ALA F 44 36.31 43.39 -9.86
C ALA F 44 37.19 42.39 -9.12
N PRO F 45 36.76 41.91 -7.95
CA PRO F 45 37.58 40.97 -7.19
C PRO F 45 37.62 39.58 -7.83
N VAL F 46 38.64 38.83 -7.45
CA VAL F 46 38.87 37.49 -7.96
C VAL F 46 39.07 36.53 -6.80
N LEU F 47 39.12 35.23 -7.12
CA LEU F 47 39.25 34.19 -6.11
C LEU F 47 40.57 34.30 -5.35
N ILE F 48 40.49 34.65 -4.07
CA ILE F 48 41.70 34.65 -3.24
C ILE F 48 42.12 33.21 -2.96
N ILE F 49 41.14 32.33 -2.78
CA ILE F 49 41.36 30.94 -2.42
C ILE F 49 40.00 30.27 -2.54
N SER F 50 39.97 29.05 -3.06
CA SER F 50 38.71 28.44 -3.48
C SER F 50 38.63 27.00 -3.04
N ARG F 51 37.45 26.58 -2.61
CA ARG F 51 37.23 25.26 -2.04
C ARG F 51 36.88 24.28 -3.16
N SER F 52 37.76 23.29 -3.39
CA SER F 52 37.54 22.26 -4.40
C SER F 52 37.52 20.86 -3.79
N SER F 53 36.98 20.72 -2.58
CA SER F 53 36.90 19.48 -1.80
C SER F 53 36.49 19.88 -0.40
N GLN F 54 35.99 18.94 0.39
CA GLN F 54 35.60 19.34 1.73
C GLN F 54 36.77 19.36 2.70
N ARG F 55 37.95 18.93 2.27
CA ARG F 55 39.07 18.81 3.19
C ARG F 55 39.83 20.13 3.29
N SER F 56 40.45 20.57 2.20
CA SER F 56 41.35 21.71 2.26
C SER F 56 41.41 22.38 0.89
N SER F 57 42.07 23.54 0.85
CA SER F 57 42.17 24.35 -0.35
C SER F 57 43.33 25.33 -0.29
N GLY F 58 44.54 24.82 -0.06
CA GLY F 58 45.73 25.63 -0.13
C GLY F 58 46.77 25.01 -1.04
N TRP F 59 46.29 24.49 -2.18
CA TRP F 59 47.15 23.68 -3.05
C TRP F 59 48.09 24.55 -3.89
N SER F 60 47.56 25.64 -4.42
CA SER F 60 48.34 26.55 -5.23
C SER F 60 49.44 27.19 -4.38
N GLY F 61 50.60 27.36 -5.00
CA GLY F 61 51.75 27.88 -4.31
C GLY F 61 51.63 29.28 -3.76
N ARG F 62 50.98 30.16 -4.50
CA ARG F 62 50.93 31.54 -4.07
C ARG F 62 50.39 31.75 -2.67
N PHE F 63 49.30 31.09 -2.30
CA PHE F 63 48.69 31.32 -0.98
C PHE F 63 48.33 30.07 -0.19
N SER F 64 48.28 30.22 1.12
CA SER F 64 47.83 29.17 2.01
C SER F 64 47.02 29.77 3.15
N ALA F 65 46.30 28.91 3.87
CA ALA F 65 45.44 29.36 4.95
C ALA F 65 45.59 28.42 6.15
N SER F 66 45.46 29.00 7.33
CA SER F 66 45.48 28.26 8.58
C SER F 66 44.25 28.65 9.39
N TRP F 67 43.88 27.77 10.33
CA TRP F 67 42.67 27.93 11.12
C TRP F 67 43.03 28.00 12.60
N SER F 68 42.47 29.00 13.29
CA SER F 68 42.60 29.13 14.74
C SER F 68 41.20 29.08 15.35
N GLY F 69 41.12 29.28 16.68
CA GLY F 69 39.84 29.19 17.37
C GLY F 69 38.78 30.10 16.79
N THR F 70 39.11 31.38 16.61
CA THR F 70 38.17 32.34 16.03
C THR F 70 38.81 33.08 14.87
N THR F 71 40.00 33.62 15.09
CA THR F 71 40.73 34.30 14.03
C THR F 71 41.17 33.29 12.97
N VAL F 72 41.11 33.70 11.71
CA VAL F 72 41.57 32.89 10.60
C VAL F 72 42.87 33.46 10.10
N THR F 73 43.76 32.57 9.63
CA THR F 73 45.09 32.97 9.20
C THR F 73 45.21 32.77 7.70
N LEU F 74 45.43 33.87 6.98
CA LEU F 74 45.68 33.85 5.54
C LEU F 74 47.17 34.12 5.35
N THR F 75 47.98 33.07 5.45
CA THR F 75 49.37 33.18 5.07
C THR F 75 49.47 33.43 3.57
N ILE F 76 50.60 34.01 3.14
CA ILE F 76 50.80 34.38 1.74
C ILE F 76 52.22 34.02 1.32
N ARG F 77 52.47 34.13 0.01
CA ARG F 77 53.72 33.69 -0.56
C ARG F 77 54.90 34.54 -0.05
N GLY F 78 56.10 34.03 -0.28
CA GLY F 78 57.29 34.72 0.22
C GLY F 78 57.44 36.10 -0.39
N VAL F 79 57.31 36.20 -1.71
CA VAL F 79 57.39 37.49 -2.39
C VAL F 79 56.03 38.17 -2.29
N GLN F 80 56.03 39.39 -1.74
CA GLN F 80 54.83 40.20 -1.66
C GLN F 80 54.87 41.36 -2.65
N ALA F 81 55.67 41.24 -3.70
CA ALA F 81 55.85 42.31 -4.67
C ALA F 81 54.82 42.23 -5.78
N ASP F 82 54.48 43.40 -6.33
CA ASP F 82 53.66 43.57 -7.54
C ASP F 82 52.17 43.35 -7.30
N ASP F 83 51.81 42.52 -6.34
CA ASP F 83 50.41 42.23 -6.03
C ASP F 83 50.03 42.99 -4.76
N GLU F 84 49.28 44.09 -4.92
CA GLU F 84 48.85 44.85 -3.76
C GLU F 84 47.47 45.46 -4.00
N ALA F 85 46.58 45.26 -3.04
CA ALA F 85 45.25 45.84 -3.02
C ALA F 85 44.64 45.49 -1.67
N ASP F 86 43.48 46.07 -1.38
CA ASP F 86 42.80 45.80 -0.10
C ASP F 86 42.13 44.43 -0.15
N TYR F 87 42.32 43.64 0.91
CA TYR F 87 41.82 42.27 1.01
C TYR F 87 40.67 42.24 2.00
N TYR F 88 39.44 42.10 1.49
CA TYR F 88 38.26 42.00 2.35
C TYR F 88 38.19 40.65 3.06
N CYS F 89 36.98 40.25 3.47
CA CYS F 89 36.75 39.00 4.19
C CYS F 89 35.25 38.75 4.38
N GLN F 90 34.77 37.56 4.01
CA GLN F 90 33.34 37.26 4.02
C GLN F 90 33.08 35.84 4.45
N SER F 91 31.96 35.64 5.13
CA SER F 91 31.59 34.33 5.68
C SER F 91 30.08 34.32 5.91
N SER F 92 29.57 33.15 6.28
CA SER F 92 28.14 32.90 6.42
C SER F 92 27.77 32.49 7.83
N ASP F 93 26.56 32.84 8.25
CA ASP F 93 26.09 32.56 9.60
C ASP F 93 25.88 31.05 9.80
N THR F 94 25.62 30.68 11.05
CA THR F 94 25.48 29.26 11.39
C THR F 94 24.24 28.63 10.79
N SER F 95 23.16 29.40 10.64
CA SER F 95 21.92 28.90 10.03
C SER F 95 22.02 28.77 8.51
N ASP F 96 23.24 28.91 7.98
CA ASP F 96 23.52 28.91 6.55
C ASP F 96 22.67 29.94 5.81
N SER F 97 22.23 30.94 6.57
CA SER F 97 21.43 32.02 6.03
C SER F 97 22.15 33.25 6.51
N TYR F 98 22.38 34.16 5.55
CA TYR F 98 23.09 35.42 5.70
C TYR F 98 24.57 35.29 5.30
N LYS F 99 25.18 36.39 4.85
CA LYS F 99 26.61 36.36 4.60
C LYS F 99 27.11 37.60 5.27
N MET F 100 28.00 37.44 6.24
CA MET F 100 28.53 38.61 6.91
C MET F 100 29.65 39.25 6.10
N PHE F 101 29.69 40.59 6.11
CA PHE F 101 30.77 41.37 5.54
C PHE F 101 31.32 42.29 6.62
N GLY F 102 32.64 42.42 6.66
CA GLY F 102 33.23 43.25 7.70
C GLY F 102 34.57 43.86 7.35
N GLY F 103 34.66 44.49 6.17
CA GLY F 103 35.87 45.21 5.80
C GLY F 103 37.03 44.28 5.48
N GLY F 104 38.20 44.91 5.34
CA GLY F 104 39.40 44.19 4.99
C GLY F 104 40.56 45.15 4.80
N THR F 105 41.77 44.60 4.93
CA THR F 105 42.96 45.44 5.06
C THR F 105 43.54 45.82 3.70
N LYS F 106 43.82 47.12 3.54
CA LYS F 106 44.61 47.60 2.42
C LYS F 106 46.09 47.54 2.81
N LEU F 107 46.90 46.93 1.97
CA LEU F 107 48.31 46.73 2.24
C LEU F 107 49.15 47.50 1.23
N THR F 108 50.23 48.12 1.71
CA THR F 108 51.16 48.83 0.87
C THR F 108 52.56 48.24 1.06
N VAL F 109 53.34 48.23 -0.01
CA VAL F 109 54.67 47.67 -0.01
C VAL F 109 55.69 48.79 0.18
N LEU F 110 56.68 48.54 1.04
CA LEU F 110 57.75 49.51 1.25
C LEU F 110 58.71 49.50 0.08
N GLY F 111 59.79 50.27 0.20
CA GLY F 111 60.74 50.39 -0.88
C GLY F 111 60.20 51.08 -2.10
N GLN F 112 59.22 51.98 -1.93
CA GLN F 112 58.63 52.70 -3.04
C GLN F 112 59.54 53.85 -3.48
N PRO F 113 59.51 54.21 -4.76
CA PRO F 113 60.41 55.27 -5.25
C PRO F 113 60.03 56.64 -4.73
N ALA F 114 60.91 57.61 -5.00
CA ALA F 114 60.74 58.97 -4.52
C ALA F 114 59.76 59.74 -5.39
N ALA F 115 58.90 60.53 -4.75
CA ALA F 115 57.80 61.20 -5.45
C ALA F 115 58.33 62.21 -6.46
N ALA F 116 57.70 62.23 -7.63
CA ALA F 116 58.04 63.14 -8.72
C ALA F 116 56.97 63.10 -9.81
N PRO F 117 56.13 64.14 -9.92
CA PRO F 117 55.16 64.19 -11.03
C PRO F 117 55.65 65.05 -12.18
N SER F 118 55.33 64.67 -13.42
CA SER F 118 55.83 65.40 -14.60
C SER F 118 54.85 65.22 -15.77
N VAL F 119 53.69 65.86 -15.67
CA VAL F 119 52.71 65.87 -16.75
C VAL F 119 52.67 67.27 -17.33
N THR F 120 52.30 67.36 -18.59
CA THR F 120 52.25 68.65 -19.27
C THR F 120 50.92 69.34 -18.98
N LEU F 121 50.99 70.58 -18.52
CA LEU F 121 49.80 71.31 -18.10
C LEU F 121 49.10 71.90 -19.31
N PHE F 122 47.83 71.53 -19.50
CA PHE F 122 47.16 71.95 -20.72
C PHE F 122 46.51 73.32 -20.55
N PRO F 123 46.42 74.08 -21.64
CA PRO F 123 45.79 75.40 -21.58
C PRO F 123 44.34 75.34 -22.01
N PRO F 124 43.50 76.25 -21.52
CA PRO F 124 42.14 76.37 -22.05
C PRO F 124 42.14 77.00 -23.44
N SER F 125 42.16 76.18 -24.48
CA SER F 125 42.31 76.69 -25.85
C SER F 125 41.37 75.97 -26.80
N SER F 126 40.86 76.71 -27.79
CA SER F 126 40.03 76.16 -28.89
C SER F 126 38.56 75.75 -28.81
N GLU F 127 37.76 76.31 -27.90
CA GLU F 127 36.35 75.93 -27.81
C GLU F 127 35.57 76.89 -26.93
N GLU F 128 36.15 77.26 -25.78
CA GLU F 128 35.48 78.13 -24.82
C GLU F 128 35.70 79.61 -25.11
N LEU F 129 36.87 79.98 -25.64
CA LEU F 129 37.06 81.33 -26.14
C LEU F 129 36.07 81.64 -27.25
N GLN F 130 35.52 80.60 -27.89
CA GLN F 130 34.39 80.76 -28.79
C GLN F 130 33.07 80.82 -28.02
N ALA F 131 32.98 80.16 -26.87
CA ALA F 131 31.75 80.03 -26.11
C ALA F 131 31.62 81.18 -25.11
N ASN F 132 30.72 81.04 -24.14
CA ASN F 132 30.45 82.13 -23.20
C ASN F 132 31.47 82.18 -22.07
N LYS F 133 31.82 81.03 -21.50
CA LYS F 133 32.68 80.97 -20.34
C LYS F 133 33.96 80.18 -20.63
N ALA F 134 35.05 80.58 -19.99
CA ALA F 134 36.31 79.86 -20.12
C ALA F 134 36.33 78.65 -19.21
N THR F 135 36.85 77.55 -19.72
CA THR F 135 36.98 76.29 -18.97
C THR F 135 38.45 76.10 -18.66
N LEU F 136 38.84 76.41 -17.42
CA LEU F 136 40.24 76.40 -17.04
C LEU F 136 40.72 74.99 -16.73
N VAL F 137 41.93 74.65 -17.20
CA VAL F 137 42.50 73.33 -17.01
C VAL F 137 43.97 73.47 -16.63
N CYS F 138 44.40 72.67 -15.65
CA CYS F 138 45.80 72.47 -15.28
C CYS F 138 45.87 71.10 -14.61
N LEU F 139 45.79 70.06 -15.43
CA LEU F 139 45.70 68.70 -14.92
C LEU F 139 47.10 68.20 -14.55
N ILE F 140 47.28 67.86 -13.28
CA ILE F 140 48.52 67.29 -12.76
C ILE F 140 48.23 65.89 -12.24
N SER F 141 49.09 64.94 -12.57
CA SER F 141 48.84 63.55 -12.17
C SER F 141 50.18 62.85 -11.95
N ASP F 142 50.10 61.56 -11.64
CA ASP F 142 51.26 60.69 -11.47
C ASP F 142 52.13 61.12 -10.30
N PHE F 143 51.49 61.35 -9.15
CA PHE F 143 52.20 61.59 -7.90
C PHE F 143 52.07 60.37 -6.99
N TYR F 144 53.00 60.27 -6.04
CA TYR F 144 53.08 59.10 -5.17
C TYR F 144 53.87 59.41 -3.91
N PRO F 145 53.19 59.76 -2.80
CA PRO F 145 51.74 59.89 -2.70
C PRO F 145 51.23 61.30 -2.95
N GLY F 146 50.07 61.63 -2.39
CA GLY F 146 49.48 62.94 -2.55
C GLY F 146 50.10 64.00 -1.67
N ALA F 147 49.25 64.77 -0.99
CA ALA F 147 49.69 65.85 -0.10
C ALA F 147 50.58 66.84 -0.82
N VAL F 148 50.31 67.07 -2.10
CA VAL F 148 51.07 68.00 -2.93
C VAL F 148 50.18 69.17 -3.30
N THR F 149 50.68 70.38 -3.11
CA THR F 149 49.96 71.57 -3.51
C THR F 149 50.46 72.06 -4.86
N VAL F 150 49.54 72.65 -5.62
CA VAL F 150 49.83 73.10 -6.98
C VAL F 150 50.09 74.60 -7.04
N ALA F 151 49.62 75.36 -6.05
CA ALA F 151 49.96 76.77 -5.88
C ALA F 151 49.59 77.61 -7.10
N TRP F 152 48.32 77.99 -7.19
CA TRP F 152 47.87 78.87 -8.25
C TRP F 152 48.31 80.30 -7.96
N LYS F 153 48.66 81.03 -9.01
CA LYS F 153 49.33 82.32 -8.87
C LYS F 153 48.57 83.42 -9.61
N ALA F 154 48.91 84.66 -9.29
CA ALA F 154 48.37 85.86 -9.94
C ALA F 154 49.24 86.39 -11.07
N ASP F 155 50.57 86.34 -10.92
CA ASP F 155 51.48 86.70 -11.99
C ASP F 155 52.82 85.99 -11.78
N SER F 156 53.37 86.09 -10.56
CA SER F 156 54.59 85.38 -10.20
C SER F 156 54.58 84.98 -8.73
N SER F 157 53.44 85.08 -8.06
CA SER F 157 53.28 84.74 -6.65
C SER F 157 51.89 84.15 -6.45
N PRO F 158 51.74 83.17 -5.56
CA PRO F 158 50.51 82.36 -5.53
C PRO F 158 49.27 83.11 -5.06
N VAL F 159 48.12 82.59 -5.49
CA VAL F 159 46.80 83.03 -5.02
C VAL F 159 45.81 81.89 -5.27
N LYS F 160 45.02 81.57 -4.26
CA LYS F 160 44.11 80.43 -4.36
C LYS F 160 42.93 80.75 -5.26
N ALA F 161 42.32 81.93 -5.07
CA ALA F 161 41.20 82.42 -5.86
C ALA F 161 39.96 81.52 -5.75
N GLY F 162 39.95 80.62 -4.78
CA GLY F 162 38.82 79.70 -4.61
C GLY F 162 38.65 78.57 -5.61
N VAL F 163 39.72 78.18 -6.29
CA VAL F 163 39.67 77.10 -7.29
C VAL F 163 39.51 75.74 -6.63
N GLU F 164 39.02 74.77 -7.39
CA GLU F 164 38.77 73.43 -6.86
C GLU F 164 39.81 72.35 -7.22
N THR F 165 40.35 71.71 -6.20
CA THR F 165 41.31 70.62 -6.36
C THR F 165 40.66 69.32 -5.91
N THR F 166 40.70 68.31 -6.76
CA THR F 166 39.98 67.06 -6.49
C THR F 166 40.87 66.10 -5.70
N THR F 167 40.30 64.95 -5.33
CA THR F 167 40.72 63.89 -4.42
C THR F 167 41.67 62.92 -5.12
N PRO F 168 42.74 62.52 -4.43
CA PRO F 168 43.66 61.53 -5.00
C PRO F 168 43.03 60.16 -5.11
N SER F 169 43.34 59.46 -6.19
CA SER F 169 42.78 58.14 -6.48
C SER F 169 43.82 57.29 -7.19
N LYS F 170 44.10 56.10 -6.64
CA LYS F 170 45.09 55.21 -7.22
C LYS F 170 44.61 54.66 -8.56
N GLN F 171 45.56 54.53 -9.49
CA GLN F 171 45.30 53.95 -10.80
C GLN F 171 46.63 53.43 -11.34
N SER F 172 46.54 52.49 -12.28
CA SER F 172 47.68 51.83 -12.89
C SER F 172 48.46 51.07 -11.80
N ASN F 173 49.69 51.47 -11.53
CA ASN F 173 50.43 50.73 -10.51
C ASN F 173 50.48 51.55 -9.23
N ASN F 174 49.42 51.49 -8.42
CA ASN F 174 49.44 52.15 -7.11
C ASN F 174 49.97 53.58 -7.15
N LYS F 175 49.33 54.45 -7.92
CA LYS F 175 49.88 55.77 -8.13
C LYS F 175 48.59 56.56 -8.14
N TYR F 176 48.51 57.57 -7.29
CA TYR F 176 47.33 58.41 -7.29
C TYR F 176 47.44 59.44 -8.41
N ALA F 177 46.30 59.74 -9.04
CA ALA F 177 46.24 60.72 -10.12
C ALA F 177 44.98 61.57 -9.92
N ALA F 178 45.05 62.47 -8.93
CA ALA F 178 43.89 63.28 -8.57
C ALA F 178 43.50 64.23 -9.70
N SER F 179 44.47 65.05 -10.15
CA SER F 179 44.30 66.21 -11.02
C SER F 179 43.87 67.42 -10.21
N SER F 180 43.89 68.59 -10.85
CA SER F 180 43.48 69.84 -10.23
C SER F 180 42.79 70.69 -11.28
N TYR F 181 41.65 71.27 -10.93
CA TYR F 181 40.81 71.99 -11.88
C TYR F 181 40.57 73.40 -11.38
N LEU F 182 40.78 74.37 -12.28
CA LEU F 182 40.50 75.77 -12.02
C LEU F 182 39.17 76.15 -12.68
N SER F 183 38.51 77.16 -12.12
CA SER F 183 37.22 77.60 -12.63
C SER F 183 37.07 79.09 -12.39
N LEU F 184 37.14 79.88 -13.46
CA LEU F 184 36.89 81.31 -13.43
C LEU F 184 36.36 81.74 -14.79
N THR F 185 36.35 83.05 -15.03
CA THR F 185 35.71 83.70 -16.17
C THR F 185 36.69 83.85 -17.33
N PRO F 186 36.18 84.11 -18.57
CA PRO F 186 37.09 84.23 -19.72
C PRO F 186 37.77 85.59 -19.80
N GLU F 187 37.08 86.63 -19.35
CA GLU F 187 37.70 87.95 -19.30
C GLU F 187 38.98 87.92 -18.48
N GLN F 188 39.01 87.10 -17.42
CA GLN F 188 40.21 86.96 -16.61
C GLN F 188 41.30 86.19 -17.34
N TRP F 189 40.91 85.31 -18.29
CA TRP F 189 41.92 84.58 -19.06
C TRP F 189 42.70 85.52 -19.98
N LYS F 190 42.11 86.64 -20.38
CA LYS F 190 42.75 87.61 -21.25
C LYS F 190 42.73 89.00 -20.61
N SER F 191 43.13 89.07 -19.34
CA SER F 191 43.26 90.35 -18.65
C SER F 191 44.18 90.20 -17.44
N HIS F 192 44.38 88.97 -16.97
CA HIS F 192 45.12 88.72 -15.74
C HIS F 192 46.62 88.60 -16.01
N LYS F 193 47.05 87.46 -16.54
CA LYS F 193 48.46 87.19 -16.74
C LYS F 193 48.60 86.04 -17.72
N SER F 194 49.84 85.79 -18.16
CA SER F 194 50.12 84.68 -19.07
C SER F 194 49.81 83.34 -18.43
N TYR F 195 49.92 83.24 -17.10
CA TYR F 195 49.55 82.07 -16.32
C TYR F 195 50.48 80.88 -16.53
N SER F 196 50.80 80.20 -15.43
CA SER F 196 51.59 78.98 -15.44
C SER F 196 51.51 78.34 -14.06
N CYS F 197 51.11 77.07 -14.01
CA CYS F 197 50.78 76.39 -12.75
C CYS F 197 51.89 75.39 -12.39
N GLN F 198 52.56 75.63 -11.28
CA GLN F 198 53.63 74.76 -10.82
C GLN F 198 53.06 73.67 -9.92
N VAL F 199 53.96 72.88 -9.32
CA VAL F 199 53.61 71.87 -8.33
C VAL F 199 54.71 71.93 -7.28
N THR F 200 54.35 71.62 -6.03
CA THR F 200 55.32 71.60 -4.96
C THR F 200 55.07 70.40 -4.07
N HIS F 201 56.04 69.49 -3.99
CA HIS F 201 56.02 68.39 -3.03
C HIS F 201 57.24 68.48 -2.11
N GLU F 202 58.44 68.19 -2.61
CA GLU F 202 59.65 68.30 -1.82
C GLU F 202 60.85 68.38 -2.77
N GLY F 203 61.84 69.19 -2.39
CA GLY F 203 63.04 69.39 -3.18
C GLY F 203 62.83 69.95 -4.57
N SER F 204 63.15 69.17 -5.59
CA SER F 204 62.97 69.62 -6.96
C SER F 204 61.53 69.44 -7.40
N THR F 205 60.87 70.54 -7.76
CA THR F 205 59.47 70.53 -8.18
C THR F 205 59.33 71.38 -9.43
N VAL F 206 58.81 70.80 -10.51
CA VAL F 206 58.85 71.41 -11.85
C VAL F 206 57.43 71.80 -12.28
N GLU F 207 57.32 72.46 -13.44
CA GLU F 207 56.07 73.06 -13.90
C GLU F 207 56.07 73.12 -15.42
N LYS F 208 54.95 73.58 -15.97
CA LYS F 208 54.83 73.94 -17.38
C LYS F 208 53.86 75.11 -17.50
N THR F 209 53.91 75.78 -18.65
CA THR F 209 53.16 77.01 -18.89
C THR F 209 52.05 76.76 -19.92
N VAL F 210 51.01 77.58 -19.86
CA VAL F 210 49.83 77.39 -20.69
C VAL F 210 49.84 78.28 -21.93
N ALA F 211 50.35 79.52 -21.81
CA ALA F 211 50.54 80.48 -22.90
C ALA F 211 49.24 81.08 -23.41
N PRO F 212 49.27 82.35 -23.83
CA PRO F 212 48.07 83.04 -24.32
C PRO F 212 48.06 83.32 -25.83
N THR F 213 46.95 83.04 -26.50
CA THR F 213 46.83 83.27 -27.95
C THR F 213 47.99 82.64 -28.72
N GLU F 214 48.35 81.41 -28.32
CA GLU F 214 49.58 80.79 -28.79
C GLU F 214 49.38 80.19 -30.18
N CYS F 215 48.37 80.65 -30.89
CA CYS F 215 48.13 80.20 -32.24
C CYS F 215 47.50 81.31 -33.11
#